data_2QBW
# 
_entry.id   2QBW 
# 
_audit_conform.dict_name       mmcif_pdbx.dic 
_audit_conform.dict_version    5.387 
_audit_conform.dict_location   http://mmcif.pdb.org/dictionaries/ascii/mmcif_pdbx.dic 
# 
loop_
_database_2.database_id 
_database_2.database_code 
_database_2.pdbx_database_accession 
_database_2.pdbx_DOI 
PDB   2QBW         pdb_00002qbw 10.2210/pdb2qbw/pdb 
RCSB  RCSB043404   ?            ?                   
WWPDB D_1000043404 ?            ?                   
# 
loop_
_pdbx_audit_revision_history.ordinal 
_pdbx_audit_revision_history.data_content_type 
_pdbx_audit_revision_history.major_revision 
_pdbx_audit_revision_history.minor_revision 
_pdbx_audit_revision_history.revision_date 
1 'Structure model' 1 0 2008-04-22 
2 'Structure model' 1 1 2011-07-13 
3 'Structure model' 1 2 2024-02-21 
# 
_pdbx_audit_revision_details.ordinal             1 
_pdbx_audit_revision_details.revision_ordinal    1 
_pdbx_audit_revision_details.data_content_type   'Structure model' 
_pdbx_audit_revision_details.provider            repository 
_pdbx_audit_revision_details.type                'Initial release' 
_pdbx_audit_revision_details.description         ? 
_pdbx_audit_revision_details.details             ? 
# 
loop_
_pdbx_audit_revision_group.ordinal 
_pdbx_audit_revision_group.revision_ordinal 
_pdbx_audit_revision_group.data_content_type 
_pdbx_audit_revision_group.group 
1 2 'Structure model' 'Version format compliance' 
2 3 'Structure model' 'Data collection'           
3 3 'Structure model' 'Database references'       
# 
loop_
_pdbx_audit_revision_category.ordinal 
_pdbx_audit_revision_category.revision_ordinal 
_pdbx_audit_revision_category.data_content_type 
_pdbx_audit_revision_category.category 
1 3 'Structure model' chem_comp_atom 
2 3 'Structure model' chem_comp_bond 
3 3 'Structure model' database_2     
# 
loop_
_pdbx_audit_revision_item.ordinal 
_pdbx_audit_revision_item.revision_ordinal 
_pdbx_audit_revision_item.data_content_type 
_pdbx_audit_revision_item.item 
1 3 'Structure model' '_database_2.pdbx_DOI'                
2 3 'Structure model' '_database_2.pdbx_database_accession' 
# 
_pdbx_database_status.status_code                     REL 
_pdbx_database_status.entry_id                        2QBW 
_pdbx_database_status.recvd_initial_deposition_date   2007-06-18 
_pdbx_database_status.deposit_site                    RCSB 
_pdbx_database_status.process_site                    RCSB 
_pdbx_database_status.status_code_sf                  REL 
_pdbx_database_status.status_code_mr                  ? 
_pdbx_database_status.SG_entry                        ? 
_pdbx_database_status.pdb_format_compatible           Y 
_pdbx_database_status.status_code_cs                  ? 
_pdbx_database_status.status_code_nmr_data            ? 
_pdbx_database_status.methods_development_category    ? 
# 
loop_
_audit_author.name 
_audit_author.pdbx_ordinal 
'Huang, J.'  1 
'Makabe, K.' 2 
'Koide, A.'  3 
'Koide, S.'  4 
# 
_citation.id                        primary 
_citation.title                     'Design of protein function leaps by directed domain interface evolution.' 
_citation.journal_abbrev            Proc.Natl.Acad.Sci.Usa 
_citation.journal_volume            105 
_citation.page_first                6578 
_citation.page_last                 6583 
_citation.year                      2008 
_citation.journal_id_ASTM           PNASA6 
_citation.country                   US 
_citation.journal_id_ISSN           0027-8424 
_citation.journal_id_CSD            0040 
_citation.book_publisher            ? 
_citation.pdbx_database_id_PubMed   18445649 
_citation.pdbx_database_id_DOI      10.1073/pnas.0801097105 
# 
loop_
_citation_author.citation_id 
_citation_author.name 
_citation_author.ordinal 
_citation_author.identifier_ORCID 
primary 'Huang, J.'  1 ? 
primary 'Koide, A.'  2 ? 
primary 'Makabe, K.' 3 ? 
primary 'Koide, S.'  4 ? 
# 
loop_
_entity.id 
_entity.type 
_entity.src_method 
_entity.pdbx_description 
_entity.formula_weight 
_entity.pdbx_number_of_molecules 
_entity.pdbx_ec 
_entity.pdbx_mutation 
_entity.pdbx_fragment 
_entity.details 
1 polymer man 'PDZ-Fibronectin fusion protein' 20959.143 1   ? ? ? ? 
2 polymer syn Polypeptide                      927.011   1   ? ? ? ? 
3 water   nat water                            18.015    214 ? ? ? ? 
# 
_entity_name_com.entity_id   1 
_entity_name_com.name        'Erbb2-interacting protein, Erbin, Densin-180-like protein' 
# 
loop_
_entity_poly.entity_id 
_entity_poly.type 
_entity_poly.nstd_linkage 
_entity_poly.nstd_monomer 
_entity_poly.pdbx_seq_one_letter_code 
_entity_poly.pdbx_seq_one_letter_code_can 
_entity_poly.pdbx_strand_id 
_entity_poly.pdbx_target_identifier 
1 'polypeptide(L)' no no 
;SPELGFSISGGVGGRGNPFRPDDDGIFVTRVQPEGPASKLLQPGDKIIQANGYSFINIEHGQAVSLLKTFQNTVELIIVR
EVGNGAKQEIRVRVEKDGGSGGVSSVPTNLEVVAATPTSLLISWDASYYGVSYYRITYGETGGNSPVQEFTVPYSSSTAT
ISGLKPGVDYTITVYAYSDYYGSHHYSPISINYRT
;
;SPELGFSISGGVGGRGNPFRPDDDGIFVTRVQPEGPASKLLQPGDKIIQANGYSFINIEHGQAVSLLKTFQNTVELIIVR
EVGNGAKQEIRVRVEKDGGSGGVSSVPTNLEVVAATPTSLLISWDASYYGVSYYRITYGETGGNSPVQEFTVPYSSSTAT
ISGLKPGVDYTITVYAYSDYYGSHHYSPISINYRT
;
A ? 
2 'polypeptide(L)' no no PQPVDSWV PQPVDSWV B ? 
# 
_pdbx_entity_nonpoly.entity_id   3 
_pdbx_entity_nonpoly.name        water 
_pdbx_entity_nonpoly.comp_id     HOH 
# 
loop_
_entity_poly_seq.entity_id 
_entity_poly_seq.num 
_entity_poly_seq.mon_id 
_entity_poly_seq.hetero 
1 1   SER n 
1 2   PRO n 
1 3   GLU n 
1 4   LEU n 
1 5   GLY n 
1 6   PHE n 
1 7   SER n 
1 8   ILE n 
1 9   SER n 
1 10  GLY n 
1 11  GLY n 
1 12  VAL n 
1 13  GLY n 
1 14  GLY n 
1 15  ARG n 
1 16  GLY n 
1 17  ASN n 
1 18  PRO n 
1 19  PHE n 
1 20  ARG n 
1 21  PRO n 
1 22  ASP n 
1 23  ASP n 
1 24  ASP n 
1 25  GLY n 
1 26  ILE n 
1 27  PHE n 
1 28  VAL n 
1 29  THR n 
1 30  ARG n 
1 31  VAL n 
1 32  GLN n 
1 33  PRO n 
1 34  GLU n 
1 35  GLY n 
1 36  PRO n 
1 37  ALA n 
1 38  SER n 
1 39  LYS n 
1 40  LEU n 
1 41  LEU n 
1 42  GLN n 
1 43  PRO n 
1 44  GLY n 
1 45  ASP n 
1 46  LYS n 
1 47  ILE n 
1 48  ILE n 
1 49  GLN n 
1 50  ALA n 
1 51  ASN n 
1 52  GLY n 
1 53  TYR n 
1 54  SER n 
1 55  PHE n 
1 56  ILE n 
1 57  ASN n 
1 58  ILE n 
1 59  GLU n 
1 60  HIS n 
1 61  GLY n 
1 62  GLN n 
1 63  ALA n 
1 64  VAL n 
1 65  SER n 
1 66  LEU n 
1 67  LEU n 
1 68  LYS n 
1 69  THR n 
1 70  PHE n 
1 71  GLN n 
1 72  ASN n 
1 73  THR n 
1 74  VAL n 
1 75  GLU n 
1 76  LEU n 
1 77  ILE n 
1 78  ILE n 
1 79  VAL n 
1 80  ARG n 
1 81  GLU n 
1 82  VAL n 
1 83  GLY n 
1 84  ASN n 
1 85  GLY n 
1 86  ALA n 
1 87  LYS n 
1 88  GLN n 
1 89  GLU n 
1 90  ILE n 
1 91  ARG n 
1 92  VAL n 
1 93  ARG n 
1 94  VAL n 
1 95  GLU n 
1 96  LYS n 
1 97  ASP n 
1 98  GLY n 
1 99  GLY n 
1 100 SER n 
1 101 GLY n 
1 102 GLY n 
1 103 VAL n 
1 104 SER n 
1 105 SER n 
1 106 VAL n 
1 107 PRO n 
1 108 THR n 
1 109 ASN n 
1 110 LEU n 
1 111 GLU n 
1 112 VAL n 
1 113 VAL n 
1 114 ALA n 
1 115 ALA n 
1 116 THR n 
1 117 PRO n 
1 118 THR n 
1 119 SER n 
1 120 LEU n 
1 121 LEU n 
1 122 ILE n 
1 123 SER n 
1 124 TRP n 
1 125 ASP n 
1 126 ALA n 
1 127 SER n 
1 128 TYR n 
1 129 TYR n 
1 130 GLY n 
1 131 VAL n 
1 132 SER n 
1 133 TYR n 
1 134 TYR n 
1 135 ARG n 
1 136 ILE n 
1 137 THR n 
1 138 TYR n 
1 139 GLY n 
1 140 GLU n 
1 141 THR n 
1 142 GLY n 
1 143 GLY n 
1 144 ASN n 
1 145 SER n 
1 146 PRO n 
1 147 VAL n 
1 148 GLN n 
1 149 GLU n 
1 150 PHE n 
1 151 THR n 
1 152 VAL n 
1 153 PRO n 
1 154 TYR n 
1 155 SER n 
1 156 SER n 
1 157 SER n 
1 158 THR n 
1 159 ALA n 
1 160 THR n 
1 161 ILE n 
1 162 SER n 
1 163 GLY n 
1 164 LEU n 
1 165 LYS n 
1 166 PRO n 
1 167 GLY n 
1 168 VAL n 
1 169 ASP n 
1 170 TYR n 
1 171 THR n 
1 172 ILE n 
1 173 THR n 
1 174 VAL n 
1 175 TYR n 
1 176 ALA n 
1 177 TYR n 
1 178 SER n 
1 179 ASP n 
1 180 TYR n 
1 181 TYR n 
1 182 GLY n 
1 183 SER n 
1 184 HIS n 
1 185 HIS n 
1 186 TYR n 
1 187 SER n 
1 188 PRO n 
1 189 ILE n 
1 190 SER n 
1 191 ILE n 
1 192 ASN n 
1 193 TYR n 
1 194 ARG n 
1 195 THR n 
2 1   PRO n 
2 2   GLN n 
2 3   PRO n 
2 4   VAL n 
2 5   ASP n 
2 6   SER n 
2 7   TRP n 
2 8   VAL n 
# 
_entity_src_gen.entity_id                          1 
_entity_src_gen.pdbx_src_id                        1 
_entity_src_gen.pdbx_alt_source_flag               sample 
_entity_src_gen.pdbx_seq_type                      ? 
_entity_src_gen.pdbx_beg_seq_num                   ? 
_entity_src_gen.pdbx_end_seq_num                   ? 
_entity_src_gen.gene_src_common_name               human 
_entity_src_gen.gene_src_genus                     Homo 
_entity_src_gen.pdbx_gene_src_gene                 ERBB2IP 
_entity_src_gen.gene_src_species                   ? 
_entity_src_gen.gene_src_strain                    ? 
_entity_src_gen.gene_src_tissue                    ? 
_entity_src_gen.gene_src_tissue_fraction           ? 
_entity_src_gen.gene_src_details                   ? 
_entity_src_gen.pdbx_gene_src_fragment             ? 
_entity_src_gen.pdbx_gene_src_scientific_name      'Homo sapiens' 
_entity_src_gen.pdbx_gene_src_ncbi_taxonomy_id     9606 
_entity_src_gen.pdbx_gene_src_variant              ? 
_entity_src_gen.pdbx_gene_src_cell_line            ? 
_entity_src_gen.pdbx_gene_src_atcc                 ? 
_entity_src_gen.pdbx_gene_src_organ                ? 
_entity_src_gen.pdbx_gene_src_organelle            ? 
_entity_src_gen.pdbx_gene_src_cell                 ? 
_entity_src_gen.pdbx_gene_src_cellular_location    ? 
_entity_src_gen.host_org_common_name               ? 
_entity_src_gen.pdbx_host_org_scientific_name      'Escherichia coli BL21(DE3)' 
_entity_src_gen.pdbx_host_org_ncbi_taxonomy_id     469008 
_entity_src_gen.host_org_genus                     Escherichia 
_entity_src_gen.pdbx_host_org_gene                 ? 
_entity_src_gen.pdbx_host_org_organ                ? 
_entity_src_gen.host_org_species                   'Escherichia coli' 
_entity_src_gen.pdbx_host_org_tissue               ? 
_entity_src_gen.pdbx_host_org_tissue_fraction      ? 
_entity_src_gen.pdbx_host_org_strain               'BL21(DE3)' 
_entity_src_gen.pdbx_host_org_variant              ? 
_entity_src_gen.pdbx_host_org_cell_line            ? 
_entity_src_gen.pdbx_host_org_atcc                 ? 
_entity_src_gen.pdbx_host_org_culture_collection   ? 
_entity_src_gen.pdbx_host_org_cell                 ? 
_entity_src_gen.pdbx_host_org_organelle            ? 
_entity_src_gen.pdbx_host_org_cellular_location    ? 
_entity_src_gen.pdbx_host_org_vector_type          Plasmid 
_entity_src_gen.pdbx_host_org_vector               ? 
_entity_src_gen.host_org_details                   ? 
_entity_src_gen.expression_system_id               ? 
_entity_src_gen.plasmid_name                       'pET system' 
_entity_src_gen.plasmid_details                    ? 
_entity_src_gen.pdbx_description                   ? 
# 
_pdbx_entity_src_syn.entity_id              2 
_pdbx_entity_src_syn.pdbx_src_id            1 
_pdbx_entity_src_syn.pdbx_alt_source_flag   sample 
_pdbx_entity_src_syn.pdbx_beg_seq_num       ? 
_pdbx_entity_src_syn.pdbx_end_seq_num       ? 
_pdbx_entity_src_syn.organism_scientific    ? 
_pdbx_entity_src_syn.organism_common_name   ? 
_pdbx_entity_src_syn.ncbi_taxonomy_id       ? 
_pdbx_entity_src_syn.details                'Chemically synthesized' 
# 
loop_
_chem_comp.id 
_chem_comp.type 
_chem_comp.mon_nstd_flag 
_chem_comp.name 
_chem_comp.pdbx_synonyms 
_chem_comp.formula 
_chem_comp.formula_weight 
ALA 'L-peptide linking' y ALANINE         ? 'C3 H7 N O2'     89.093  
ARG 'L-peptide linking' y ARGININE        ? 'C6 H15 N4 O2 1' 175.209 
ASN 'L-peptide linking' y ASPARAGINE      ? 'C4 H8 N2 O3'    132.118 
ASP 'L-peptide linking' y 'ASPARTIC ACID' ? 'C4 H7 N O4'     133.103 
GLN 'L-peptide linking' y GLUTAMINE       ? 'C5 H10 N2 O3'   146.144 
GLU 'L-peptide linking' y 'GLUTAMIC ACID' ? 'C5 H9 N O4'     147.129 
GLY 'peptide linking'   y GLYCINE         ? 'C2 H5 N O2'     75.067  
HIS 'L-peptide linking' y HISTIDINE       ? 'C6 H10 N3 O2 1' 156.162 
HOH non-polymer         . WATER           ? 'H2 O'           18.015  
ILE 'L-peptide linking' y ISOLEUCINE      ? 'C6 H13 N O2'    131.173 
LEU 'L-peptide linking' y LEUCINE         ? 'C6 H13 N O2'    131.173 
LYS 'L-peptide linking' y LYSINE          ? 'C6 H15 N2 O2 1' 147.195 
PHE 'L-peptide linking' y PHENYLALANINE   ? 'C9 H11 N O2'    165.189 
PRO 'L-peptide linking' y PROLINE         ? 'C5 H9 N O2'     115.130 
SER 'L-peptide linking' y SERINE          ? 'C3 H7 N O3'     105.093 
THR 'L-peptide linking' y THREONINE       ? 'C4 H9 N O3'     119.119 
TRP 'L-peptide linking' y TRYPTOPHAN      ? 'C11 H12 N2 O2'  204.225 
TYR 'L-peptide linking' y TYROSINE        ? 'C9 H11 N O3'    181.189 
VAL 'L-peptide linking' y VALINE          ? 'C5 H11 N O2'    117.146 
# 
loop_
_pdbx_poly_seq_scheme.asym_id 
_pdbx_poly_seq_scheme.entity_id 
_pdbx_poly_seq_scheme.seq_id 
_pdbx_poly_seq_scheme.mon_id 
_pdbx_poly_seq_scheme.ndb_seq_num 
_pdbx_poly_seq_scheme.pdb_seq_num 
_pdbx_poly_seq_scheme.auth_seq_num 
_pdbx_poly_seq_scheme.pdb_mon_id 
_pdbx_poly_seq_scheme.auth_mon_id 
_pdbx_poly_seq_scheme.pdb_strand_id 
_pdbx_poly_seq_scheme.pdb_ins_code 
_pdbx_poly_seq_scheme.hetero 
A 1 1   SER 1   1   1   SER SER A . n 
A 1 2   PRO 2   2   2   PRO PRO A . n 
A 1 3   GLU 3   3   3   GLU GLU A . n 
A 1 4   LEU 4   4   4   LEU LEU A . n 
A 1 5   GLY 5   5   5   GLY GLY A . n 
A 1 6   PHE 6   6   6   PHE PHE A . n 
A 1 7   SER 7   7   7   SER SER A . n 
A 1 8   ILE 8   8   8   ILE ILE A . n 
A 1 9   SER 9   9   9   SER SER A . n 
A 1 10  GLY 10  10  10  GLY GLY A . n 
A 1 11  GLY 11  11  11  GLY GLY A . n 
A 1 12  VAL 12  12  12  VAL VAL A . n 
A 1 13  GLY 13  13  13  GLY GLY A . n 
A 1 14  GLY 14  14  14  GLY GLY A . n 
A 1 15  ARG 15  15  15  ARG ARG A . n 
A 1 16  GLY 16  16  16  GLY GLY A . n 
A 1 17  ASN 17  17  17  ASN ASN A . n 
A 1 18  PRO 18  18  18  PRO PRO A . n 
A 1 19  PHE 19  19  19  PHE PHE A . n 
A 1 20  ARG 20  20  20  ARG ARG A . n 
A 1 21  PRO 21  21  21  PRO PRO A . n 
A 1 22  ASP 22  22  22  ASP ASP A . n 
A 1 23  ASP 23  23  23  ASP ASP A . n 
A 1 24  ASP 24  24  24  ASP ASP A . n 
A 1 25  GLY 25  25  25  GLY GLY A . n 
A 1 26  ILE 26  26  26  ILE ILE A . n 
A 1 27  PHE 27  27  27  PHE PHE A . n 
A 1 28  VAL 28  28  28  VAL VAL A . n 
A 1 29  THR 29  29  29  THR THR A . n 
A 1 30  ARG 30  30  30  ARG ARG A . n 
A 1 31  VAL 31  31  31  VAL VAL A . n 
A 1 32  GLN 32  32  32  GLN GLN A . n 
A 1 33  PRO 33  33  33  PRO PRO A . n 
A 1 34  GLU 34  34  34  GLU GLU A . n 
A 1 35  GLY 35  35  35  GLY GLY A . n 
A 1 36  PRO 36  36  36  PRO PRO A . n 
A 1 37  ALA 37  37  37  ALA ALA A . n 
A 1 38  SER 38  38  38  SER SER A . n 
A 1 39  LYS 39  39  39  LYS LYS A . n 
A 1 40  LEU 40  40  40  LEU LEU A . n 
A 1 41  LEU 41  41  41  LEU LEU A . n 
A 1 42  GLN 42  42  42  GLN GLN A . n 
A 1 43  PRO 43  43  43  PRO PRO A . n 
A 1 44  GLY 44  44  44  GLY GLY A . n 
A 1 45  ASP 45  45  45  ASP ASP A . n 
A 1 46  LYS 46  46  46  LYS LYS A . n 
A 1 47  ILE 47  47  47  ILE ILE A . n 
A 1 48  ILE 48  48  48  ILE ILE A . n 
A 1 49  GLN 49  49  49  GLN GLN A . n 
A 1 50  ALA 50  50  50  ALA ALA A . n 
A 1 51  ASN 51  51  51  ASN ASN A . n 
A 1 52  GLY 52  52  52  GLY GLY A . n 
A 1 53  TYR 53  53  53  TYR TYR A . n 
A 1 54  SER 54  54  54  SER SER A . n 
A 1 55  PHE 55  55  55  PHE PHE A . n 
A 1 56  ILE 56  56  56  ILE ILE A . n 
A 1 57  ASN 57  57  57  ASN ASN A . n 
A 1 58  ILE 58  58  58  ILE ILE A . n 
A 1 59  GLU 59  59  59  GLU GLU A . n 
A 1 60  HIS 60  60  60  HIS HIS A . n 
A 1 61  GLY 61  61  61  GLY GLY A . n 
A 1 62  GLN 62  62  62  GLN GLN A . n 
A 1 63  ALA 63  63  63  ALA ALA A . n 
A 1 64  VAL 64  64  64  VAL VAL A . n 
A 1 65  SER 65  65  65  SER SER A . n 
A 1 66  LEU 66  66  66  LEU LEU A . n 
A 1 67  LEU 67  67  67  LEU LEU A . n 
A 1 68  LYS 68  68  68  LYS LYS A . n 
A 1 69  THR 69  69  69  THR THR A . n 
A 1 70  PHE 70  70  70  PHE PHE A . n 
A 1 71  GLN 71  71  71  GLN GLN A . n 
A 1 72  ASN 72  72  72  ASN ASN A . n 
A 1 73  THR 73  73  73  THR THR A . n 
A 1 74  VAL 74  74  74  VAL VAL A . n 
A 1 75  GLU 75  75  75  GLU GLU A . n 
A 1 76  LEU 76  76  76  LEU LEU A . n 
A 1 77  ILE 77  77  77  ILE ILE A . n 
A 1 78  ILE 78  78  78  ILE ILE A . n 
A 1 79  VAL 79  79  79  VAL VAL A . n 
A 1 80  ARG 80  80  80  ARG ARG A . n 
A 1 81  GLU 81  81  81  GLU GLU A . n 
A 1 82  VAL 82  82  82  VAL VAL A . n 
A 1 83  GLY 83  83  83  GLY GLY A . n 
A 1 84  ASN 84  84  84  ASN ASN A . n 
A 1 85  GLY 85  85  85  GLY GLY A . n 
A 1 86  ALA 86  86  86  ALA ALA A . n 
A 1 87  LYS 87  87  87  LYS LYS A . n 
A 1 88  GLN 88  88  88  GLN GLN A . n 
A 1 89  GLU 89  89  89  GLU GLU A . n 
A 1 90  ILE 90  90  90  ILE ILE A . n 
A 1 91  ARG 91  91  91  ARG ARG A . n 
A 1 92  VAL 92  92  92  VAL VAL A . n 
A 1 93  ARG 93  93  93  ARG ARG A . n 
A 1 94  VAL 94  94  94  VAL VAL A . n 
A 1 95  GLU 95  95  95  GLU GLU A . n 
A 1 96  LYS 96  96  96  LYS LYS A . n 
A 1 97  ASP 97  97  97  ASP ASP A . n 
A 1 98  GLY 98  98  ?   ?   ?   A . n 
A 1 99  GLY 99  99  ?   ?   ?   A . n 
A 1 100 SER 100 100 ?   ?   ?   A . n 
A 1 101 GLY 101 101 ?   ?   ?   A . n 
A 1 102 GLY 102 102 ?   ?   ?   A . n 
A 1 103 VAL 103 103 ?   ?   ?   A . n 
A 1 104 SER 104 104 104 SER SER A . n 
A 1 105 SER 105 105 105 SER SER A . n 
A 1 106 VAL 106 106 106 VAL VAL A . n 
A 1 107 PRO 107 107 107 PRO PRO A . n 
A 1 108 THR 108 108 108 THR THR A . n 
A 1 109 ASN 109 109 109 ASN ASN A . n 
A 1 110 LEU 110 110 110 LEU LEU A . n 
A 1 111 GLU 111 111 111 GLU GLU A . n 
A 1 112 VAL 112 112 112 VAL VAL A . n 
A 1 113 VAL 113 113 113 VAL VAL A . n 
A 1 114 ALA 114 114 114 ALA ALA A . n 
A 1 115 ALA 115 115 115 ALA ALA A . n 
A 1 116 THR 116 116 116 THR THR A . n 
A 1 117 PRO 117 117 117 PRO PRO A . n 
A 1 118 THR 118 118 118 THR THR A . n 
A 1 119 SER 119 119 119 SER SER A . n 
A 1 120 LEU 120 120 120 LEU LEU A . n 
A 1 121 LEU 121 121 121 LEU LEU A . n 
A 1 122 ILE 122 122 122 ILE ILE A . n 
A 1 123 SER 123 123 123 SER SER A . n 
A 1 124 TRP 124 124 124 TRP TRP A . n 
A 1 125 ASP 125 125 125 ASP ASP A . n 
A 1 126 ALA 126 126 126 ALA ALA A . n 
A 1 127 SER 127 127 127 SER SER A . n 
A 1 128 TYR 128 128 128 TYR TYR A . n 
A 1 129 TYR 129 129 129 TYR TYR A . n 
A 1 130 GLY 130 130 130 GLY GLY A . n 
A 1 131 VAL 131 131 131 VAL VAL A . n 
A 1 132 SER 132 132 132 SER SER A . n 
A 1 133 TYR 133 133 133 TYR TYR A . n 
A 1 134 TYR 134 134 134 TYR TYR A . n 
A 1 135 ARG 135 135 135 ARG ARG A . n 
A 1 136 ILE 136 136 136 ILE ILE A . n 
A 1 137 THR 137 137 137 THR THR A . n 
A 1 138 TYR 138 138 138 TYR TYR A . n 
A 1 139 GLY 139 139 139 GLY GLY A . n 
A 1 140 GLU 140 140 140 GLU GLU A . n 
A 1 141 THR 141 141 141 THR THR A . n 
A 1 142 GLY 142 142 142 GLY GLY A . n 
A 1 143 GLY 143 143 143 GLY GLY A . n 
A 1 144 ASN 144 144 144 ASN ASN A . n 
A 1 145 SER 145 145 145 SER SER A . n 
A 1 146 PRO 146 146 146 PRO PRO A . n 
A 1 147 VAL 147 147 147 VAL VAL A . n 
A 1 148 GLN 148 148 148 GLN GLN A . n 
A 1 149 GLU 149 149 149 GLU GLU A . n 
A 1 150 PHE 150 150 150 PHE PHE A . n 
A 1 151 THR 151 151 151 THR THR A . n 
A 1 152 VAL 152 152 152 VAL VAL A . n 
A 1 153 PRO 153 153 153 PRO PRO A . n 
A 1 154 TYR 154 154 154 TYR TYR A . n 
A 1 155 SER 155 155 155 SER SER A . n 
A 1 156 SER 156 156 156 SER SER A . n 
A 1 157 SER 157 157 157 SER SER A . n 
A 1 158 THR 158 158 158 THR THR A . n 
A 1 159 ALA 159 159 159 ALA ALA A . n 
A 1 160 THR 160 160 160 THR THR A . n 
A 1 161 ILE 161 161 161 ILE ILE A . n 
A 1 162 SER 162 162 162 SER SER A . n 
A 1 163 GLY 163 163 163 GLY GLY A . n 
A 1 164 LEU 164 164 164 LEU LEU A . n 
A 1 165 LYS 165 165 165 LYS LYS A . n 
A 1 166 PRO 166 166 166 PRO PRO A . n 
A 1 167 GLY 167 167 167 GLY GLY A . n 
A 1 168 VAL 168 168 168 VAL VAL A . n 
A 1 169 ASP 169 169 169 ASP ASP A . n 
A 1 170 TYR 170 170 170 TYR TYR A . n 
A 1 171 THR 171 171 171 THR THR A . n 
A 1 172 ILE 172 172 172 ILE ILE A . n 
A 1 173 THR 173 173 173 THR THR A . n 
A 1 174 VAL 174 174 174 VAL VAL A . n 
A 1 175 TYR 175 175 175 TYR TYR A . n 
A 1 176 ALA 176 176 176 ALA ALA A . n 
A 1 177 TYR 177 177 177 TYR TYR A . n 
A 1 178 SER 178 178 178 SER SER A . n 
A 1 179 ASP 179 179 179 ASP ASP A . n 
A 1 180 TYR 180 180 180 TYR TYR A . n 
A 1 181 TYR 181 181 181 TYR TYR A . n 
A 1 182 GLY 182 182 182 GLY GLY A . n 
A 1 183 SER 183 183 183 SER SER A . n 
A 1 184 HIS 184 184 184 HIS HIS A . n 
A 1 185 HIS 185 185 185 HIS HIS A . n 
A 1 186 TYR 186 186 186 TYR TYR A . n 
A 1 187 SER 187 187 187 SER SER A . n 
A 1 188 PRO 188 188 188 PRO PRO A . n 
A 1 189 ILE 189 189 189 ILE ILE A . n 
A 1 190 SER 190 190 190 SER SER A . n 
A 1 191 ILE 191 191 191 ILE ILE A . n 
A 1 192 ASN 192 192 192 ASN ASN A . n 
A 1 193 TYR 193 193 193 TYR TYR A . n 
A 1 194 ARG 194 194 194 ARG ARG A . n 
A 1 195 THR 195 195 195 THR THR A . n 
B 2 1   PRO 1   6   6   PRO PRO B . n 
B 2 2   GLN 2   7   7   GLN GLN B . n 
B 2 3   PRO 3   8   8   PRO PRO B . n 
B 2 4   VAL 4   9   9   VAL VAL B . n 
B 2 5   ASP 5   10  10  ASP ASP B . n 
B 2 6   SER 6   11  11  SER SER B . n 
B 2 7   TRP 7   12  12  TRP TRP B . n 
B 2 8   VAL 8   13  13  VAL VAL B . n 
# 
loop_
_pdbx_nonpoly_scheme.asym_id 
_pdbx_nonpoly_scheme.entity_id 
_pdbx_nonpoly_scheme.mon_id 
_pdbx_nonpoly_scheme.ndb_seq_num 
_pdbx_nonpoly_scheme.pdb_seq_num 
_pdbx_nonpoly_scheme.auth_seq_num 
_pdbx_nonpoly_scheme.pdb_mon_id 
_pdbx_nonpoly_scheme.auth_mon_id 
_pdbx_nonpoly_scheme.pdb_strand_id 
_pdbx_nonpoly_scheme.pdb_ins_code 
C 3 HOH 1   196 1   HOH HOH A . 
C 3 HOH 2   197 2   HOH HOH A . 
C 3 HOH 3   198 4   HOH HOH A . 
C 3 HOH 4   199 5   HOH HOH A . 
C 3 HOH 5   200 6   HOH HOH A . 
C 3 HOH 6   201 7   HOH HOH A . 
C 3 HOH 7   202 9   HOH HOH A . 
C 3 HOH 8   203 10  HOH HOH A . 
C 3 HOH 9   204 11  HOH HOH A . 
C 3 HOH 10  205 12  HOH HOH A . 
C 3 HOH 11  206 13  HOH HOH A . 
C 3 HOH 12  207 14  HOH HOH A . 
C 3 HOH 13  208 15  HOH HOH A . 
C 3 HOH 14  209 17  HOH HOH A . 
C 3 HOH 15  210 18  HOH HOH A . 
C 3 HOH 16  211 19  HOH HOH A . 
C 3 HOH 17  212 20  HOH HOH A . 
C 3 HOH 18  213 21  HOH HOH A . 
C 3 HOH 19  214 22  HOH HOH A . 
C 3 HOH 20  215 23  HOH HOH A . 
C 3 HOH 21  216 24  HOH HOH A . 
C 3 HOH 22  217 25  HOH HOH A . 
C 3 HOH 23  218 26  HOH HOH A . 
C 3 HOH 24  219 27  HOH HOH A . 
C 3 HOH 25  220 28  HOH HOH A . 
C 3 HOH 26  221 29  HOH HOH A . 
C 3 HOH 27  222 31  HOH HOH A . 
C 3 HOH 28  223 32  HOH HOH A . 
C 3 HOH 29  224 33  HOH HOH A . 
C 3 HOH 30  225 34  HOH HOH A . 
C 3 HOH 31  226 35  HOH HOH A . 
C 3 HOH 32  227 37  HOH HOH A . 
C 3 HOH 33  228 38  HOH HOH A . 
C 3 HOH 34  229 39  HOH HOH A . 
C 3 HOH 35  230 40  HOH HOH A . 
C 3 HOH 36  231 41  HOH HOH A . 
C 3 HOH 37  232 42  HOH HOH A . 
C 3 HOH 38  233 43  HOH HOH A . 
C 3 HOH 39  234 45  HOH HOH A . 
C 3 HOH 40  235 46  HOH HOH A . 
C 3 HOH 41  236 47  HOH HOH A . 
C 3 HOH 42  237 48  HOH HOH A . 
C 3 HOH 43  238 49  HOH HOH A . 
C 3 HOH 44  239 50  HOH HOH A . 
C 3 HOH 45  240 51  HOH HOH A . 
C 3 HOH 46  241 52  HOH HOH A . 
C 3 HOH 47  242 53  HOH HOH A . 
C 3 HOH 48  243 54  HOH HOH A . 
C 3 HOH 49  244 55  HOH HOH A . 
C 3 HOH 50  245 56  HOH HOH A . 
C 3 HOH 51  246 57  HOH HOH A . 
C 3 HOH 52  247 58  HOH HOH A . 
C 3 HOH 53  248 59  HOH HOH A . 
C 3 HOH 54  249 60  HOH HOH A . 
C 3 HOH 55  250 62  HOH HOH A . 
C 3 HOH 56  251 63  HOH HOH A . 
C 3 HOH 57  252 64  HOH HOH A . 
C 3 HOH 58  253 65  HOH HOH A . 
C 3 HOH 59  254 66  HOH HOH A . 
C 3 HOH 60  255 67  HOH HOH A . 
C 3 HOH 61  256 68  HOH HOH A . 
C 3 HOH 62  257 69  HOH HOH A . 
C 3 HOH 63  258 70  HOH HOH A . 
C 3 HOH 64  259 71  HOH HOH A . 
C 3 HOH 65  260 72  HOH HOH A . 
C 3 HOH 66  261 73  HOH HOH A . 
C 3 HOH 67  262 74  HOH HOH A . 
C 3 HOH 68  263 75  HOH HOH A . 
C 3 HOH 69  264 76  HOH HOH A . 
C 3 HOH 70  265 77  HOH HOH A . 
C 3 HOH 71  266 78  HOH HOH A . 
C 3 HOH 72  267 80  HOH HOH A . 
C 3 HOH 73  268 81  HOH HOH A . 
C 3 HOH 74  269 82  HOH HOH A . 
C 3 HOH 75  270 83  HOH HOH A . 
C 3 HOH 76  271 84  HOH HOH A . 
C 3 HOH 77  272 85  HOH HOH A . 
C 3 HOH 78  273 87  HOH HOH A . 
C 3 HOH 79  274 88  HOH HOH A . 
C 3 HOH 80  275 89  HOH HOH A . 
C 3 HOH 81  276 90  HOH HOH A . 
C 3 HOH 82  277 92  HOH HOH A . 
C 3 HOH 83  278 93  HOH HOH A . 
C 3 HOH 84  279 94  HOH HOH A . 
C 3 HOH 85  280 95  HOH HOH A . 
C 3 HOH 86  281 96  HOH HOH A . 
C 3 HOH 87  282 97  HOH HOH A . 
C 3 HOH 88  283 98  HOH HOH A . 
C 3 HOH 89  284 99  HOH HOH A . 
C 3 HOH 90  285 101 HOH HOH A . 
C 3 HOH 91  286 103 HOH HOH A . 
C 3 HOH 92  287 104 HOH HOH A . 
C 3 HOH 93  288 105 HOH HOH A . 
C 3 HOH 94  289 106 HOH HOH A . 
C 3 HOH 95  290 108 HOH HOH A . 
C 3 HOH 96  291 109 HOH HOH A . 
C 3 HOH 97  292 110 HOH HOH A . 
C 3 HOH 98  293 111 HOH HOH A . 
C 3 HOH 99  294 112 HOH HOH A . 
C 3 HOH 100 295 113 HOH HOH A . 
C 3 HOH 101 296 114 HOH HOH A . 
C 3 HOH 102 297 115 HOH HOH A . 
C 3 HOH 103 298 116 HOH HOH A . 
C 3 HOH 104 299 117 HOH HOH A . 
C 3 HOH 105 300 118 HOH HOH A . 
C 3 HOH 106 301 119 HOH HOH A . 
C 3 HOH 107 302 120 HOH HOH A . 
C 3 HOH 108 303 121 HOH HOH A . 
C 3 HOH 109 304 122 HOH HOH A . 
C 3 HOH 110 305 123 HOH HOH A . 
C 3 HOH 111 306 124 HOH HOH A . 
C 3 HOH 112 307 125 HOH HOH A . 
C 3 HOH 113 308 126 HOH HOH A . 
C 3 HOH 114 309 127 HOH HOH A . 
C 3 HOH 115 310 128 HOH HOH A . 
C 3 HOH 116 311 129 HOH HOH A . 
C 3 HOH 117 312 130 HOH HOH A . 
C 3 HOH 118 313 131 HOH HOH A . 
C 3 HOH 119 314 132 HOH HOH A . 
C 3 HOH 120 315 133 HOH HOH A . 
C 3 HOH 121 316 134 HOH HOH A . 
C 3 HOH 122 317 135 HOH HOH A . 
C 3 HOH 123 318 136 HOH HOH A . 
C 3 HOH 124 319 137 HOH HOH A . 
C 3 HOH 125 320 138 HOH HOH A . 
C 3 HOH 126 321 139 HOH HOH A . 
C 3 HOH 127 322 140 HOH HOH A . 
C 3 HOH 128 323 141 HOH HOH A . 
C 3 HOH 129 324 142 HOH HOH A . 
C 3 HOH 130 325 143 HOH HOH A . 
C 3 HOH 131 326 145 HOH HOH A . 
C 3 HOH 132 327 146 HOH HOH A . 
C 3 HOH 133 328 147 HOH HOH A . 
C 3 HOH 134 329 148 HOH HOH A . 
C 3 HOH 135 330 149 HOH HOH A . 
C 3 HOH 136 331 150 HOH HOH A . 
C 3 HOH 137 332 151 HOH HOH A . 
C 3 HOH 138 333 152 HOH HOH A . 
C 3 HOH 139 334 153 HOH HOH A . 
C 3 HOH 140 335 154 HOH HOH A . 
C 3 HOH 141 336 155 HOH HOH A . 
C 3 HOH 142 337 156 HOH HOH A . 
C 3 HOH 143 338 157 HOH HOH A . 
C 3 HOH 144 339 158 HOH HOH A . 
C 3 HOH 145 340 159 HOH HOH A . 
C 3 HOH 146 341 160 HOH HOH A . 
C 3 HOH 147 342 162 HOH HOH A . 
C 3 HOH 148 343 163 HOH HOH A . 
C 3 HOH 149 344 164 HOH HOH A . 
C 3 HOH 150 345 165 HOH HOH A . 
C 3 HOH 151 346 166 HOH HOH A . 
C 3 HOH 152 347 167 HOH HOH A . 
C 3 HOH 153 348 170 HOH HOH A . 
C 3 HOH 154 349 171 HOH HOH A . 
C 3 HOH 155 350 172 HOH HOH A . 
C 3 HOH 156 351 173 HOH HOH A . 
C 3 HOH 157 352 174 HOH HOH A . 
C 3 HOH 158 353 175 HOH HOH A . 
C 3 HOH 159 354 176 HOH HOH A . 
C 3 HOH 160 355 177 HOH HOH A . 
C 3 HOH 161 356 178 HOH HOH A . 
C 3 HOH 162 357 179 HOH HOH A . 
C 3 HOH 163 358 181 HOH HOH A . 
C 3 HOH 164 359 182 HOH HOH A . 
C 3 HOH 165 360 183 HOH HOH A . 
C 3 HOH 166 361 184 HOH HOH A . 
C 3 HOH 167 362 185 HOH HOH A . 
C 3 HOH 168 363 186 HOH HOH A . 
C 3 HOH 169 364 188 HOH HOH A . 
C 3 HOH 170 365 189 HOH HOH A . 
C 3 HOH 171 366 190 HOH HOH A . 
C 3 HOH 172 367 191 HOH HOH A . 
C 3 HOH 173 368 192 HOH HOH A . 
C 3 HOH 174 369 193 HOH HOH A . 
C 3 HOH 175 370 194 HOH HOH A . 
C 3 HOH 176 371 197 HOH HOH A . 
C 3 HOH 177 372 198 HOH HOH A . 
C 3 HOH 178 373 200 HOH HOH A . 
C 3 HOH 179 374 201 HOH HOH A . 
C 3 HOH 180 375 202 HOH HOH A . 
C 3 HOH 181 376 203 HOH HOH A . 
C 3 HOH 182 377 204 HOH HOH A . 
C 3 HOH 183 378 205 HOH HOH A . 
C 3 HOH 184 379 206 HOH HOH A . 
C 3 HOH 185 380 207 HOH HOH A . 
C 3 HOH 186 381 208 HOH HOH A . 
C 3 HOH 187 382 211 HOH HOH A . 
C 3 HOH 188 383 212 HOH HOH A . 
C 3 HOH 189 384 213 HOH HOH A . 
C 3 HOH 190 385 214 HOH HOH A . 
C 3 HOH 191 386 221 HOH HOH A . 
C 3 HOH 192 387 222 HOH HOH A . 
C 3 HOH 193 388 223 HOH HOH A . 
C 3 HOH 194 389 224 HOH HOH A . 
C 3 HOH 195 390 225 HOH HOH A . 
C 3 HOH 196 391 227 HOH HOH A . 
C 3 HOH 197 392 226 HOH HOH A . 
C 3 HOH 198 393 228 HOH HOH A . 
C 3 HOH 199 394 230 HOH HOH A . 
D 3 HOH 1   14  3   HOH HOH B . 
D 3 HOH 2   15  8   HOH HOH B . 
D 3 HOH 3   16  16  HOH HOH B . 
D 3 HOH 4   17  30  HOH HOH B . 
D 3 HOH 5   18  36  HOH HOH B . 
D 3 HOH 6   19  44  HOH HOH B . 
D 3 HOH 7   20  61  HOH HOH B . 
D 3 HOH 8   21  79  HOH HOH B . 
D 3 HOH 9   22  86  HOH HOH B . 
D 3 HOH 10  23  91  HOH HOH B . 
D 3 HOH 11  24  102 HOH HOH B . 
D 3 HOH 12  25  144 HOH HOH B . 
D 3 HOH 13  26  169 HOH HOH B . 
D 3 HOH 14  27  196 HOH HOH B . 
D 3 HOH 15  28  229 HOH HOH B . 
# 
loop_
_software.name 
_software.classification 
_software.version 
_software.citation_id 
_software.pdbx_ordinal 
REFMAC   refinement        5.2.0005 ? 1 
HKL-2000 'data collection' .        ? 2 
HKL-2000 'data reduction'  .        ? 3 
HKL-2000 'data scaling'    .        ? 4 
MOLREP   phasing           .        ? 5 
# 
_cell.entry_id           2QBW 
_cell.length_a           54.818 
_cell.length_b           79.350 
_cell.length_c           119.842 
_cell.angle_alpha        90.00 
_cell.angle_beta         90.00 
_cell.angle_gamma        90.00 
_cell.Z_PDB              8 
_cell.pdbx_unique_axis   ? 
_cell.length_a_esd       ? 
_cell.length_b_esd       ? 
_cell.length_c_esd       ? 
_cell.angle_alpha_esd    ? 
_cell.angle_beta_esd     ? 
_cell.angle_gamma_esd    ? 
# 
_symmetry.entry_id                         2QBW 
_symmetry.space_group_name_H-M             'I 21 21 21' 
_symmetry.pdbx_full_space_group_name_H-M   ? 
_symmetry.cell_setting                     ? 
_symmetry.Int_Tables_number                24 
_symmetry.space_group_name_Hall            ? 
# 
_exptl.entry_id          2QBW 
_exptl.method            'X-RAY DIFFRACTION' 
_exptl.crystals_number   1 
# 
_exptl_crystal.id                    1 
_exptl_crystal.density_meas          ? 
_exptl_crystal.density_Matthews      2.98 
_exptl_crystal.density_percent_sol   58.66 
_exptl_crystal.description           ? 
_exptl_crystal.F_000                 ? 
_exptl_crystal.preparation           ? 
# 
_exptl_crystal_grow.crystal_id      1 
_exptl_crystal_grow.method          'VAPOR DIFFUSION, HANGING DROP' 
_exptl_crystal_grow.temp            293 
_exptl_crystal_grow.temp_details    ? 
_exptl_crystal_grow.pH              9 
_exptl_crystal_grow.pdbx_details    '1M (NH4)2HPO4, 0.1M Tris-HCl, pH 9, VAPOR DIFFUSION, HANGING DROP, temperature 293K' 
_exptl_crystal_grow.pdbx_pH_range   . 
# 
_diffrn.id                     1 
_diffrn.ambient_temp           100 
_diffrn.ambient_temp_details   ? 
_diffrn.crystal_id             1 
# 
_diffrn_detector.diffrn_id              1 
_diffrn_detector.detector               CCD 
_diffrn_detector.type                   'MARMOSAIC 300 mm CCD' 
_diffrn_detector.pdbx_collection_date   2007-06-07 
_diffrn_detector.details                ? 
# 
_diffrn_radiation.diffrn_id                        1 
_diffrn_radiation.wavelength_id                    1 
_diffrn_radiation.pdbx_monochromatic_or_laue_m_l   M 
_diffrn_radiation.monochromator                    ? 
_diffrn_radiation.pdbx_diffrn_protocol             'SINGLE WAVELENGTH' 
_diffrn_radiation.pdbx_scattering_type             x-ray 
# 
_diffrn_radiation_wavelength.id           1 
_diffrn_radiation_wavelength.wavelength   0.9793 
_diffrn_radiation_wavelength.wt           1.0 
# 
_diffrn_source.diffrn_id                   1 
_diffrn_source.source                      SYNCHROTRON 
_diffrn_source.type                        'APS BEAMLINE 23-ID-D' 
_diffrn_source.pdbx_synchrotron_site       APS 
_diffrn_source.pdbx_synchrotron_beamline   23-ID-D 
_diffrn_source.pdbx_wavelength             ? 
_diffrn_source.pdbx_wavelength_list        0.9793 
# 
_reflns.entry_id                     2QBW 
_reflns.observed_criterion_sigma_I   0 
_reflns.observed_criterion_sigma_F   0 
_reflns.d_resolution_low             50 
_reflns.d_resolution_high            1.8 
_reflns.number_obs                   23897 
_reflns.number_all                   ? 
_reflns.percent_possible_obs         94.3 
_reflns.pdbx_Rmerge_I_obs            0.112 
_reflns.pdbx_Rsym_value              ? 
_reflns.pdbx_netI_over_sigmaI        18.76 
_reflns.B_iso_Wilson_estimate        ? 
_reflns.pdbx_redundancy              4.3 
_reflns.R_free_details               ? 
_reflns.limit_h_max                  ? 
_reflns.limit_h_min                  ? 
_reflns.limit_k_max                  ? 
_reflns.limit_k_min                  ? 
_reflns.limit_l_max                  ? 
_reflns.limit_l_min                  ? 
_reflns.observed_criterion_F_max     ? 
_reflns.observed_criterion_F_min     ? 
_reflns.pdbx_chi_squared             ? 
_reflns.pdbx_scaling_rejects         ? 
_reflns.pdbx_diffrn_id               1 
_reflns.pdbx_ordinal                 1 
# 
_reflns_shell.d_res_high             1.8 
_reflns_shell.d_res_low              1.86 
_reflns_shell.percent_possible_all   97.0 
_reflns_shell.Rmerge_I_obs           0.423 
_reflns_shell.pdbx_Rsym_value        ? 
_reflns_shell.meanI_over_sigI_obs    5.78 
_reflns_shell.pdbx_redundancy        4.1 
_reflns_shell.percent_possible_obs   ? 
_reflns_shell.number_unique_all      ? 
_reflns_shell.number_measured_all    ? 
_reflns_shell.number_measured_obs    ? 
_reflns_shell.number_unique_obs      ? 
_reflns_shell.pdbx_chi_squared       ? 
_reflns_shell.pdbx_diffrn_id         ? 
_reflns_shell.pdbx_ordinal           1 
# 
_refine.entry_id                                 2QBW 
_refine.ls_number_reflns_obs                     22043 
_refine.ls_number_reflns_all                     ? 
_refine.pdbx_ls_sigma_I                          ? 
_refine.pdbx_ls_sigma_F                          ? 
_refine.pdbx_data_cutoff_high_absF               ? 
_refine.pdbx_data_cutoff_low_absF                ? 
_refine.pdbx_data_cutoff_high_rms_absF           ? 
_refine.ls_d_res_low                             20.00 
_refine.ls_d_res_high                            1.80 
_refine.ls_percent_reflns_obs                    94.20 
_refine.ls_R_factor_obs                          0.16971 
_refine.ls_R_factor_all                          ? 
_refine.ls_R_factor_R_work                       0.16787 
_refine.ls_R_factor_R_free                       0.20470 
_refine.ls_R_factor_R_free_error                 ? 
_refine.ls_R_factor_R_free_error_details         ? 
_refine.ls_percent_reflns_R_free                 5.0 
_refine.ls_number_reflns_R_free                  1163 
_refine.ls_number_parameters                     ? 
_refine.ls_number_restraints                     ? 
_refine.occupancy_min                            ? 
_refine.occupancy_max                            ? 
_refine.correlation_coeff_Fo_to_Fc               0.960 
_refine.correlation_coeff_Fo_to_Fc_free          0.936 
_refine.B_iso_mean                               18.336 
_refine.aniso_B[1][1]                            -1.07 
_refine.aniso_B[2][2]                            2.43 
_refine.aniso_B[3][3]                            -1.35 
_refine.aniso_B[1][2]                            0.00 
_refine.aniso_B[1][3]                            0.00 
_refine.aniso_B[2][3]                            0.00 
_refine.solvent_model_details                    'BABINET MODEL WITH MASK' 
_refine.solvent_model_param_ksol                 ? 
_refine.solvent_model_param_bsol                 ? 
_refine.pdbx_solvent_vdw_probe_radii             1.20 
_refine.pdbx_solvent_ion_probe_radii             0.80 
_refine.pdbx_solvent_shrinkage_radii             0.80 
_refine.pdbx_ls_cross_valid_method               THROUGHOUT 
_refine.details                                  'HYDROGENS HAVE BEEN ADDED IN THE RIDING POSITIONS' 
_refine.pdbx_starting_model                      ? 
_refine.pdbx_method_to_determine_struct          'MOLECULAR REPLACEMENT' 
_refine.pdbx_isotropic_thermal_model             ? 
_refine.pdbx_stereochemistry_target_values       'MAXIMUM LIKELIHOOD' 
_refine.pdbx_stereochem_target_val_spec_case     ? 
_refine.pdbx_R_Free_selection_details            RANDOM 
_refine.pdbx_overall_ESU_R                       0.107 
_refine.pdbx_overall_ESU_R_Free                  0.107 
_refine.overall_SU_ML                            0.063 
_refine.overall_SU_B                             1.932 
_refine.ls_redundancy_reflns_obs                 ? 
_refine.B_iso_min                                ? 
_refine.B_iso_max                                ? 
_refine.overall_SU_R_Cruickshank_DPI             ? 
_refine.overall_SU_R_free                        ? 
_refine.ls_wR_factor_R_free                      ? 
_refine.ls_wR_factor_R_work                      ? 
_refine.overall_FOM_free_R_set                   ? 
_refine.overall_FOM_work_R_set                   ? 
_refine.pdbx_refine_id                           'X-RAY DIFFRACTION' 
_refine.pdbx_diffrn_id                           1 
_refine.pdbx_TLS_residual_ADP_flag               ? 
_refine.pdbx_overall_phase_error                 ? 
_refine.pdbx_overall_SU_R_free_Cruickshank_DPI   ? 
_refine.pdbx_overall_SU_R_Blow_DPI               ? 
_refine.pdbx_overall_SU_R_free_Blow_DPI          ? 
# 
_refine_hist.pdbx_refine_id                   'X-RAY DIFFRACTION' 
_refine_hist.cycle_id                         LAST 
_refine_hist.pdbx_number_atoms_protein        1527 
_refine_hist.pdbx_number_atoms_nucleic_acid   0 
_refine_hist.pdbx_number_atoms_ligand         0 
_refine_hist.number_atoms_solvent             214 
_refine_hist.number_atoms_total               1741 
_refine_hist.d_res_high                       1.80 
_refine_hist.d_res_low                        20.00 
# 
loop_
_refine_ls_restr.type 
_refine_ls_restr.dev_ideal 
_refine_ls_restr.dev_ideal_target 
_refine_ls_restr.weight 
_refine_ls_restr.number 
_refine_ls_restr.pdbx_refine_id 
_refine_ls_restr.pdbx_restraint_function 
r_bond_refined_d             0.014  0.022  ? 1567 'X-RAY DIFFRACTION' ? 
r_bond_other_d               0.005  0.020  ? 1377 'X-RAY DIFFRACTION' ? 
r_angle_refined_deg          1.460  1.957  ? 2142 'X-RAY DIFFRACTION' ? 
r_angle_other_deg            0.803  3.000  ? 3212 'X-RAY DIFFRACTION' ? 
r_dihedral_angle_1_deg       7.418  5.000  ? 198  'X-RAY DIFFRACTION' ? 
r_dihedral_angle_2_deg       38.378 23.971 ? 68   'X-RAY DIFFRACTION' ? 
r_dihedral_angle_3_deg       12.186 15.000 ? 233  'X-RAY DIFFRACTION' ? 
r_dihedral_angle_4_deg       20.188 15.000 ? 8    'X-RAY DIFFRACTION' ? 
r_chiral_restr               0.092  0.200  ? 238  'X-RAY DIFFRACTION' ? 
r_gen_planes_refined         0.006  0.020  ? 1765 'X-RAY DIFFRACTION' ? 
r_gen_planes_other           0.001  0.020  ? 317  'X-RAY DIFFRACTION' ? 
r_nbd_refined                0.192  0.200  ? 244  'X-RAY DIFFRACTION' ? 
r_nbd_other                  0.206  0.200  ? 1317 'X-RAY DIFFRACTION' ? 
r_nbtor_refined              0.183  0.200  ? 759  'X-RAY DIFFRACTION' ? 
r_nbtor_other                0.087  0.200  ? 859  'X-RAY DIFFRACTION' ? 
r_xyhbond_nbd_refined        0.142  0.200  ? 152  'X-RAY DIFFRACTION' ? 
r_xyhbond_nbd_other          ?      ?      ? ?    'X-RAY DIFFRACTION' ? 
r_metal_ion_refined          ?      ?      ? ?    'X-RAY DIFFRACTION' ? 
r_metal_ion_other            ?      ?      ? ?    'X-RAY DIFFRACTION' ? 
r_symmetry_vdw_refined       0.119  0.200  ? 2    'X-RAY DIFFRACTION' ? 
r_symmetry_vdw_other         0.231  0.200  ? 27   'X-RAY DIFFRACTION' ? 
r_symmetry_hbond_refined     0.165  0.200  ? 22   'X-RAY DIFFRACTION' ? 
r_symmetry_hbond_other       ?      ?      ? ?    'X-RAY DIFFRACTION' ? 
r_symmetry_metal_ion_refined ?      ?      ? ?    'X-RAY DIFFRACTION' ? 
r_symmetry_metal_ion_other   ?      ?      ? ?    'X-RAY DIFFRACTION' ? 
r_mcbond_it                  2.158  1.500  ? 1266 'X-RAY DIFFRACTION' ? 
r_mcbond_other               0.251  1.500  ? 406  'X-RAY DIFFRACTION' ? 
r_mcangle_it                 1.962  2.000  ? 1604 'X-RAY DIFFRACTION' ? 
r_scbond_it                  3.495  3.000  ? 771  'X-RAY DIFFRACTION' ? 
r_scangle_it                 4.376  4.500  ? 536  'X-RAY DIFFRACTION' ? 
r_rigid_bond_restr           ?      ?      ? ?    'X-RAY DIFFRACTION' ? 
r_sphericity_free            ?      ?      ? ?    'X-RAY DIFFRACTION' ? 
r_sphericity_bonded          ?      ?      ? ?    'X-RAY DIFFRACTION' ? 
# 
_refine_ls_shell.pdbx_total_number_of_bins_used   20 
_refine_ls_shell.d_res_high                       1.800 
_refine_ls_shell.d_res_low                        1.846 
_refine_ls_shell.number_reflns_R_work             1637 
_refine_ls_shell.R_factor_R_work                  0.180 
_refine_ls_shell.percent_reflns_obs               96.43 
_refine_ls_shell.R_factor_R_free                  0.211 
_refine_ls_shell.R_factor_R_free_error            ? 
_refine_ls_shell.percent_reflns_R_free            ? 
_refine_ls_shell.number_reflns_R_free             90 
_refine_ls_shell.number_reflns_all                ? 
_refine_ls_shell.R_factor_all                     ? 
_refine_ls_shell.redundancy_reflns_obs            ? 
_refine_ls_shell.number_reflns_obs                ? 
_refine_ls_shell.pdbx_refine_id                   'X-RAY DIFFRACTION' 
# 
_struct.entry_id                  2QBW 
_struct.title                     'The crystal structure of PDZ-Fibronectin fusion protein' 
_struct.pdbx_model_details        ? 
_struct.pdbx_CASP_flag            ? 
_struct.pdbx_model_type_details   ? 
# 
_struct_keywords.entry_id        2QBW 
_struct_keywords.pdbx_keywords   'UNKNOWN FUNCTION' 
_struct_keywords.text            'fibronectin PDZ, UNKNOWN FUNCTION' 
# 
loop_
_struct_asym.id 
_struct_asym.pdbx_blank_PDB_chainid_flag 
_struct_asym.pdbx_modified 
_struct_asym.entity_id 
_struct_asym.details 
A N N 1 ? 
B N N 2 ? 
C N N 3 ? 
D N N 3 ? 
# 
loop_
_struct_ref.id 
_struct_ref.db_name 
_struct_ref.db_code 
_struct_ref.pdbx_db_accession 
_struct_ref.entity_id 
_struct_ref.pdbx_seq_one_letter_code 
_struct_ref.pdbx_align_begin 
_struct_ref.pdbx_db_isoform 
1 UNP LAP2_HUMAN Q96RT1 1 
;PELGFSISGGVGGRGNPFRPDDDGIFVTRVQPEGPASKLLQPGDKIIQANGYSFINIEHGQAVSLLKTFQNTVELIIVRE
V
;
1330 ? 
2 PDB 2QBW       2QBW   2 ?                                                                                    ?    ? 
# 
loop_
_struct_ref_seq.align_id 
_struct_ref_seq.ref_id 
_struct_ref_seq.pdbx_PDB_id_code 
_struct_ref_seq.pdbx_strand_id 
_struct_ref_seq.seq_align_beg 
_struct_ref_seq.pdbx_seq_align_beg_ins_code 
_struct_ref_seq.seq_align_end 
_struct_ref_seq.pdbx_seq_align_end_ins_code 
_struct_ref_seq.pdbx_db_accession 
_struct_ref_seq.db_align_beg 
_struct_ref_seq.pdbx_db_align_beg_ins_code 
_struct_ref_seq.db_align_end 
_struct_ref_seq.pdbx_db_align_end_ins_code 
_struct_ref_seq.pdbx_auth_seq_align_beg 
_struct_ref_seq.pdbx_auth_seq_align_end 
1 1 2QBW A 2 ? 82 ? Q96RT1 1330 ? 1410 ? 2 82 
2 2 2QBW B 1 ? 8  ? 2QBW   6    ? 13   ? 6 13 
# 
_pdbx_struct_assembly.id                   1 
_pdbx_struct_assembly.details              author_and_software_defined_assembly 
_pdbx_struct_assembly.method_details       PISA 
_pdbx_struct_assembly.oligomeric_details   dimeric 
_pdbx_struct_assembly.oligomeric_count     2 
# 
_pdbx_struct_assembly_prop.biol_id   1 
_pdbx_struct_assembly_prop.type      'ABSA (A^2)' 
_pdbx_struct_assembly_prop.value     1380 
_pdbx_struct_assembly_prop.details   ? 
# 
_pdbx_struct_assembly_gen.assembly_id       1 
_pdbx_struct_assembly_gen.oper_expression   1 
_pdbx_struct_assembly_gen.asym_id_list      A,B,C,D 
# 
_pdbx_struct_oper_list.id                   1 
_pdbx_struct_oper_list.type                 'identity operation' 
_pdbx_struct_oper_list.name                 1_555 
_pdbx_struct_oper_list.symmetry_operation   x,y,z 
_pdbx_struct_oper_list.matrix[1][1]         1.0000000000 
_pdbx_struct_oper_list.matrix[1][2]         0.0000000000 
_pdbx_struct_oper_list.matrix[1][3]         0.0000000000 
_pdbx_struct_oper_list.vector[1]            0.0000000000 
_pdbx_struct_oper_list.matrix[2][1]         0.0000000000 
_pdbx_struct_oper_list.matrix[2][2]         1.0000000000 
_pdbx_struct_oper_list.matrix[2][3]         0.0000000000 
_pdbx_struct_oper_list.vector[2]            0.0000000000 
_pdbx_struct_oper_list.matrix[3][1]         0.0000000000 
_pdbx_struct_oper_list.matrix[3][2]         0.0000000000 
_pdbx_struct_oper_list.matrix[3][3]         1.0000000000 
_pdbx_struct_oper_list.vector[3]            0.0000000000 
# 
_struct_biol.id        1 
_struct_biol.details   'The biological assembly is heterodimer of chain A and chain B.' 
# 
_struct_conf.conf_type_id            HELX_P 
_struct_conf.id                      HELX_P1 
_struct_conf.pdbx_PDB_helix_id       1 
_struct_conf.beg_label_comp_id       GLU 
_struct_conf.beg_label_asym_id       A 
_struct_conf.beg_label_seq_id        59 
_struct_conf.pdbx_beg_PDB_ins_code   ? 
_struct_conf.end_label_comp_id       PHE 
_struct_conf.end_label_asym_id       A 
_struct_conf.end_label_seq_id        70 
_struct_conf.pdbx_end_PDB_ins_code   ? 
_struct_conf.beg_auth_comp_id        GLU 
_struct_conf.beg_auth_asym_id        A 
_struct_conf.beg_auth_seq_id         59 
_struct_conf.end_auth_comp_id        PHE 
_struct_conf.end_auth_asym_id        A 
_struct_conf.end_auth_seq_id         70 
_struct_conf.pdbx_PDB_helix_class    1 
_struct_conf.details                 ? 
_struct_conf.pdbx_PDB_helix_length   12 
# 
_struct_conf_type.id          HELX_P 
_struct_conf_type.criteria    ? 
_struct_conf_type.reference   ? 
# 
_struct_mon_prot_cis.pdbx_id                1 
_struct_mon_prot_cis.label_comp_id          VAL 
_struct_mon_prot_cis.label_seq_id           106 
_struct_mon_prot_cis.label_asym_id          A 
_struct_mon_prot_cis.label_alt_id           . 
_struct_mon_prot_cis.pdbx_PDB_ins_code      ? 
_struct_mon_prot_cis.auth_comp_id           VAL 
_struct_mon_prot_cis.auth_seq_id            106 
_struct_mon_prot_cis.auth_asym_id           A 
_struct_mon_prot_cis.pdbx_label_comp_id_2   PRO 
_struct_mon_prot_cis.pdbx_label_seq_id_2    107 
_struct_mon_prot_cis.pdbx_label_asym_id_2   A 
_struct_mon_prot_cis.pdbx_PDB_ins_code_2    ? 
_struct_mon_prot_cis.pdbx_auth_comp_id_2    PRO 
_struct_mon_prot_cis.pdbx_auth_seq_id_2     107 
_struct_mon_prot_cis.pdbx_auth_asym_id_2    A 
_struct_mon_prot_cis.pdbx_PDB_model_num     1 
_struct_mon_prot_cis.pdbx_omega_angle       -5.85 
# 
loop_
_struct_sheet.id 
_struct_sheet.type 
_struct_sheet.number_strands 
_struct_sheet.details 
A ? 4 ? 
B ? 5 ? 
C ? 3 ? 
D ? 4 ? 
# 
loop_
_struct_sheet_order.sheet_id 
_struct_sheet_order.range_id_1 
_struct_sheet_order.range_id_2 
_struct_sheet_order.offset 
_struct_sheet_order.sense 
A 1 2 ? anti-parallel 
A 2 3 ? anti-parallel 
A 3 4 ? anti-parallel 
B 1 2 ? anti-parallel 
B 2 3 ? anti-parallel 
B 3 4 ? anti-parallel 
B 4 5 ? anti-parallel 
C 1 2 ? anti-parallel 
C 2 3 ? anti-parallel 
D 1 2 ? anti-parallel 
D 2 3 ? anti-parallel 
D 3 4 ? anti-parallel 
# 
loop_
_struct_sheet_range.sheet_id 
_struct_sheet_range.id 
_struct_sheet_range.beg_label_comp_id 
_struct_sheet_range.beg_label_asym_id 
_struct_sheet_range.beg_label_seq_id 
_struct_sheet_range.pdbx_beg_PDB_ins_code 
_struct_sheet_range.end_label_comp_id 
_struct_sheet_range.end_label_asym_id 
_struct_sheet_range.end_label_seq_id 
_struct_sheet_range.pdbx_end_PDB_ins_code 
_struct_sheet_range.beg_auth_comp_id 
_struct_sheet_range.beg_auth_asym_id 
_struct_sheet_range.beg_auth_seq_id 
_struct_sheet_range.end_auth_comp_id 
_struct_sheet_range.end_auth_asym_id 
_struct_sheet_range.end_auth_seq_id 
A 1 TYR A 53  ? SER A 54  ? TYR A 53  SER A 54  
A 2 LYS A 46  ? ALA A 50  ? LYS A 46  ALA A 50  
A 3 THR A 73  ? GLU A 81  ? THR A 73  GLU A 81  
A 4 LYS A 87  ? GLU A 95  ? LYS A 87  GLU A 95  
B 1 TYR A 53  ? SER A 54  ? TYR A 53  SER A 54  
B 2 LYS A 46  ? ALA A 50  ? LYS A 46  ALA A 50  
B 3 ILE A 26  ? VAL A 31  ? ILE A 26  VAL A 31  
B 4 PHE A 6   ? GLY A 10  ? PHE A 6   GLY A 10  
B 5 ASP B 5   ? TRP B 7   ? ASP B 10  TRP B 12  
C 1 GLU A 111 ? THR A 116 ? GLU A 111 THR A 116 
C 2 SER A 119 ? SER A 123 ? SER A 119 SER A 123 
C 3 THR A 158 ? ILE A 161 ? THR A 158 ILE A 161 
D 1 GLN A 148 ? PRO A 153 ? GLN A 148 PRO A 153 
D 2 TYR A 133 ? GLU A 140 ? TYR A 133 GLU A 140 
D 3 ASP A 169 ? TYR A 177 ? ASP A 169 TYR A 177 
D 4 ILE A 189 ? ARG A 194 ? ILE A 189 ARG A 194 
# 
loop_
_pdbx_struct_sheet_hbond.sheet_id 
_pdbx_struct_sheet_hbond.range_id_1 
_pdbx_struct_sheet_hbond.range_id_2 
_pdbx_struct_sheet_hbond.range_1_label_atom_id 
_pdbx_struct_sheet_hbond.range_1_label_comp_id 
_pdbx_struct_sheet_hbond.range_1_label_asym_id 
_pdbx_struct_sheet_hbond.range_1_label_seq_id 
_pdbx_struct_sheet_hbond.range_1_PDB_ins_code 
_pdbx_struct_sheet_hbond.range_1_auth_atom_id 
_pdbx_struct_sheet_hbond.range_1_auth_comp_id 
_pdbx_struct_sheet_hbond.range_1_auth_asym_id 
_pdbx_struct_sheet_hbond.range_1_auth_seq_id 
_pdbx_struct_sheet_hbond.range_2_label_atom_id 
_pdbx_struct_sheet_hbond.range_2_label_comp_id 
_pdbx_struct_sheet_hbond.range_2_label_asym_id 
_pdbx_struct_sheet_hbond.range_2_label_seq_id 
_pdbx_struct_sheet_hbond.range_2_PDB_ins_code 
_pdbx_struct_sheet_hbond.range_2_auth_atom_id 
_pdbx_struct_sheet_hbond.range_2_auth_comp_id 
_pdbx_struct_sheet_hbond.range_2_auth_asym_id 
_pdbx_struct_sheet_hbond.range_2_auth_seq_id 
A 1 2 O TYR A 53  ? O TYR A 53  N ALA A 50  ? N ALA A 50  
A 2 3 N ILE A 48  ? N ILE A 48  O ILE A 77  ? O ILE A 77  
A 3 4 N ARG A 80  ? N ARG A 80  O GLN A 88  ? O GLN A 88  
B 1 2 O TYR A 53  ? O TYR A 53  N ALA A 50  ? N ALA A 50  
B 2 3 O ILE A 47  ? O ILE A 47  N ILE A 26  ? N ILE A 26  
B 3 4 O THR A 29  ? O THR A 29  N SER A 7   ? N SER A 7   
B 4 5 N ILE A 8   ? N ILE A 8   O SER B 6   ? O SER B 11  
C 1 2 N ALA A 114 ? N ALA A 114 O LEU A 121 ? O LEU A 121 
C 2 3 N LEU A 120 ? N LEU A 120 O ILE A 161 ? O ILE A 161 
D 1 2 O PHE A 150 ? O PHE A 150 N ILE A 136 ? N ILE A 136 
D 2 3 N ARG A 135 ? N ARG A 135 O TYR A 175 ? O TYR A 175 
D 3 4 N ILE A 172 ? N ILE A 172 O ILE A 191 ? O ILE A 191 
# 
loop_
_pdbx_validate_rmsd_angle.id 
_pdbx_validate_rmsd_angle.PDB_model_num 
_pdbx_validate_rmsd_angle.auth_atom_id_1 
_pdbx_validate_rmsd_angle.auth_asym_id_1 
_pdbx_validate_rmsd_angle.auth_comp_id_1 
_pdbx_validate_rmsd_angle.auth_seq_id_1 
_pdbx_validate_rmsd_angle.PDB_ins_code_1 
_pdbx_validate_rmsd_angle.label_alt_id_1 
_pdbx_validate_rmsd_angle.auth_atom_id_2 
_pdbx_validate_rmsd_angle.auth_asym_id_2 
_pdbx_validate_rmsd_angle.auth_comp_id_2 
_pdbx_validate_rmsd_angle.auth_seq_id_2 
_pdbx_validate_rmsd_angle.PDB_ins_code_2 
_pdbx_validate_rmsd_angle.label_alt_id_2 
_pdbx_validate_rmsd_angle.auth_atom_id_3 
_pdbx_validate_rmsd_angle.auth_asym_id_3 
_pdbx_validate_rmsd_angle.auth_comp_id_3 
_pdbx_validate_rmsd_angle.auth_seq_id_3 
_pdbx_validate_rmsd_angle.PDB_ins_code_3 
_pdbx_validate_rmsd_angle.label_alt_id_3 
_pdbx_validate_rmsd_angle.angle_value 
_pdbx_validate_rmsd_angle.angle_target_value 
_pdbx_validate_rmsd_angle.angle_deviation 
_pdbx_validate_rmsd_angle.angle_standard_deviation 
_pdbx_validate_rmsd_angle.linker_flag 
1 1 NE A ARG 30  ? ? CZ A ARG 30  ? ? NH1 A ARG 30  ? ? 125.14 120.30 4.84  0.50 N 
2 1 NE A ARG 30  ? ? CZ A ARG 30  ? ? NH2 A ARG 30  ? ? 115.58 120.30 -4.72 0.50 N 
3 1 NE A ARG 135 ? ? CZ A ARG 135 ? ? NH1 A ARG 135 ? ? 125.23 120.30 4.93  0.50 N 
4 1 NE A ARG 135 ? ? CZ A ARG 135 ? ? NH2 A ARG 135 ? ? 116.85 120.30 -3.45 0.50 N 
# 
loop_
_pdbx_validate_torsion.id 
_pdbx_validate_torsion.PDB_model_num 
_pdbx_validate_torsion.auth_comp_id 
_pdbx_validate_torsion.auth_asym_id 
_pdbx_validate_torsion.auth_seq_id 
_pdbx_validate_torsion.PDB_ins_code 
_pdbx_validate_torsion.label_alt_id 
_pdbx_validate_torsion.phi 
_pdbx_validate_torsion.psi 
1 1 GLU A 3  ? ? -143.37 11.60  
2 1 GLU A 34 ? ? 58.08   14.43  
3 1 ASN A 72 ? ? 61.95   -91.21 
# 
loop_
_pdbx_validate_peptide_omega.id 
_pdbx_validate_peptide_omega.PDB_model_num 
_pdbx_validate_peptide_omega.auth_comp_id_1 
_pdbx_validate_peptide_omega.auth_asym_id_1 
_pdbx_validate_peptide_omega.auth_seq_id_1 
_pdbx_validate_peptide_omega.PDB_ins_code_1 
_pdbx_validate_peptide_omega.label_alt_id_1 
_pdbx_validate_peptide_omega.auth_comp_id_2 
_pdbx_validate_peptide_omega.auth_asym_id_2 
_pdbx_validate_peptide_omega.auth_seq_id_2 
_pdbx_validate_peptide_omega.PDB_ins_code_2 
_pdbx_validate_peptide_omega.label_alt_id_2 
_pdbx_validate_peptide_omega.omega 
1 1 VAL A 82 ? ? GLY A 83 ? ? 42.47  
2 1 LYS A 96 ? ? ASP A 97 ? ? 143.61 
# 
loop_
_pdbx_struct_special_symmetry.id 
_pdbx_struct_special_symmetry.PDB_model_num 
_pdbx_struct_special_symmetry.auth_asym_id 
_pdbx_struct_special_symmetry.auth_comp_id 
_pdbx_struct_special_symmetry.auth_seq_id 
_pdbx_struct_special_symmetry.PDB_ins_code 
_pdbx_struct_special_symmetry.label_asym_id 
_pdbx_struct_special_symmetry.label_comp_id 
_pdbx_struct_special_symmetry.label_seq_id 
1 1 A HOH 389 ? C HOH . 
2 1 A HOH 394 ? C HOH . 
# 
loop_
_pdbx_unobs_or_zero_occ_residues.id 
_pdbx_unobs_or_zero_occ_residues.PDB_model_num 
_pdbx_unobs_or_zero_occ_residues.polymer_flag 
_pdbx_unobs_or_zero_occ_residues.occupancy_flag 
_pdbx_unobs_or_zero_occ_residues.auth_asym_id 
_pdbx_unobs_or_zero_occ_residues.auth_comp_id 
_pdbx_unobs_or_zero_occ_residues.auth_seq_id 
_pdbx_unobs_or_zero_occ_residues.PDB_ins_code 
_pdbx_unobs_or_zero_occ_residues.label_asym_id 
_pdbx_unobs_or_zero_occ_residues.label_comp_id 
_pdbx_unobs_or_zero_occ_residues.label_seq_id 
1 1 Y 1 A GLY 98  ? A GLY 98  
2 1 Y 1 A GLY 99  ? A GLY 99  
3 1 Y 1 A SER 100 ? A SER 100 
4 1 Y 1 A GLY 101 ? A GLY 101 
5 1 Y 1 A GLY 102 ? A GLY 102 
6 1 Y 1 A VAL 103 ? A VAL 103 
# 
loop_
_chem_comp_atom.comp_id 
_chem_comp_atom.atom_id 
_chem_comp_atom.type_symbol 
_chem_comp_atom.pdbx_aromatic_flag 
_chem_comp_atom.pdbx_stereo_config 
_chem_comp_atom.pdbx_ordinal 
ALA N    N N N 1   
ALA CA   C N S 2   
ALA C    C N N 3   
ALA O    O N N 4   
ALA CB   C N N 5   
ALA OXT  O N N 6   
ALA H    H N N 7   
ALA H2   H N N 8   
ALA HA   H N N 9   
ALA HB1  H N N 10  
ALA HB2  H N N 11  
ALA HB3  H N N 12  
ALA HXT  H N N 13  
ARG N    N N N 14  
ARG CA   C N S 15  
ARG C    C N N 16  
ARG O    O N N 17  
ARG CB   C N N 18  
ARG CG   C N N 19  
ARG CD   C N N 20  
ARG NE   N N N 21  
ARG CZ   C N N 22  
ARG NH1  N N N 23  
ARG NH2  N N N 24  
ARG OXT  O N N 25  
ARG H    H N N 26  
ARG H2   H N N 27  
ARG HA   H N N 28  
ARG HB2  H N N 29  
ARG HB3  H N N 30  
ARG HG2  H N N 31  
ARG HG3  H N N 32  
ARG HD2  H N N 33  
ARG HD3  H N N 34  
ARG HE   H N N 35  
ARG HH11 H N N 36  
ARG HH12 H N N 37  
ARG HH21 H N N 38  
ARG HH22 H N N 39  
ARG HXT  H N N 40  
ASN N    N N N 41  
ASN CA   C N S 42  
ASN C    C N N 43  
ASN O    O N N 44  
ASN CB   C N N 45  
ASN CG   C N N 46  
ASN OD1  O N N 47  
ASN ND2  N N N 48  
ASN OXT  O N N 49  
ASN H    H N N 50  
ASN H2   H N N 51  
ASN HA   H N N 52  
ASN HB2  H N N 53  
ASN HB3  H N N 54  
ASN HD21 H N N 55  
ASN HD22 H N N 56  
ASN HXT  H N N 57  
ASP N    N N N 58  
ASP CA   C N S 59  
ASP C    C N N 60  
ASP O    O N N 61  
ASP CB   C N N 62  
ASP CG   C N N 63  
ASP OD1  O N N 64  
ASP OD2  O N N 65  
ASP OXT  O N N 66  
ASP H    H N N 67  
ASP H2   H N N 68  
ASP HA   H N N 69  
ASP HB2  H N N 70  
ASP HB3  H N N 71  
ASP HD2  H N N 72  
ASP HXT  H N N 73  
GLN N    N N N 74  
GLN CA   C N S 75  
GLN C    C N N 76  
GLN O    O N N 77  
GLN CB   C N N 78  
GLN CG   C N N 79  
GLN CD   C N N 80  
GLN OE1  O N N 81  
GLN NE2  N N N 82  
GLN OXT  O N N 83  
GLN H    H N N 84  
GLN H2   H N N 85  
GLN HA   H N N 86  
GLN HB2  H N N 87  
GLN HB3  H N N 88  
GLN HG2  H N N 89  
GLN HG3  H N N 90  
GLN HE21 H N N 91  
GLN HE22 H N N 92  
GLN HXT  H N N 93  
GLU N    N N N 94  
GLU CA   C N S 95  
GLU C    C N N 96  
GLU O    O N N 97  
GLU CB   C N N 98  
GLU CG   C N N 99  
GLU CD   C N N 100 
GLU OE1  O N N 101 
GLU OE2  O N N 102 
GLU OXT  O N N 103 
GLU H    H N N 104 
GLU H2   H N N 105 
GLU HA   H N N 106 
GLU HB2  H N N 107 
GLU HB3  H N N 108 
GLU HG2  H N N 109 
GLU HG3  H N N 110 
GLU HE2  H N N 111 
GLU HXT  H N N 112 
GLY N    N N N 113 
GLY CA   C N N 114 
GLY C    C N N 115 
GLY O    O N N 116 
GLY OXT  O N N 117 
GLY H    H N N 118 
GLY H2   H N N 119 
GLY HA2  H N N 120 
GLY HA3  H N N 121 
GLY HXT  H N N 122 
HIS N    N N N 123 
HIS CA   C N S 124 
HIS C    C N N 125 
HIS O    O N N 126 
HIS CB   C N N 127 
HIS CG   C Y N 128 
HIS ND1  N Y N 129 
HIS CD2  C Y N 130 
HIS CE1  C Y N 131 
HIS NE2  N Y N 132 
HIS OXT  O N N 133 
HIS H    H N N 134 
HIS H2   H N N 135 
HIS HA   H N N 136 
HIS HB2  H N N 137 
HIS HB3  H N N 138 
HIS HD1  H N N 139 
HIS HD2  H N N 140 
HIS HE1  H N N 141 
HIS HE2  H N N 142 
HIS HXT  H N N 143 
HOH O    O N N 144 
HOH H1   H N N 145 
HOH H2   H N N 146 
ILE N    N N N 147 
ILE CA   C N S 148 
ILE C    C N N 149 
ILE O    O N N 150 
ILE CB   C N S 151 
ILE CG1  C N N 152 
ILE CG2  C N N 153 
ILE CD1  C N N 154 
ILE OXT  O N N 155 
ILE H    H N N 156 
ILE H2   H N N 157 
ILE HA   H N N 158 
ILE HB   H N N 159 
ILE HG12 H N N 160 
ILE HG13 H N N 161 
ILE HG21 H N N 162 
ILE HG22 H N N 163 
ILE HG23 H N N 164 
ILE HD11 H N N 165 
ILE HD12 H N N 166 
ILE HD13 H N N 167 
ILE HXT  H N N 168 
LEU N    N N N 169 
LEU CA   C N S 170 
LEU C    C N N 171 
LEU O    O N N 172 
LEU CB   C N N 173 
LEU CG   C N N 174 
LEU CD1  C N N 175 
LEU CD2  C N N 176 
LEU OXT  O N N 177 
LEU H    H N N 178 
LEU H2   H N N 179 
LEU HA   H N N 180 
LEU HB2  H N N 181 
LEU HB3  H N N 182 
LEU HG   H N N 183 
LEU HD11 H N N 184 
LEU HD12 H N N 185 
LEU HD13 H N N 186 
LEU HD21 H N N 187 
LEU HD22 H N N 188 
LEU HD23 H N N 189 
LEU HXT  H N N 190 
LYS N    N N N 191 
LYS CA   C N S 192 
LYS C    C N N 193 
LYS O    O N N 194 
LYS CB   C N N 195 
LYS CG   C N N 196 
LYS CD   C N N 197 
LYS CE   C N N 198 
LYS NZ   N N N 199 
LYS OXT  O N N 200 
LYS H    H N N 201 
LYS H2   H N N 202 
LYS HA   H N N 203 
LYS HB2  H N N 204 
LYS HB3  H N N 205 
LYS HG2  H N N 206 
LYS HG3  H N N 207 
LYS HD2  H N N 208 
LYS HD3  H N N 209 
LYS HE2  H N N 210 
LYS HE3  H N N 211 
LYS HZ1  H N N 212 
LYS HZ2  H N N 213 
LYS HZ3  H N N 214 
LYS HXT  H N N 215 
PHE N    N N N 216 
PHE CA   C N S 217 
PHE C    C N N 218 
PHE O    O N N 219 
PHE CB   C N N 220 
PHE CG   C Y N 221 
PHE CD1  C Y N 222 
PHE CD2  C Y N 223 
PHE CE1  C Y N 224 
PHE CE2  C Y N 225 
PHE CZ   C Y N 226 
PHE OXT  O N N 227 
PHE H    H N N 228 
PHE H2   H N N 229 
PHE HA   H N N 230 
PHE HB2  H N N 231 
PHE HB3  H N N 232 
PHE HD1  H N N 233 
PHE HD2  H N N 234 
PHE HE1  H N N 235 
PHE HE2  H N N 236 
PHE HZ   H N N 237 
PHE HXT  H N N 238 
PRO N    N N N 239 
PRO CA   C N S 240 
PRO C    C N N 241 
PRO O    O N N 242 
PRO CB   C N N 243 
PRO CG   C N N 244 
PRO CD   C N N 245 
PRO OXT  O N N 246 
PRO H    H N N 247 
PRO HA   H N N 248 
PRO HB2  H N N 249 
PRO HB3  H N N 250 
PRO HG2  H N N 251 
PRO HG3  H N N 252 
PRO HD2  H N N 253 
PRO HD3  H N N 254 
PRO HXT  H N N 255 
SER N    N N N 256 
SER CA   C N S 257 
SER C    C N N 258 
SER O    O N N 259 
SER CB   C N N 260 
SER OG   O N N 261 
SER OXT  O N N 262 
SER H    H N N 263 
SER H2   H N N 264 
SER HA   H N N 265 
SER HB2  H N N 266 
SER HB3  H N N 267 
SER HG   H N N 268 
SER HXT  H N N 269 
THR N    N N N 270 
THR CA   C N S 271 
THR C    C N N 272 
THR O    O N N 273 
THR CB   C N R 274 
THR OG1  O N N 275 
THR CG2  C N N 276 
THR OXT  O N N 277 
THR H    H N N 278 
THR H2   H N N 279 
THR HA   H N N 280 
THR HB   H N N 281 
THR HG1  H N N 282 
THR HG21 H N N 283 
THR HG22 H N N 284 
THR HG23 H N N 285 
THR HXT  H N N 286 
TRP N    N N N 287 
TRP CA   C N S 288 
TRP C    C N N 289 
TRP O    O N N 290 
TRP CB   C N N 291 
TRP CG   C Y N 292 
TRP CD1  C Y N 293 
TRP CD2  C Y N 294 
TRP NE1  N Y N 295 
TRP CE2  C Y N 296 
TRP CE3  C Y N 297 
TRP CZ2  C Y N 298 
TRP CZ3  C Y N 299 
TRP CH2  C Y N 300 
TRP OXT  O N N 301 
TRP H    H N N 302 
TRP H2   H N N 303 
TRP HA   H N N 304 
TRP HB2  H N N 305 
TRP HB3  H N N 306 
TRP HD1  H N N 307 
TRP HE1  H N N 308 
TRP HE3  H N N 309 
TRP HZ2  H N N 310 
TRP HZ3  H N N 311 
TRP HH2  H N N 312 
TRP HXT  H N N 313 
TYR N    N N N 314 
TYR CA   C N S 315 
TYR C    C N N 316 
TYR O    O N N 317 
TYR CB   C N N 318 
TYR CG   C Y N 319 
TYR CD1  C Y N 320 
TYR CD2  C Y N 321 
TYR CE1  C Y N 322 
TYR CE2  C Y N 323 
TYR CZ   C Y N 324 
TYR OH   O N N 325 
TYR OXT  O N N 326 
TYR H    H N N 327 
TYR H2   H N N 328 
TYR HA   H N N 329 
TYR HB2  H N N 330 
TYR HB3  H N N 331 
TYR HD1  H N N 332 
TYR HD2  H N N 333 
TYR HE1  H N N 334 
TYR HE2  H N N 335 
TYR HH   H N N 336 
TYR HXT  H N N 337 
VAL N    N N N 338 
VAL CA   C N S 339 
VAL C    C N N 340 
VAL O    O N N 341 
VAL CB   C N N 342 
VAL CG1  C N N 343 
VAL CG2  C N N 344 
VAL OXT  O N N 345 
VAL H    H N N 346 
VAL H2   H N N 347 
VAL HA   H N N 348 
VAL HB   H N N 349 
VAL HG11 H N N 350 
VAL HG12 H N N 351 
VAL HG13 H N N 352 
VAL HG21 H N N 353 
VAL HG22 H N N 354 
VAL HG23 H N N 355 
VAL HXT  H N N 356 
# 
loop_
_chem_comp_bond.comp_id 
_chem_comp_bond.atom_id_1 
_chem_comp_bond.atom_id_2 
_chem_comp_bond.value_order 
_chem_comp_bond.pdbx_aromatic_flag 
_chem_comp_bond.pdbx_stereo_config 
_chem_comp_bond.pdbx_ordinal 
ALA N   CA   sing N N 1   
ALA N   H    sing N N 2   
ALA N   H2   sing N N 3   
ALA CA  C    sing N N 4   
ALA CA  CB   sing N N 5   
ALA CA  HA   sing N N 6   
ALA C   O    doub N N 7   
ALA C   OXT  sing N N 8   
ALA CB  HB1  sing N N 9   
ALA CB  HB2  sing N N 10  
ALA CB  HB3  sing N N 11  
ALA OXT HXT  sing N N 12  
ARG N   CA   sing N N 13  
ARG N   H    sing N N 14  
ARG N   H2   sing N N 15  
ARG CA  C    sing N N 16  
ARG CA  CB   sing N N 17  
ARG CA  HA   sing N N 18  
ARG C   O    doub N N 19  
ARG C   OXT  sing N N 20  
ARG CB  CG   sing N N 21  
ARG CB  HB2  sing N N 22  
ARG CB  HB3  sing N N 23  
ARG CG  CD   sing N N 24  
ARG CG  HG2  sing N N 25  
ARG CG  HG3  sing N N 26  
ARG CD  NE   sing N N 27  
ARG CD  HD2  sing N N 28  
ARG CD  HD3  sing N N 29  
ARG NE  CZ   sing N N 30  
ARG NE  HE   sing N N 31  
ARG CZ  NH1  sing N N 32  
ARG CZ  NH2  doub N N 33  
ARG NH1 HH11 sing N N 34  
ARG NH1 HH12 sing N N 35  
ARG NH2 HH21 sing N N 36  
ARG NH2 HH22 sing N N 37  
ARG OXT HXT  sing N N 38  
ASN N   CA   sing N N 39  
ASN N   H    sing N N 40  
ASN N   H2   sing N N 41  
ASN CA  C    sing N N 42  
ASN CA  CB   sing N N 43  
ASN CA  HA   sing N N 44  
ASN C   O    doub N N 45  
ASN C   OXT  sing N N 46  
ASN CB  CG   sing N N 47  
ASN CB  HB2  sing N N 48  
ASN CB  HB3  sing N N 49  
ASN CG  OD1  doub N N 50  
ASN CG  ND2  sing N N 51  
ASN ND2 HD21 sing N N 52  
ASN ND2 HD22 sing N N 53  
ASN OXT HXT  sing N N 54  
ASP N   CA   sing N N 55  
ASP N   H    sing N N 56  
ASP N   H2   sing N N 57  
ASP CA  C    sing N N 58  
ASP CA  CB   sing N N 59  
ASP CA  HA   sing N N 60  
ASP C   O    doub N N 61  
ASP C   OXT  sing N N 62  
ASP CB  CG   sing N N 63  
ASP CB  HB2  sing N N 64  
ASP CB  HB3  sing N N 65  
ASP CG  OD1  doub N N 66  
ASP CG  OD2  sing N N 67  
ASP OD2 HD2  sing N N 68  
ASP OXT HXT  sing N N 69  
GLN N   CA   sing N N 70  
GLN N   H    sing N N 71  
GLN N   H2   sing N N 72  
GLN CA  C    sing N N 73  
GLN CA  CB   sing N N 74  
GLN CA  HA   sing N N 75  
GLN C   O    doub N N 76  
GLN C   OXT  sing N N 77  
GLN CB  CG   sing N N 78  
GLN CB  HB2  sing N N 79  
GLN CB  HB3  sing N N 80  
GLN CG  CD   sing N N 81  
GLN CG  HG2  sing N N 82  
GLN CG  HG3  sing N N 83  
GLN CD  OE1  doub N N 84  
GLN CD  NE2  sing N N 85  
GLN NE2 HE21 sing N N 86  
GLN NE2 HE22 sing N N 87  
GLN OXT HXT  sing N N 88  
GLU N   CA   sing N N 89  
GLU N   H    sing N N 90  
GLU N   H2   sing N N 91  
GLU CA  C    sing N N 92  
GLU CA  CB   sing N N 93  
GLU CA  HA   sing N N 94  
GLU C   O    doub N N 95  
GLU C   OXT  sing N N 96  
GLU CB  CG   sing N N 97  
GLU CB  HB2  sing N N 98  
GLU CB  HB3  sing N N 99  
GLU CG  CD   sing N N 100 
GLU CG  HG2  sing N N 101 
GLU CG  HG3  sing N N 102 
GLU CD  OE1  doub N N 103 
GLU CD  OE2  sing N N 104 
GLU OE2 HE2  sing N N 105 
GLU OXT HXT  sing N N 106 
GLY N   CA   sing N N 107 
GLY N   H    sing N N 108 
GLY N   H2   sing N N 109 
GLY CA  C    sing N N 110 
GLY CA  HA2  sing N N 111 
GLY CA  HA3  sing N N 112 
GLY C   O    doub N N 113 
GLY C   OXT  sing N N 114 
GLY OXT HXT  sing N N 115 
HIS N   CA   sing N N 116 
HIS N   H    sing N N 117 
HIS N   H2   sing N N 118 
HIS CA  C    sing N N 119 
HIS CA  CB   sing N N 120 
HIS CA  HA   sing N N 121 
HIS C   O    doub N N 122 
HIS C   OXT  sing N N 123 
HIS CB  CG   sing N N 124 
HIS CB  HB2  sing N N 125 
HIS CB  HB3  sing N N 126 
HIS CG  ND1  sing Y N 127 
HIS CG  CD2  doub Y N 128 
HIS ND1 CE1  doub Y N 129 
HIS ND1 HD1  sing N N 130 
HIS CD2 NE2  sing Y N 131 
HIS CD2 HD2  sing N N 132 
HIS CE1 NE2  sing Y N 133 
HIS CE1 HE1  sing N N 134 
HIS NE2 HE2  sing N N 135 
HIS OXT HXT  sing N N 136 
HOH O   H1   sing N N 137 
HOH O   H2   sing N N 138 
ILE N   CA   sing N N 139 
ILE N   H    sing N N 140 
ILE N   H2   sing N N 141 
ILE CA  C    sing N N 142 
ILE CA  CB   sing N N 143 
ILE CA  HA   sing N N 144 
ILE C   O    doub N N 145 
ILE C   OXT  sing N N 146 
ILE CB  CG1  sing N N 147 
ILE CB  CG2  sing N N 148 
ILE CB  HB   sing N N 149 
ILE CG1 CD1  sing N N 150 
ILE CG1 HG12 sing N N 151 
ILE CG1 HG13 sing N N 152 
ILE CG2 HG21 sing N N 153 
ILE CG2 HG22 sing N N 154 
ILE CG2 HG23 sing N N 155 
ILE CD1 HD11 sing N N 156 
ILE CD1 HD12 sing N N 157 
ILE CD1 HD13 sing N N 158 
ILE OXT HXT  sing N N 159 
LEU N   CA   sing N N 160 
LEU N   H    sing N N 161 
LEU N   H2   sing N N 162 
LEU CA  C    sing N N 163 
LEU CA  CB   sing N N 164 
LEU CA  HA   sing N N 165 
LEU C   O    doub N N 166 
LEU C   OXT  sing N N 167 
LEU CB  CG   sing N N 168 
LEU CB  HB2  sing N N 169 
LEU CB  HB3  sing N N 170 
LEU CG  CD1  sing N N 171 
LEU CG  CD2  sing N N 172 
LEU CG  HG   sing N N 173 
LEU CD1 HD11 sing N N 174 
LEU CD1 HD12 sing N N 175 
LEU CD1 HD13 sing N N 176 
LEU CD2 HD21 sing N N 177 
LEU CD2 HD22 sing N N 178 
LEU CD2 HD23 sing N N 179 
LEU OXT HXT  sing N N 180 
LYS N   CA   sing N N 181 
LYS N   H    sing N N 182 
LYS N   H2   sing N N 183 
LYS CA  C    sing N N 184 
LYS CA  CB   sing N N 185 
LYS CA  HA   sing N N 186 
LYS C   O    doub N N 187 
LYS C   OXT  sing N N 188 
LYS CB  CG   sing N N 189 
LYS CB  HB2  sing N N 190 
LYS CB  HB3  sing N N 191 
LYS CG  CD   sing N N 192 
LYS CG  HG2  sing N N 193 
LYS CG  HG3  sing N N 194 
LYS CD  CE   sing N N 195 
LYS CD  HD2  sing N N 196 
LYS CD  HD3  sing N N 197 
LYS CE  NZ   sing N N 198 
LYS CE  HE2  sing N N 199 
LYS CE  HE3  sing N N 200 
LYS NZ  HZ1  sing N N 201 
LYS NZ  HZ2  sing N N 202 
LYS NZ  HZ3  sing N N 203 
LYS OXT HXT  sing N N 204 
PHE N   CA   sing N N 205 
PHE N   H    sing N N 206 
PHE N   H2   sing N N 207 
PHE CA  C    sing N N 208 
PHE CA  CB   sing N N 209 
PHE CA  HA   sing N N 210 
PHE C   O    doub N N 211 
PHE C   OXT  sing N N 212 
PHE CB  CG   sing N N 213 
PHE CB  HB2  sing N N 214 
PHE CB  HB3  sing N N 215 
PHE CG  CD1  doub Y N 216 
PHE CG  CD2  sing Y N 217 
PHE CD1 CE1  sing Y N 218 
PHE CD1 HD1  sing N N 219 
PHE CD2 CE2  doub Y N 220 
PHE CD2 HD2  sing N N 221 
PHE CE1 CZ   doub Y N 222 
PHE CE1 HE1  sing N N 223 
PHE CE2 CZ   sing Y N 224 
PHE CE2 HE2  sing N N 225 
PHE CZ  HZ   sing N N 226 
PHE OXT HXT  sing N N 227 
PRO N   CA   sing N N 228 
PRO N   CD   sing N N 229 
PRO N   H    sing N N 230 
PRO CA  C    sing N N 231 
PRO CA  CB   sing N N 232 
PRO CA  HA   sing N N 233 
PRO C   O    doub N N 234 
PRO C   OXT  sing N N 235 
PRO CB  CG   sing N N 236 
PRO CB  HB2  sing N N 237 
PRO CB  HB3  sing N N 238 
PRO CG  CD   sing N N 239 
PRO CG  HG2  sing N N 240 
PRO CG  HG3  sing N N 241 
PRO CD  HD2  sing N N 242 
PRO CD  HD3  sing N N 243 
PRO OXT HXT  sing N N 244 
SER N   CA   sing N N 245 
SER N   H    sing N N 246 
SER N   H2   sing N N 247 
SER CA  C    sing N N 248 
SER CA  CB   sing N N 249 
SER CA  HA   sing N N 250 
SER C   O    doub N N 251 
SER C   OXT  sing N N 252 
SER CB  OG   sing N N 253 
SER CB  HB2  sing N N 254 
SER CB  HB3  sing N N 255 
SER OG  HG   sing N N 256 
SER OXT HXT  sing N N 257 
THR N   CA   sing N N 258 
THR N   H    sing N N 259 
THR N   H2   sing N N 260 
THR CA  C    sing N N 261 
THR CA  CB   sing N N 262 
THR CA  HA   sing N N 263 
THR C   O    doub N N 264 
THR C   OXT  sing N N 265 
THR CB  OG1  sing N N 266 
THR CB  CG2  sing N N 267 
THR CB  HB   sing N N 268 
THR OG1 HG1  sing N N 269 
THR CG2 HG21 sing N N 270 
THR CG2 HG22 sing N N 271 
THR CG2 HG23 sing N N 272 
THR OXT HXT  sing N N 273 
TRP N   CA   sing N N 274 
TRP N   H    sing N N 275 
TRP N   H2   sing N N 276 
TRP CA  C    sing N N 277 
TRP CA  CB   sing N N 278 
TRP CA  HA   sing N N 279 
TRP C   O    doub N N 280 
TRP C   OXT  sing N N 281 
TRP CB  CG   sing N N 282 
TRP CB  HB2  sing N N 283 
TRP CB  HB3  sing N N 284 
TRP CG  CD1  doub Y N 285 
TRP CG  CD2  sing Y N 286 
TRP CD1 NE1  sing Y N 287 
TRP CD1 HD1  sing N N 288 
TRP CD2 CE2  doub Y N 289 
TRP CD2 CE3  sing Y N 290 
TRP NE1 CE2  sing Y N 291 
TRP NE1 HE1  sing N N 292 
TRP CE2 CZ2  sing Y N 293 
TRP CE3 CZ3  doub Y N 294 
TRP CE3 HE3  sing N N 295 
TRP CZ2 CH2  doub Y N 296 
TRP CZ2 HZ2  sing N N 297 
TRP CZ3 CH2  sing Y N 298 
TRP CZ3 HZ3  sing N N 299 
TRP CH2 HH2  sing N N 300 
TRP OXT HXT  sing N N 301 
TYR N   CA   sing N N 302 
TYR N   H    sing N N 303 
TYR N   H2   sing N N 304 
TYR CA  C    sing N N 305 
TYR CA  CB   sing N N 306 
TYR CA  HA   sing N N 307 
TYR C   O    doub N N 308 
TYR C   OXT  sing N N 309 
TYR CB  CG   sing N N 310 
TYR CB  HB2  sing N N 311 
TYR CB  HB3  sing N N 312 
TYR CG  CD1  doub Y N 313 
TYR CG  CD2  sing Y N 314 
TYR CD1 CE1  sing Y N 315 
TYR CD1 HD1  sing N N 316 
TYR CD2 CE2  doub Y N 317 
TYR CD2 HD2  sing N N 318 
TYR CE1 CZ   doub Y N 319 
TYR CE1 HE1  sing N N 320 
TYR CE2 CZ   sing Y N 321 
TYR CE2 HE2  sing N N 322 
TYR CZ  OH   sing N N 323 
TYR OH  HH   sing N N 324 
TYR OXT HXT  sing N N 325 
VAL N   CA   sing N N 326 
VAL N   H    sing N N 327 
VAL N   H2   sing N N 328 
VAL CA  C    sing N N 329 
VAL CA  CB   sing N N 330 
VAL CA  HA   sing N N 331 
VAL C   O    doub N N 332 
VAL C   OXT  sing N N 333 
VAL CB  CG1  sing N N 334 
VAL CB  CG2  sing N N 335 
VAL CB  HB   sing N N 336 
VAL CG1 HG11 sing N N 337 
VAL CG1 HG12 sing N N 338 
VAL CG1 HG13 sing N N 339 
VAL CG2 HG21 sing N N 340 
VAL CG2 HG22 sing N N 341 
VAL CG2 HG23 sing N N 342 
VAL OXT HXT  sing N N 343 
# 
_atom_sites.entry_id                    2QBW 
_atom_sites.fract_transf_matrix[1][1]   0.00862142 
_atom_sites.fract_transf_matrix[1][2]   0.01274225 
_atom_sites.fract_transf_matrix[1][3]   0.00980188 
_atom_sites.fract_transf_matrix[2][1]   -0.00714373 
_atom_sites.fract_transf_matrix[2][2]   -0.00284646 
_atom_sites.fract_transf_matrix[2][3]   0.00998375 
_atom_sites.fract_transf_matrix[3][1]   0.00563014 
_atom_sites.fract_transf_matrix[3][2]   -0.00566571 
_atom_sites.fract_transf_matrix[3][3]   0.00241322 
_atom_sites.fract_transf_vector[1]      0.038039 
_atom_sites.fract_transf_vector[2]      -0.078613 
_atom_sites.fract_transf_vector[3]      -0.034824 
# 
loop_
_atom_type.symbol 
C 
N 
O 
# 
loop_
_atom_site.group_PDB 
_atom_site.id 
_atom_site.type_symbol 
_atom_site.label_atom_id 
_atom_site.label_alt_id 
_atom_site.label_comp_id 
_atom_site.label_asym_id 
_atom_site.label_entity_id 
_atom_site.label_seq_id 
_atom_site.pdbx_PDB_ins_code 
_atom_site.Cartn_x 
_atom_site.Cartn_y 
_atom_site.Cartn_z 
_atom_site.occupancy 
_atom_site.B_iso_or_equiv 
_atom_site.pdbx_formal_charge 
_atom_site.auth_seq_id 
_atom_site.auth_comp_id 
_atom_site.auth_asym_id 
_atom_site.auth_atom_id 
_atom_site.pdbx_PDB_model_num 
ATOM   1    N N   . SER A 1 1   ? 1.526   2.501   10.397  1.00 36.66 ? 1   SER A N   1 
ATOM   2    C CA  . SER A 1 1   ? 0.340   1.672   9.981   1.00 36.95 ? 1   SER A CA  1 
ATOM   3    C C   . SER A 1 1   ? -0.945  2.501   9.841   1.00 35.80 ? 1   SER A C   1 
ATOM   4    O O   . SER A 1 1   ? -1.388  3.148   10.793  1.00 36.24 ? 1   SER A O   1 
ATOM   5    C CB  . SER A 1 1   ? 0.083   0.554   10.988  1.00 37.51 ? 1   SER A CB  1 
ATOM   6    O OG  . SER A 1 1   ? 0.147   1.062   12.319  1.00 40.07 ? 1   SER A OG  1 
ATOM   7    N N   . PRO A 1 2   ? -1.537  2.486   8.646   1.00 34.49 ? 2   PRO A N   1 
ATOM   8    C CA  . PRO A 1 2   ? -2.776  3.150   8.268   1.00 32.37 ? 2   PRO A CA  1 
ATOM   9    C C   . PRO A 1 2   ? -3.963  2.946   9.201   1.00 30.46 ? 2   PRO A C   1 
ATOM   10   O O   . PRO A 1 2   ? -4.199  1.831   9.654   1.00 30.84 ? 2   PRO A O   1 
ATOM   11   C CB  . PRO A 1 2   ? -3.099  2.480   6.941   1.00 33.31 ? 2   PRO A CB  1 
ATOM   12   C CG  . PRO A 1 2   ? -1.814  2.201   6.368   1.00 33.47 ? 2   PRO A CG  1 
ATOM   13   C CD  . PRO A 1 2   ? -0.932  1.805   7.483   1.00 34.47 ? 2   PRO A CD  1 
ATOM   14   N N   . GLU A 1 3   ? -4.716  4.010   9.454   1.00 27.36 ? 3   GLU A N   1 
ATOM   15   C CA  . GLU A 1 3   ? -6.024  3.856   10.095  1.00 24.63 ? 3   GLU A CA  1 
ATOM   16   C C   . GLU A 1 3   ? -7.135  4.809   9.612   1.00 21.93 ? 3   GLU A C   1 
ATOM   17   O O   . GLU A 1 3   ? -8.190  4.885   10.234  1.00 20.98 ? 3   GLU A O   1 
ATOM   18   C CB  . GLU A 1 3   ? -5.892  3.918   11.612  1.00 25.81 ? 3   GLU A CB  1 
ATOM   19   C CG  . GLU A 1 3   ? -4.499  3.905   12.228  1.00 26.61 ? 3   GLU A CG  1 
ATOM   20   C CD  . GLU A 1 3   ? -4.580  3.867   13.751  1.00 33.29 ? 3   GLU A CD  1 
ATOM   21   O OE1 . GLU A 1 3   ? -5.425  4.611   14.319  1.00 34.18 ? 3   GLU A OE1 1 
ATOM   22   O OE2 . GLU A 1 3   ? -3.811  3.097   14.390  1.00 35.18 ? 3   GLU A OE2 1 
ATOM   23   N N   . LEU A 1 4   ? -6.919  5.529   8.511   1.00 19.72 ? 4   LEU A N   1 
ATOM   24   C CA  . LEU A 1 4   ? -7.940  6.413   7.969   1.00 18.40 ? 4   LEU A CA  1 
ATOM   25   C C   . LEU A 1 4   ? -8.794  5.729   6.902   1.00 18.10 ? 4   LEU A C   1 
ATOM   26   O O   . LEU A 1 4   ? -9.835  6.230   6.550   1.00 18.86 ? 4   LEU A O   1 
ATOM   27   C CB  . LEU A 1 4   ? -7.328  7.674   7.365   1.00 17.86 ? 4   LEU A CB  1 
ATOM   28   C CG  . LEU A 1 4   ? -6.717  8.666   8.360   1.00 19.29 ? 4   LEU A CG  1 
ATOM   29   C CD1 . LEU A 1 4   ? -5.864  9.673   7.655   1.00 20.22 ? 4   LEU A CD1 1 
ATOM   30   C CD2 . LEU A 1 4   ? -7.826  9.397   9.125   1.00 20.17 ? 4   LEU A CD2 1 
ATOM   31   N N   . GLY A 1 5   ? -8.286  4.647   6.314   1.00 17.57 ? 5   GLY A N   1 
ATOM   32   C CA  . GLY A 1 5   ? -9.036  3.861   5.380   1.00 16.61 ? 5   GLY A CA  1 
ATOM   33   C C   . GLY A 1 5   ? -9.108  4.399   3.974   1.00 14.74 ? 5   GLY A C   1 
ATOM   34   O O   . GLY A 1 5   ? -10.093 4.194   3.259   1.00 15.46 ? 5   GLY A O   1 
ATOM   35   N N   . PHE A 1 6   ? -8.041  5.078   3.548   1.00 13.44 ? 6   PHE A N   1 
ATOM   36   C CA  . PHE A 1 6   ? -7.953  5.469   2.152   1.00 11.88 ? 6   PHE A CA  1 
ATOM   37   C C   . PHE A 1 6   ? -6.495  5.599   1.778   1.00 10.19 ? 6   PHE A C   1 
ATOM   38   O O   . PHE A 1 6   ? -5.625  5.646   2.662   1.00 10.05 ? 6   PHE A O   1 
ATOM   39   C CB  . PHE A 1 6   ? -8.744  6.750   1.864   1.00 11.88 ? 6   PHE A CB  1 
ATOM   40   C CG  . PHE A 1 6   ? -8.238  7.987   2.540   1.00 11.01 ? 6   PHE A CG  1 
ATOM   41   C CD1 . PHE A 1 6   ? -7.323  8.835   1.903   1.00 12.84 ? 6   PHE A CD1 1 
ATOM   42   C CD2 . PHE A 1 6   ? -8.700  8.363   3.805   1.00 14.12 ? 6   PHE A CD2 1 
ATOM   43   C CE1 . PHE A 1 6   ? -6.903  9.992   2.507   1.00 12.56 ? 6   PHE A CE1 1 
ATOM   44   C CE2 . PHE A 1 6   ? -8.254  9.524   4.405   1.00 14.16 ? 6   PHE A CE2 1 
ATOM   45   C CZ  . PHE A 1 6   ? -7.336  10.332  3.757   1.00 14.70 ? 6   PHE A CZ  1 
ATOM   46   N N   . SER A 1 7   ? -6.249  5.578   0.479   1.00 12.28 ? 7   SER A N   1 
ATOM   47   C CA  . SER A 1 7   ? -4.902  5.816   -0.034  1.00 11.49 ? 7   SER A CA  1 
ATOM   48   C C   . SER A 1 7   ? -4.828  7.164   -0.700  1.00 11.74 ? 7   SER A C   1 
ATOM   49   O O   . SER A 1 7   ? -5.837  7.704   -1.220  1.00 11.00 ? 7   SER A O   1 
ATOM   50   C CB  . SER A 1 7   ? -4.440  4.707   -1.021  1.00 10.93 ? 7   SER A CB  1 
ATOM   51   O OG  . SER A 1 7   ? -5.156  4.695   -2.249  1.00 11.26 ? 7   SER A OG  1 
ATOM   52   N N   . ILE A 1 8   ? -3.589  7.677   -0.784  1.00 10.98 ? 8   ILE A N   1 
ATOM   53   C CA  . ILE A 1 8   ? -3.367  8.915   -1.506  1.00 10.87 ? 8   ILE A CA  1 
ATOM   54   C C   . ILE A 1 8   ? -2.308  8.705   -2.568  1.00 10.97 ? 8   ILE A C   1 
ATOM   55   O O   . ILE A 1 8   ? -1.424  7.875   -2.387  1.00 10.77 ? 8   ILE A O   1 
ATOM   56   C CB  . ILE A 1 8   ? -2.933  10.032  -0.584  1.00 11.10 ? 8   ILE A CB  1 
ATOM   57   C CG1 . ILE A 1 8   ? -1.679  9.674   0.240   1.00 11.47 ? 8   ILE A CG1 1 
ATOM   58   C CG2 . ILE A 1 8   ? -4.063  10.409  0.365   1.00 12.09 ? 8   ILE A CG2 1 
ATOM   59   C CD1 . ILE A 1 8   ? -1.052  10.845  0.946   1.00 13.16 ? 8   ILE A CD1 1 
ATOM   60   N N   . SER A 1 9   ? -2.400  9.496   -3.625  1.00 11.71 ? 9   SER A N   1 
ATOM   61   C CA  . SER A 1 9   ? -1.369  9.584   -4.648  1.00 11.24 ? 9   SER A CA  1 
ATOM   62   C C   . SER A 1 9   ? -0.993  11.057  -4.838  1.00 12.63 ? 9   SER A C   1 
ATOM   63   O O   . SER A 1 9   ? -1.714  11.954  -4.413  1.00 12.83 ? 9   SER A O   1 
ATOM   64   C CB  . SER A 1 9   ? -1.861  8.959   -5.940  1.00 12.29 ? 9   SER A CB  1 
ATOM   65   O OG  . SER A 1 9   ? -2.985  9.632   -6.492  1.00 12.87 ? 9   SER A OG  1 
ATOM   66   N N   . GLY A 1 10  ? 0.128   11.315  -5.506  1.00 12.15 ? 10  GLY A N   1 
ATOM   67   C CA  . GLY A 1 10  ? 0.505   12.678  -5.828  1.00 12.14 ? 10  GLY A CA  1 
ATOM   68   C C   . GLY A 1 10  ? 1.580   13.263  -4.950  1.00 12.12 ? 10  GLY A C   1 
ATOM   69   O O   . GLY A 1 10  ? 2.171   12.577  -4.113  1.00 13.11 ? 10  GLY A O   1 
ATOM   70   N N   . GLY A 1 11  ? 1.778   14.572  -5.075  1.00 11.49 ? 11  GLY A N   1 
ATOM   71   C CA  . GLY A 1 11  ? 2.770   15.267  -4.311  1.00 11.80 ? 11  GLY A CA  1 
ATOM   72   C C   . GLY A 1 11  ? 3.864   15.807  -5.216  1.00 13.87 ? 11  GLY A C   1 
ATOM   73   O O   . GLY A 1 11  ? 4.132   15.243  -6.273  1.00 13.53 ? 11  GLY A O   1 
ATOM   74   N N   . VAL A 1 12  ? 4.481   16.889  -4.787  1.00 14.28 ? 12  VAL A N   1 
ATOM   75   C CA  . VAL A 1 12  ? 5.591   17.477  -5.538  1.00 16.13 ? 12  VAL A CA  1 
ATOM   76   C C   . VAL A 1 12  ? 6.728   16.473  -5.590  1.00 17.16 ? 12  VAL A C   1 
ATOM   77   O O   . VAL A 1 12  ? 7.191   15.975  -4.565  1.00 17.37 ? 12  VAL A O   1 
ATOM   78   C CB  . VAL A 1 12  ? 6.060   18.782  -4.877  1.00 15.90 ? 12  VAL A CB  1 
ATOM   79   C CG1 . VAL A 1 12  ? 7.296   19.364  -5.558  1.00 18.08 ? 12  VAL A CG1 1 
ATOM   80   C CG2 . VAL A 1 12  ? 4.947   19.771  -4.864  1.00 15.10 ? 12  VAL A CG2 1 
ATOM   81   N N   . GLY A 1 13  ? 7.150   16.145  -6.809  1.00 18.85 ? 13  GLY A N   1 
ATOM   82   C CA  . GLY A 1 13  ? 8.199   15.144  -7.028  1.00 19.66 ? 13  GLY A CA  1 
ATOM   83   C C   . GLY A 1 13  ? 7.756   13.698  -6.905  1.00 21.07 ? 13  GLY A C   1 
ATOM   84   O O   . GLY A 1 13  ? 8.584   12.786  -6.908  1.00 23.04 ? 13  GLY A O   1 
ATOM   85   N N   . GLY A 1 14  ? 6.457   13.486  -6.740  1.00 20.74 ? 14  GLY A N   1 
ATOM   86   C CA  . GLY A 1 14  ? 5.878   12.167  -6.608  1.00 21.15 ? 14  GLY A CA  1 
ATOM   87   C C   . GLY A 1 14  ? 5.679   11.416  -7.913  1.00 20.55 ? 14  GLY A C   1 
ATOM   88   O O   . GLY A 1 14  ? 6.165   11.814  -8.989  1.00 20.82 ? 14  GLY A O   1 
ATOM   89   N N   . ARG A 1 15  ? 4.925   10.330  -7.828  1.00 20.17 ? 15  ARG A N   1 
ATOM   90   C CA  . ARG A 1 15  ? 4.641   9.491   -9.000  1.00 19.35 ? 15  ARG A CA  1 
ATOM   91   C C   . ARG A 1 15  ? 3.377   9.891   -9.762  1.00 19.45 ? 15  ARG A C   1 
ATOM   92   O O   . ARG A 1 15  ? 2.939   9.176   -10.661 1.00 19.90 ? 15  ARG A O   1 
ATOM   93   C CB  . ARG A 1 15  ? 4.552   8.033   -8.537  1.00 19.37 ? 15  ARG A CB  1 
ATOM   94   C CG  . ARG A 1 15  ? 5.884   7.469   -8.113  1.00 18.84 ? 15  ARG A CG  1 
ATOM   95   C CD  . ARG A 1 15  ? 5.761   5.978   -7.837  1.00 18.45 ? 15  ARG A CD  1 
ATOM   96   N NE  . ARG A 1 15  ? 7.039   5.398   -7.484  1.00 18.66 ? 15  ARG A NE  1 
ATOM   97   C CZ  . ARG A 1 15  ? 7.213   4.140   -7.093  1.00 20.95 ? 15  ARG A CZ  1 
ATOM   98   N NH1 . ARG A 1 15  ? 6.185   3.304   -7.018  1.00 19.99 ? 15  ARG A NH1 1 
ATOM   99   N NH2 . ARG A 1 15  ? 8.423   3.724   -6.781  1.00 21.50 ? 15  ARG A NH2 1 
ATOM   100  N N   . GLY A 1 16  ? 2.786   11.037  -9.420  1.00 17.55 ? 16  GLY A N   1 
ATOM   101  C CA  . GLY A 1 16  ? 1.644   11.525  -10.124 1.00 17.87 ? 16  GLY A CA  1 
ATOM   102  C C   . GLY A 1 16  ? 0.342   10.946  -9.625  1.00 17.61 ? 16  GLY A C   1 
ATOM   103  O O   . GLY A 1 16  ? 0.339   10.224  -8.672  1.00 17.08 ? 16  GLY A O   1 
ATOM   104  N N   . ASN A 1 17  ? -0.735  11.241  -10.329 1.00 18.83 ? 17  ASN A N   1 
ATOM   105  C CA  . ASN A 1 17  ? -2.035  10.716  -9.960  1.00 18.57 ? 17  ASN A CA  1 
ATOM   106  C C   . ASN A 1 17  ? -2.874  10.405  -11.190 1.00 19.62 ? 17  ASN A C   1 
ATOM   107  O O   . ASN A 1 17  ? -2.679  10.994  -12.266 1.00 20.07 ? 17  ASN A O   1 
ATOM   108  C CB  . ASN A 1 17  ? -2.757  11.716  -9.045  1.00 18.53 ? 17  ASN A CB  1 
ATOM   109  C CG  . ASN A 1 17  ? -3.205  12.944  -9.778  1.00 16.46 ? 17  ASN A CG  1 
ATOM   110  O OD1 . ASN A 1 17  ? -2.467  13.946  -9.874  1.00 19.46 ? 17  ASN A OD1 1 
ATOM   111  N ND2 . ASN A 1 17  ? -4.399  12.880  -10.342 1.00 13.29 ? 17  ASN A ND2 1 
ATOM   112  N N   . PRO A 1 18  ? -3.827  9.479   -11.045 1.00 19.55 ? 18  PRO A N   1 
ATOM   113  C CA  . PRO A 1 18  ? -4.678  9.062   -12.163 1.00 20.13 ? 18  PRO A CA  1 
ATOM   114  C C   . PRO A 1 18  ? -5.870  9.943   -12.512 1.00 20.95 ? 18  PRO A C   1 
ATOM   115  O O   . PRO A 1 18  ? -6.652  9.616   -13.434 1.00 22.99 ? 18  PRO A O   1 
ATOM   116  C CB  . PRO A 1 18  ? -5.130  7.676   -11.714 1.00 20.18 ? 18  PRO A CB  1 
ATOM   117  C CG  . PRO A 1 18  ? -5.257  7.808   -10.256 1.00 19.43 ? 18  PRO A CG  1 
ATOM   118  C CD  . PRO A 1 18  ? -4.110  8.681   -9.837  1.00 19.18 ? 18  PRO A CD  1 
ATOM   119  N N   . PHE A 1 19  ? -5.989  11.081  -11.851 1.00 20.52 ? 19  PHE A N   1 
ATOM   120  C CA  . PHE A 1 19  ? -7.107  11.969  -12.046 1.00 20.85 ? 19  PHE A CA  1 
ATOM   121  C C   . PHE A 1 19  ? -6.779  13.180  -12.902 1.00 22.80 ? 19  PHE A C   1 
ATOM   122  O O   . PHE A 1 19  ? -7.557  13.511  -13.817 1.00 22.89 ? 19  PHE A O   1 
ATOM   123  C CB  . PHE A 1 19  ? -7.682  12.370  -10.692 1.00 20.34 ? 19  PHE A CB  1 
ATOM   124  C CG  . PHE A 1 19  ? -7.899  11.202  -9.807  1.00 17.82 ? 19  PHE A CG  1 
ATOM   125  C CD1 . PHE A 1 19  ? -7.052  10.953  -8.751  1.00 17.50 ? 19  PHE A CD1 1 
ATOM   126  C CD2 . PHE A 1 19  ? -8.923  10.304  -10.063 1.00 18.65 ? 19  PHE A CD2 1 
ATOM   127  C CE1 . PHE A 1 19  ? -7.220  9.843   -7.943  1.00 15.86 ? 19  PHE A CE1 1 
ATOM   128  C CE2 . PHE A 1 19  ? -9.094  9.174   -9.260  1.00 18.54 ? 19  PHE A CE2 1 
ATOM   129  C CZ  . PHE A 1 19  ? -8.270  8.945   -8.207  1.00 18.50 ? 19  PHE A CZ  1 
ATOM   130  N N   . ARG A 1 20  ? -5.658  13.837  -12.591 1.00 23.48 ? 20  ARG A N   1 
ATOM   131  C CA  . ARG A 1 20  ? -5.328  15.148  -13.131 1.00 25.77 ? 20  ARG A CA  1 
ATOM   132  C C   . ARG A 1 20  ? -3.850  15.170  -13.463 1.00 26.62 ? 20  ARG A C   1 
ATOM   133  O O   . ARG A 1 20  ? -3.014  15.339  -12.578 1.00 25.92 ? 20  ARG A O   1 
ATOM   134  C CB  . ARG A 1 20  ? -5.636  16.267  -12.138 1.00 26.35 ? 20  ARG A CB  1 
ATOM   135  C CG  . ARG A 1 20  ? -7.019  16.260  -11.594 1.00 29.18 ? 20  ARG A CG  1 
ATOM   136  C CD  . ARG A 1 20  ? -8.070  16.598  -12.588 1.00 34.88 ? 20  ARG A CD  1 
ATOM   137  N NE  . ARG A 1 20  ? -9.363  16.686  -11.897 1.00 39.24 ? 20  ARG A NE  1 
ATOM   138  C CZ  . ARG A 1 20  ? -10.551 16.664  -12.491 1.00 41.71 ? 20  ARG A CZ  1 
ATOM   139  N NH1 . ARG A 1 20  ? -10.649 16.545  -13.812 1.00 43.68 ? 20  ARG A NH1 1 
ATOM   140  N NH2 . ARG A 1 20  ? -11.652 16.749  -11.753 1.00 41.19 ? 20  ARG A NH2 1 
ATOM   141  N N   . PRO A 1 21  ? -3.522  15.044  -14.755 1.00 29.10 ? 21  PRO A N   1 
ATOM   142  C CA  . PRO A 1 21  ? -2.131  14.817  -15.157 1.00 29.83 ? 21  PRO A CA  1 
ATOM   143  C C   . PRO A 1 21  ? -1.159  15.921  -14.722 1.00 29.78 ? 21  PRO A C   1 
ATOM   144  O O   . PRO A 1 21  ? -0.054  15.615  -14.225 1.00 32.53 ? 21  PRO A O   1 
ATOM   145  C CB  . PRO A 1 21  ? -2.224  14.720  -16.694 1.00 30.03 ? 21  PRO A CB  1 
ATOM   146  C CG  . PRO A 1 21  ? -3.454  15.442  -17.054 1.00 30.88 ? 21  PRO A CG  1 
ATOM   147  C CD  . PRO A 1 21  ? -4.417  15.147  -15.916 1.00 29.35 ? 21  PRO A CD  1 
ATOM   148  N N   . ASP A 1 22  ? -1.592  17.165  -14.833 1.00 29.06 ? 22  ASP A N   1 
ATOM   149  C CA  . ASP A 1 22  ? -0.720  18.324  -14.614 1.00 28.46 ? 22  ASP A CA  1 
ATOM   150  C C   . ASP A 1 22  ? -0.864  18.939  -13.224 1.00 26.08 ? 22  ASP A C   1 
ATOM   151  O O   . ASP A 1 22  ? -0.496  20.104  -13.013 1.00 24.35 ? 22  ASP A O   1 
ATOM   152  C CB  . ASP A 1 22  ? -1.019  19.416  -15.660 1.00 29.74 ? 22  ASP A CB  1 
ATOM   153  C CG  . ASP A 1 22  ? -1.075  18.885  -17.067 1.00 32.27 ? 22  ASP A CG  1 
ATOM   154  O OD1 . ASP A 1 22  ? -1.847  19.460  -17.873 1.00 36.35 ? 22  ASP A OD1 1 
ATOM   155  O OD2 . ASP A 1 22  ? -0.347  17.913  -17.364 1.00 34.63 ? 22  ASP A OD2 1 
ATOM   156  N N   . ASP A 1 23  ? -1.429  18.189  -12.272 1.00 23.27 ? 23  ASP A N   1 
ATOM   157  C CA  . ASP A 1 23  ? -1.628  18.707  -10.924 1.00 21.85 ? 23  ASP A CA  1 
ATOM   158  C C   . ASP A 1 23  ? -0.743  17.884  -10.004 1.00 20.38 ? 23  ASP A C   1 
ATOM   159  O O   . ASP A 1 23  ? -0.858  16.660  -9.987  1.00 20.16 ? 23  ASP A O   1 
ATOM   160  C CB  . ASP A 1 23  ? -3.110  18.568  -10.520 1.00 21.59 ? 23  ASP A CB  1 
ATOM   161  C CG  . ASP A 1 23  ? -3.444  19.297  -9.225  1.00 21.94 ? 23  ASP A CG  1 
ATOM   162  O OD1 . ASP A 1 23  ? -2.618  19.322  -8.305  1.00 23.22 ? 23  ASP A OD1 1 
ATOM   163  O OD2 . ASP A 1 23  ? -4.562  19.874  -9.114  1.00 24.19 ? 23  ASP A OD2 1 
ATOM   164  N N   . ASP A 1 24  ? 0.166   18.524  -9.272  1.00 19.34 ? 24  ASP A N   1 
ATOM   165  C CA  . ASP A 1 24  ? 1.038   17.754  -8.366  1.00 18.40 ? 24  ASP A CA  1 
ATOM   166  C C   . ASP A 1 24  ? 0.511   17.681  -6.936  1.00 16.46 ? 24  ASP A C   1 
ATOM   167  O O   . ASP A 1 24  ? 1.256   17.329  -6.031  1.00 15.58 ? 24  ASP A O   1 
ATOM   168  C CB  . ASP A 1 24  ? 2.499   18.220  -8.391  1.00 20.30 ? 24  ASP A CB  1 
ATOM   169  C CG  . ASP A 1 24  ? 2.665   19.659  -8.087  1.00 23.93 ? 24  ASP A CG  1 
ATOM   170  O OD1 . ASP A 1 24  ? 1.764   20.271  -7.466  1.00 28.49 ? 24  ASP A OD1 1 
ATOM   171  O OD2 . ASP A 1 24  ? 3.735   20.190  -8.474  1.00 28.83 ? 24  ASP A OD2 1 
ATOM   172  N N   . GLY A 1 25  ? -0.768  17.953  -6.761  1.00 14.54 ? 25  GLY A N   1 
ATOM   173  C CA  . GLY A 1 25  ? -1.397  17.838  -5.433  1.00 13.63 ? 25  GLY A CA  1 
ATOM   174  C C   . GLY A 1 25  ? -1.552  16.427  -4.979  1.00 12.55 ? 25  GLY A C   1 
ATOM   175  O O   . GLY A 1 25  ? -1.177  15.483  -5.677  1.00 12.90 ? 25  GLY A O   1 
ATOM   176  N N   . ILE A 1 26  ? -2.143  16.300  -3.780  1.00 11.58 ? 26  ILE A N   1 
ATOM   177  C CA  . ILE A 1 26  ? -2.378  15.031  -3.106  1.00 11.54 ? 26  ILE A CA  1 
ATOM   178  C C   . ILE A 1 26  ? -3.837  14.672  -3.382  1.00 11.76 ? 26  ILE A C   1 
ATOM   179  O O   . ILE A 1 26  ? -4.752  15.502  -3.124  1.00 12.10 ? 26  ILE A O   1 
ATOM   180  C CB  . ILE A 1 26  ? -2.158  15.165  -1.590  1.00 11.51 ? 26  ILE A CB  1 
ATOM   181  C CG1 . ILE A 1 26  ? -0.683  15.512  -1.219  1.00 12.99 ? 26  ILE A CG1 1 
ATOM   182  C CG2 . ILE A 1 26  ? -2.628  13.885  -0.854  1.00 11.98 ? 26  ILE A CG2 1 
ATOM   183  C CD1 . ILE A 1 26  ? 0.281   14.424  -1.621  1.00 14.85 ? 26  ILE A CD1 1 
ATOM   184  N N   . PHE A 1 27  ? -4.066  13.460  -3.904  1.00 10.68 ? 27  PHE A N   1 
ATOM   185  C CA  . PHE A 1 27  ? -5.439  12.974  -4.279  1.00 11.44 ? 27  PHE A CA  1 
ATOM   186  C C   . PHE A 1 27  ? -5.844  11.698  -3.580  1.00 11.80 ? 27  PHE A C   1 
ATOM   187  O O   . PHE A 1 27  ? -5.093  10.736  -3.552  1.00 10.34 ? 27  PHE A O   1 
ATOM   188  C CB  . PHE A 1 27  ? -5.531  12.722  -5.760  1.00 11.52 ? 27  PHE A CB  1 
ATOM   189  C CG  . PHE A 1 27  ? -5.460  13.971  -6.544  1.00 11.29 ? 27  PHE A CG  1 
ATOM   190  C CD1 . PHE A 1 27  ? -4.220  14.557  -6.828  1.00 13.67 ? 27  PHE A CD1 1 
ATOM   191  C CD2 . PHE A 1 27  ? -6.594  14.575  -6.996  1.00 12.36 ? 27  PHE A CD2 1 
ATOM   192  C CE1 . PHE A 1 27  ? -4.158  15.707  -7.541  1.00 12.01 ? 27  PHE A CE1 1 
ATOM   193  C CE2 . PHE A 1 27  ? -6.518  15.776  -7.722  1.00 14.20 ? 27  PHE A CE2 1 
ATOM   194  C CZ  . PHE A 1 27  ? -5.323  16.326  -7.981  1.00 13.27 ? 27  PHE A CZ  1 
ATOM   195  N N   . VAL A 1 28  ? -7.062  11.663  -3.043  1.00 11.78 ? 28  VAL A N   1 
ATOM   196  C CA  . VAL A 1 28  ? -7.612  10.419  -2.541  1.00 12.52 ? 28  VAL A CA  1 
ATOM   197  C C   . VAL A 1 28  ? -7.735  9.494   -3.730  1.00 12.03 ? 28  VAL A C   1 
ATOM   198  O O   . VAL A 1 28  ? -8.260  9.893   -4.788  1.00 12.25 ? 28  VAL A O   1 
ATOM   199  C CB  . VAL A 1 28  ? -9.022  10.665  -1.916  1.00 12.71 ? 28  VAL A CB  1 
ATOM   200  C CG1 . VAL A 1 28  ? -9.710  9.352   -1.502  1.00 14.25 ? 28  VAL A CG1 1 
ATOM   201  C CG2 . VAL A 1 28  ? -8.881  11.598  -0.746  1.00 13.56 ? 28  VAL A CG2 1 
ATOM   202  N N   . THR A 1 29  ? -7.244  8.279   -3.575  1.00 12.48 ? 29  THR A N   1 
ATOM   203  C CA  . THR A 1 29  ? -7.162  7.334   -4.703  1.00 13.22 ? 29  THR A CA  1 
ATOM   204  C C   . THR A 1 29  ? -8.071  6.118   -4.560  1.00 14.12 ? 29  THR A C   1 
ATOM   205  O O   . THR A 1 29  ? -8.973  5.927   -5.407  1.00 15.30 ? 29  THR A O   1 
ATOM   206  C CB  . THR A 1 29  ? -5.700  7.006   -4.979  1.00 14.44 ? 29  THR A CB  1 
ATOM   207  O OG1 . THR A 1 29  ? -5.031  8.260   -5.160  1.00 14.38 ? 29  THR A OG1 1 
ATOM   208  C CG2 . THR A 1 29  ? -5.534  6.162   -6.212  1.00 15.61 ? 29  THR A CG2 1 
ATOM   209  N N   . ARG A 1 30  ? -7.874  5.316   -3.526  1.00 14.57 ? 30  ARG A N   1 
ATOM   210  C CA  . ARG A 1 30  ? -8.797  4.224   -3.221  1.00 15.61 ? 30  ARG A CA  1 
ATOM   211  C C   . ARG A 1 30  ? -9.353  4.434   -1.822  1.00 14.95 ? 30  ARG A C   1 
ATOM   212  O O   . ARG A 1 30  ? -8.669  4.952   -0.946  1.00 14.76 ? 30  ARG A O   1 
ATOM   213  C CB  . ARG A 1 30  ? -8.084  2.870   -3.337  1.00 15.67 ? 30  ARG A CB  1 
ATOM   214  C CG  . ARG A 1 30  ? -7.516  2.612   -4.725  1.00 18.37 ? 30  ARG A CG  1 
ATOM   215  C CD  . ARG A 1 30  ? -6.709  1.267   -4.803  1.00 21.80 ? 30  ARG A CD  1 
ATOM   216  N NE  . ARG A 1 30  ? -7.603  0.210   -4.499  1.00 21.10 ? 30  ARG A NE  1 
ATOM   217  C CZ  . ARG A 1 30  ? -7.436  -0.792  -3.638  1.00 18.25 ? 30  ARG A CZ  1 
ATOM   218  N NH1 . ARG A 1 30  ? -6.307  -1.055  -2.973  1.00 15.71 ? 30  ARG A NH1 1 
ATOM   219  N NH2 . ARG A 1 30  ? -8.459  -1.585  -3.492  1.00 18.97 ? 30  ARG A NH2 1 
ATOM   220  N N   . VAL A 1 31  ? -10.599 4.033   -1.621  1.00 15.17 ? 31  VAL A N   1 
ATOM   221  C CA  . VAL A 1 31  ? -11.250 4.179   -0.330  1.00 15.88 ? 31  VAL A CA  1 
ATOM   222  C C   . VAL A 1 31  ? -11.776 2.809   0.099   1.00 17.70 ? 31  VAL A C   1 
ATOM   223  O O   . VAL A 1 31  ? -12.483 2.140   -0.666  1.00 17.76 ? 31  VAL A O   1 
ATOM   224  C CB  . VAL A 1 31  ? -12.395 5.170   -0.420  1.00 17.03 ? 31  VAL A CB  1 
ATOM   225  C CG1 . VAL A 1 31  ? -13.083 5.313   0.953   1.00 18.39 ? 31  VAL A CG1 1 
ATOM   226  C CG2 . VAL A 1 31  ? -11.913 6.536   -0.911  1.00 16.46 ? 31  VAL A CG2 1 
ATOM   227  N N   . GLN A 1 32  ? -11.409 2.399   1.299   1.00 18.89 ? 32  GLN A N   1 
ATOM   228  C CA  . GLN A 1 32  ? -11.865 1.127   1.858   1.00 20.21 ? 32  GLN A CA  1 
ATOM   229  C C   . GLN A 1 32  ? -13.367 1.171   2.155   1.00 21.45 ? 32  GLN A C   1 
ATOM   230  O O   . GLN A 1 32  ? -13.831 2.002   2.942   1.00 20.17 ? 32  GLN A O   1 
ATOM   231  C CB  . GLN A 1 32  ? -11.095 0.787   3.116   1.00 20.61 ? 32  GLN A CB  1 
ATOM   232  C CG  . GLN A 1 32  ? -11.547 -0.525  3.761   1.00 23.73 ? 32  GLN A CG  1 
ATOM   233  C CD  . GLN A 1 32  ? -10.747 -0.895  4.967   1.00 29.32 ? 32  GLN A CD  1 
ATOM   234  O OE1 . GLN A 1 32  ? -10.381 -0.045  5.782   1.00 35.43 ? 32  GLN A OE1 1 
ATOM   235  N NE2 . GLN A 1 32  ? -10.501 -2.191  5.124   1.00 36.27 ? 32  GLN A NE2 1 
ATOM   236  N N   . PRO A 1 33  ? -14.126 0.260   1.545   1.00 22.61 ? 33  PRO A N   1 
ATOM   237  C CA  . PRO A 1 33  ? -15.554 0.253   1.838   1.00 24.47 ? 33  PRO A CA  1 
ATOM   238  C C   . PRO A 1 33  ? -15.833 -0.043  3.308   1.00 25.17 ? 33  PRO A C   1 
ATOM   239  O O   . PRO A 1 33  ? -15.132 -0.817  3.928   1.00 25.41 ? 33  PRO A O   1 
ATOM   240  C CB  . PRO A 1 33  ? -16.085 -0.883  0.946   1.00 25.17 ? 33  PRO A CB  1 
ATOM   241  C CG  . PRO A 1 33  ? -15.081 -0.984  -0.146  1.00 24.62 ? 33  PRO A CG  1 
ATOM   242  C CD  . PRO A 1 33  ? -13.780 -0.758  0.539   1.00 23.18 ? 33  PRO A CD  1 
ATOM   243  N N   . GLU A 1 34  ? -16.849 0.603   3.848   1.00 27.61 ? 34  GLU A N   1 
ATOM   244  C CA  . GLU A 1 34  ? -17.190 0.507   5.261   1.00 29.07 ? 34  GLU A CA  1 
ATOM   245  C C   . GLU A 1 34  ? -16.060 0.925   6.223   1.00 28.62 ? 34  GLU A C   1 
ATOM   246  O O   . GLU A 1 34  ? -16.141 0.664   7.421   1.00 30.01 ? 34  GLU A O   1 
ATOM   247  C CB  . GLU A 1 34  ? -17.722 -0.895  5.579   1.00 30.75 ? 34  GLU A CB  1 
ATOM   248  C CG  . GLU A 1 34  ? -19.200 -1.069  5.212   1.00 35.03 ? 34  GLU A CG  1 
ATOM   249  C CD  . GLU A 1 34  ? -20.139 -0.847  6.408   1.00 41.63 ? 34  GLU A CD  1 
ATOM   250  O OE1 . GLU A 1 34  ? -19.990 -1.569  7.421   1.00 46.10 ? 34  GLU A OE1 1 
ATOM   251  O OE2 . GLU A 1 34  ? -21.032 0.035   6.341   1.00 45.81 ? 34  GLU A OE2 1 
ATOM   252  N N   . GLY A 1 35  ? -15.027 1.595   5.707   1.00 26.86 ? 35  GLY A N   1 
ATOM   253  C CA  . GLY A 1 35  ? -13.966 2.166   6.543   1.00 25.16 ? 35  GLY A CA  1 
ATOM   254  C C   . GLY A 1 35  ? -14.320 3.578   6.984   1.00 23.62 ? 35  GLY A C   1 
ATOM   255  O O   . GLY A 1 35  ? -15.389 4.096   6.627   1.00 23.43 ? 35  GLY A O   1 
ATOM   256  N N   . PRO A 1 36  ? -13.425 4.225   7.748   1.00 21.99 ? 36  PRO A N   1 
ATOM   257  C CA  . PRO A 1 36  ? -13.695 5.564   8.302   1.00 21.91 ? 36  PRO A CA  1 
ATOM   258  C C   . PRO A 1 36  ? -14.020 6.639   7.277   1.00 20.78 ? 36  PRO A C   1 
ATOM   259  O O   . PRO A 1 36  ? -14.767 7.565   7.593   1.00 21.00 ? 36  PRO A O   1 
ATOM   260  C CB  . PRO A 1 36  ? -12.398 5.916   9.035   1.00 21.71 ? 36  PRO A CB  1 
ATOM   261  C CG  . PRO A 1 36  ? -11.753 4.610   9.317   1.00 22.12 ? 36  PRO A CG  1 
ATOM   262  C CD  . PRO A 1 36  ? -12.118 3.712   8.190   1.00 21.83 ? 36  PRO A CD  1 
ATOM   263  N N   . ALA A 1 37  ? -13.470 6.538   6.073   1.00 19.94 ? 37  ALA A N   1 
ATOM   264  C CA  . ALA A 1 37  ? -13.685 7.556   5.038   1.00 20.18 ? 37  ALA A CA  1 
ATOM   265  C C   . ALA A 1 37  ? -14.803 7.240   4.039   1.00 21.17 ? 37  ALA A C   1 
ATOM   266  O O   . ALA A 1 37  ? -15.092 8.051   3.138   1.00 20.45 ? 37  ALA A O   1 
ATOM   267  C CB  . ALA A 1 37  ? -12.367 7.792   4.273   1.00 20.38 ? 37  ALA A CB  1 
ATOM   268  N N   . SER A 1 38  ? -15.473 6.103   4.222   1.00 21.64 ? 38  SER A N   1 
ATOM   269  C CA  . SER A 1 38  ? -16.317 5.557   3.160   1.00 24.11 ? 38  SER A CA  1 
ATOM   270  C C   . SER A 1 38  ? -17.530 6.428   2.804   1.00 25.09 ? 38  SER A C   1 
ATOM   271  O O   . SER A 1 38  ? -17.995 6.447   1.645   1.00 26.47 ? 38  SER A O   1 
ATOM   272  C CB  . SER A 1 38  ? -16.707 4.096   3.486   1.00 24.84 ? 38  SER A CB  1 
ATOM   273  O OG  . SER A 1 38  ? -17.503 4.007   4.650   1.00 28.46 ? 38  SER A OG  1 
ATOM   274  N N   . LYS A 1 39  ? -18.048 7.183   3.756   1.00 25.37 ? 39  LYS A N   1 
ATOM   275  C CA  . LYS A 1 39  ? -19.209 7.990   3.427   1.00 27.01 ? 39  LYS A CA  1 
ATOM   276  C C   . LYS A 1 39  ? -18.844 9.418   3.031   1.00 25.59 ? 39  LYS A C   1 
ATOM   277  O O   . LYS A 1 39  ? -19.706 10.180  2.604   1.00 26.46 ? 39  LYS A O   1 
ATOM   278  C CB  . LYS A 1 39  ? -20.170 8.001   4.614   1.00 27.79 ? 39  LYS A CB  1 
ATOM   279  C CG  . LYS A 1 39  ? -20.812 6.645   4.862   1.00 32.36 ? 39  LYS A CG  1 
ATOM   280  C CD  . LYS A 1 39  ? -22.214 6.564   4.229   1.00 37.27 ? 39  LYS A CD  1 
ATOM   281  C CE  . LYS A 1 39  ? -22.198 6.744   2.707   1.00 40.46 ? 39  LYS A CE  1 
ATOM   282  N NZ  . LYS A 1 39  ? -21.266 5.794   2.014   1.00 43.17 ? 39  LYS A NZ  1 
ATOM   283  N N   . LEU A 1 40  ? -17.575 9.776   3.202   1.00 22.82 ? 40  LEU A N   1 
ATOM   284  C CA  . LEU A 1 40  ? -17.167 11.176  3.222   1.00 21.91 ? 40  LEU A CA  1 
ATOM   285  C C   . LEU A 1 40  ? -16.262 11.581  2.075   1.00 21.16 ? 40  LEU A C   1 
ATOM   286  O O   . LEU A 1 40  ? -16.324 12.725  1.616   1.00 21.89 ? 40  LEU A O   1 
ATOM   287  C CB  . LEU A 1 40  ? -16.442 11.452  4.529   1.00 22.40 ? 40  LEU A CB  1 
ATOM   288  C CG  . LEU A 1 40  ? -17.347 11.394  5.754   1.00 23.44 ? 40  LEU A CG  1 
ATOM   289  C CD1 . LEU A 1 40  ? -16.516 11.281  7.027   1.00 24.32 ? 40  LEU A CD1 1 
ATOM   290  C CD2 . LEU A 1 40  ? -18.260 12.604  5.785   1.00 25.17 ? 40  LEU A CD2 1 
ATOM   291  N N   . LEU A 1 41  ? -15.415 10.650  1.655   1.00 19.82 ? 41  LEU A N   1 
ATOM   292  C CA  . LEU A 1 41  ? -14.409 10.885  0.609   1.00 19.44 ? 41  LEU A CA  1 
ATOM   293  C C   . LEU A 1 41  ? -14.625 10.000  -0.584  1.00 19.57 ? 41  LEU A C   1 
ATOM   294  O O   . LEU A 1 41  ? -15.151 8.904   -0.469  1.00 19.29 ? 41  LEU A O   1 
ATOM   295  C CB  . LEU A 1 41  ? -13.002 10.608  1.168   1.00 19.70 ? 41  LEU A CB  1 
ATOM   296  C CG  . LEU A 1 41  ? -12.498 11.521  2.282   1.00 19.68 ? 41  LEU A CG  1 
ATOM   297  C CD1 . LEU A 1 41  ? -11.095 11.103  2.726   1.00 21.52 ? 41  LEU A CD1 1 
ATOM   298  C CD2 . LEU A 1 41  ? -12.480 12.948  1.792   1.00 21.64 ? 41  LEU A CD2 1 
ATOM   299  N N   . GLN A 1 42  ? -14.141 10.452  -1.747  1.00 19.17 ? 42  GLN A N   1 
ATOM   300  C CA  . GLN A 1 42  ? -14.241 9.662   -2.960  1.00 19.34 ? 42  GLN A CA  1 
ATOM   301  C C   . GLN A 1 42  ? -12.969 9.779   -3.779  1.00 18.32 ? 42  GLN A C   1 
ATOM   302  O O   . GLN A 1 42  ? -12.244 10.768  -3.637  1.00 17.30 ? 42  GLN A O   1 
ATOM   303  C CB  . GLN A 1 42  ? -15.436 10.060  -3.815  1.00 20.14 ? 42  GLN A CB  1 
ATOM   304  C CG  . GLN A 1 42  ? -15.401 11.412  -4.426  1.00 22.23 ? 42  GLN A CG  1 
ATOM   305  C CD  . GLN A 1 42  ? -16.718 11.785  -5.120  1.00 28.18 ? 42  GLN A CD  1 
ATOM   306  O OE1 . GLN A 1 42  ? -17.805 11.410  -4.663  1.00 28.33 ? 42  GLN A OE1 1 
ATOM   307  N NE2 . GLN A 1 42  ? -16.619 12.531  -6.231  1.00 26.32 ? 42  GLN A NE2 1 
ATOM   308  N N   . PRO A 1 43  ? -12.679 8.750   -4.595  1.00 17.64 ? 43  PRO A N   1 
ATOM   309  C CA  . PRO A 1 43  ? -11.565 8.894   -5.533  1.00 17.34 ? 43  PRO A CA  1 
ATOM   310  C C   . PRO A 1 43  ? -11.584 10.215  -6.310  1.00 16.99 ? 43  PRO A C   1 
ATOM   311  O O   . PRO A 1 43  ? -12.626 10.660  -6.828  1.00 17.16 ? 43  PRO A O   1 
ATOM   312  C CB  . PRO A 1 43  ? -11.715 7.681   -6.465  1.00 17.16 ? 43  PRO A CB  1 
ATOM   313  C CG  . PRO A 1 43  ? -12.338 6.630   -5.583  1.00 17.83 ? 43  PRO A CG  1 
ATOM   314  C CD  . PRO A 1 43  ? -13.306 7.418   -4.713  1.00 18.40 ? 43  PRO A CD  1 
ATOM   315  N N   . GLY A 1 44  ? -10.416 10.839  -6.359  1.00 16.13 ? 44  GLY A N   1 
ATOM   316  C CA  . GLY A 1 44  ? -10.226 12.098  -7.060  1.00 15.66 ? 44  GLY A CA  1 
ATOM   317  C C   . GLY A 1 44  ? -10.332 13.368  -6.250  1.00 15.50 ? 44  GLY A C   1 
ATOM   318  O O   . GLY A 1 44  ? -10.003 14.464  -6.750  1.00 15.30 ? 44  GLY A O   1 
ATOM   319  N N   . ASP A 1 45  ? -10.770 13.261  -4.999  1.00 15.28 ? 45  ASP A N   1 
ATOM   320  C CA  . ASP A 1 45  ? -10.784 14.404  -4.089  1.00 14.37 ? 45  ASP A CA  1 
ATOM   321  C C   . ASP A 1 45  ? -9.351  14.878  -3.842  1.00 14.06 ? 45  ASP A C   1 
ATOM   322  O O   . ASP A 1 45  ? -8.511  14.077  -3.481  1.00 13.30 ? 45  ASP A O   1 
ATOM   323  C CB  . ASP A 1 45  ? -11.406 14.009  -2.745  1.00 14.92 ? 45  ASP A CB  1 
ATOM   324  C CG  . ASP A 1 45  ? -12.925 13.843  -2.821  1.00 17.73 ? 45  ASP A CG  1 
ATOM   325  O OD1 . ASP A 1 45  ? -13.540 14.249  -3.847  1.00 20.09 ? 45  ASP A OD1 1 
ATOM   326  O OD2 . ASP A 1 45  ? -13.497 13.300  -1.827  1.00 17.16 ? 45  ASP A OD2 1 
ATOM   327  N N   . LYS A 1 46  ? -9.079  16.166  -4.041  1.00 13.40 ? 46  LYS A N   1 
ATOM   328  C CA  . LYS A 1 46  ? -7.763  16.722  -3.807  1.00 12.89 ? 46  LYS A CA  1 
ATOM   329  C C   . LYS A 1 46  ? -7.689  17.247  -2.389  1.00 13.29 ? 46  LYS A C   1 
ATOM   330  O O   . LYS A 1 46  ? -8.471  18.133  -2.017  1.00 14.27 ? 46  LYS A O   1 
ATOM   331  C CB  . LYS A 1 46  ? -7.482  17.854  -4.771  1.00 13.53 ? 46  LYS A CB  1 
ATOM   332  C CG  . LYS A 1 46  ? -6.114  18.467  -4.606  1.00 14.37 ? 46  LYS A CG  1 
ATOM   333  C CD  . LYS A 1 46  ? -5.905  19.460  -5.727  1.00 18.41 ? 46  LYS A CD  1 
ATOM   334  C CE  . LYS A 1 46  ? -4.649  20.222  -5.496  1.00 23.00 ? 46  LYS A CE  1 
ATOM   335  N NZ  . LYS A 1 46  ? -4.345  21.345  -6.513  1.00 25.82 ? 46  LYS A NZ  1 
ATOM   336  N N   . ILE A 1 47  ? -6.741  16.754  -1.601  1.00 13.07 ? 47  ILE A N   1 
ATOM   337  C CA  . ILE A 1 47  ? -6.587  17.228  -0.205  1.00 12.70 ? 47  ILE A CA  1 
ATOM   338  C C   . ILE A 1 47  ? -5.760  18.503  -0.218  1.00 14.24 ? 47  ILE A C   1 
ATOM   339  O O   . ILE A 1 47  ? -4.600  18.498  -0.663  1.00 13.12 ? 47  ILE A O   1 
ATOM   340  C CB  . ILE A 1 47  ? -5.890  16.179  0.703   1.00 13.11 ? 47  ILE A CB  1 
ATOM   341  C CG1 . ILE A 1 47  ? -6.665  14.860  0.705   1.00 13.62 ? 47  ILE A CG1 1 
ATOM   342  C CG2 . ILE A 1 47  ? -5.728  16.716  2.120   1.00 13.82 ? 47  ILE A CG2 1 
ATOM   343  C CD1 . ILE A 1 47  ? -5.973  13.724  1.374   1.00 13.40 ? 47  ILE A CD1 1 
ATOM   344  N N   . ILE A 1 48  ? -6.327  19.599  0.273   1.00 13.39 ? 48  ILE A N   1 
ATOM   345  C CA  . ILE A 1 48  ? -5.565  20.855  0.389   1.00 14.62 ? 48  ILE A CA  1 
ATOM   346  C C   . ILE A 1 48  ? -5.156  21.244  1.827   1.00 14.69 ? 48  ILE A C   1 
ATOM   347  O O   . ILE A 1 48  ? -4.296  22.088  2.018   1.00 14.38 ? 48  ILE A O   1 
ATOM   348  C CB  . ILE A 1 48  ? -6.295  21.998  -0.344  1.00 15.17 ? 48  ILE A CB  1 
ATOM   349  C CG1 . ILE A 1 48  ? -7.654  22.276  0.287   1.00 16.76 ? 48  ILE A CG1 1 
ATOM   350  C CG2 . ILE A 1 48  ? -6.503  21.615  -1.811  1.00 18.15 ? 48  ILE A CG2 1 
ATOM   351  C CD1 . ILE A 1 48  ? -8.268  23.557  -0.198  1.00 17.58 ? 48  ILE A CD1 1 
ATOM   352  N N   . GLN A 1 49  ? -5.760  20.618  2.842   1.00 13.51 ? 49  GLN A N   1 
ATOM   353  C CA  . GLN A 1 49  ? -5.414  20.898  4.215   1.00 14.65 ? 49  GLN A CA  1 
ATOM   354  C C   . GLN A 1 49  ? -5.837  19.731  5.081   1.00 14.45 ? 49  GLN A C   1 
ATOM   355  O O   . GLN A 1 49  ? -6.819  19.077  4.789   1.00 13.27 ? 49  GLN A O   1 
ATOM   356  C CB  . GLN A 1 49  ? -6.130  22.188  4.683   1.00 15.82 ? 49  GLN A CB  1 
ATOM   357  C CG  . GLN A 1 49  ? -5.587  22.760  5.940   1.00 18.66 ? 49  GLN A CG  1 
ATOM   358  C CD  . GLN A 1 49  ? -6.352  23.976  6.384   1.00 20.69 ? 49  GLN A CD  1 
ATOM   359  O OE1 . GLN A 1 49  ? -6.108  25.085  5.912   1.00 25.24 ? 49  GLN A OE1 1 
ATOM   360  N NE2 . GLN A 1 49  ? -7.313  23.763  7.264   1.00 21.24 ? 49  GLN A NE2 1 
ATOM   361  N N   . ALA A 1 50  ? -5.035  19.430  6.104   1.00 14.46 ? 50  ALA A N   1 
ATOM   362  C CA  . ALA A 1 50  ? -5.388  18.388  7.067   1.00 14.57 ? 50  ALA A CA  1 
ATOM   363  C C   . ALA A 1 50  ? -4.949  18.844  8.447   1.00 15.20 ? 50  ALA A C   1 
ATOM   364  O O   . ALA A 1 50  ? -3.783  19.161  8.653   1.00 14.25 ? 50  ALA A O   1 
ATOM   365  C CB  . ALA A 1 50  ? -4.763  17.074  6.697   1.00 14.86 ? 50  ALA A CB  1 
ATOM   366  N N   . ASN A 1 51  ? -5.896  18.881  9.387   1.00 16.45 ? 51  ASN A N   1 
ATOM   367  C CA  . ASN A 1 51  ? -5.645  19.393  10.733  1.00 17.64 ? 51  ASN A CA  1 
ATOM   368  C C   . ASN A 1 51  ? -4.868  20.708  10.743  1.00 18.52 ? 51  ASN A C   1 
ATOM   369  O O   . ASN A 1 51  ? -3.933  20.907  11.529  1.00 19.24 ? 51  ASN A O   1 
ATOM   370  C CB  . ASN A 1 51  ? -4.934  18.322  11.568  1.00 18.81 ? 51  ASN A CB  1 
ATOM   371  C CG  . ASN A 1 51  ? -5.894  17.286  12.124  1.00 17.75 ? 51  ASN A CG  1 
ATOM   372  O OD1 . ASN A 1 51  ? -7.075  17.295  11.802  1.00 22.95 ? 51  ASN A OD1 1 
ATOM   373  N ND2 . ASN A 1 51  ? -5.402  16.417  13.015  1.00 20.08 ? 51  ASN A ND2 1 
ATOM   374  N N   . GLY A 1 52  ? -5.215  21.583  9.822   1.00 17.92 ? 52  GLY A N   1 
ATOM   375  C CA  . GLY A 1 52  ? -4.616  22.896  9.770   1.00 18.97 ? 52  GLY A CA  1 
ATOM   376  C C   . GLY A 1 52  ? -3.336  23.022  8.976   1.00 18.62 ? 52  GLY A C   1 
ATOM   377  O O   . GLY A 1 52  ? -2.902  24.132  8.708   1.00 19.78 ? 52  GLY A O   1 
ATOM   378  N N   . TYR A 1 53  ? -2.741  21.890  8.603   1.00 17.23 ? 53  TYR A N   1 
ATOM   379  C CA  . TYR A 1 53  ? -1.541  21.857  7.790   1.00 17.54 ? 53  TYR A CA  1 
ATOM   380  C C   . TYR A 1 53  ? -1.868  21.927  6.319   1.00 17.61 ? 53  TYR A C   1 
ATOM   381  O O   . TYR A 1 53  ? -2.669  21.139  5.838   1.00 16.67 ? 53  TYR A O   1 
ATOM   382  C CB  . TYR A 1 53  ? -0.775  20.572  8.055   1.00 17.99 ? 53  TYR A CB  1 
ATOM   383  C CG  . TYR A 1 53  ? -0.113  20.579  9.398   1.00 18.41 ? 53  TYR A CG  1 
ATOM   384  C CD1 . TYR A 1 53  ? -0.772  20.162  10.537  1.00 22.98 ? 53  TYR A CD1 1 
ATOM   385  C CD2 . TYR A 1 53  ? 1.169   21.048  9.515   1.00 23.12 ? 53  TYR A CD2 1 
ATOM   386  C CE1 . TYR A 1 53  ? -0.131  20.214  11.777  1.00 26.79 ? 53  TYR A CE1 1 
ATOM   387  C CE2 . TYR A 1 53  ? 1.799   21.113  10.714  1.00 25.83 ? 53  TYR A CE2 1 
ATOM   388  C CZ  . TYR A 1 53  ? 1.165   20.697  11.843  1.00 25.39 ? 53  TYR A CZ  1 
ATOM   389  O OH  . TYR A 1 53  ? 1.872   20.818  13.018  1.00 30.63 ? 53  TYR A OH  1 
ATOM   390  N N   . SER A 1 54  ? -1.215  22.843  5.602   1.00 17.60 ? 54  SER A N   1 
ATOM   391  C CA  . SER A 1 54  ? -1.422  22.959  4.163   1.00 17.43 ? 54  SER A CA  1 
ATOM   392  C C   . SER A 1 54  ? -0.845  21.747  3.441   1.00 16.66 ? 54  SER A C   1 
ATOM   393  O O   . SER A 1 54  ? 0.280   21.317  3.755   1.00 16.50 ? 54  SER A O   1 
ATOM   394  C CB  . SER A 1 54  ? -0.747  24.216  3.613   1.00 18.05 ? 54  SER A CB  1 
ATOM   395  O OG  . SER A 1 54  ? -0.939  24.268  2.218   1.00 16.99 ? 54  SER A OG  1 
ATOM   396  N N   . PHE A 1 55  ? -1.597  21.218  2.472   1.00 15.67 ? 55  PHE A N   1 
ATOM   397  C CA  . PHE A 1 55  ? -1.113  20.147  1.582   1.00 15.82 ? 55  PHE A CA  1 
ATOM   398  C C   . PHE A 1 55  ? -0.769  20.688  0.192   1.00 16.83 ? 55  PHE A C   1 
ATOM   399  O O   . PHE A 1 55  ? -0.475  19.926  -0.705  1.00 16.80 ? 55  PHE A O   1 
ATOM   400  C CB  . PHE A 1 55  ? -2.100  18.980  1.505   1.00 15.59 ? 55  PHE A CB  1 
ATOM   401  C CG  . PHE A 1 55  ? -1.938  17.962  2.613   1.00 15.96 ? 55  PHE A CG  1 
ATOM   402  C CD1 . PHE A 1 55  ? -1.627  18.351  3.902   1.00 18.69 ? 55  PHE A CD1 1 
ATOM   403  C CD2 . PHE A 1 55  ? -2.103  16.606  2.363   1.00 17.71 ? 55  PHE A CD2 1 
ATOM   404  C CE1 . PHE A 1 55  ? -1.453  17.411  4.914   1.00 18.92 ? 55  PHE A CE1 1 
ATOM   405  C CE2 . PHE A 1 55  ? -1.935  15.676  3.380   1.00 16.83 ? 55  PHE A CE2 1 
ATOM   406  C CZ  . PHE A 1 55  ? -1.611  16.088  4.660   1.00 18.88 ? 55  PHE A CZ  1 
ATOM   407  N N   . ILE A 1 56  ? -0.776  22.004  0.049   1.00 17.79 ? 56  ILE A N   1 
ATOM   408  C CA  . ILE A 1 56  ? -0.308  22.674  -1.171  1.00 18.39 ? 56  ILE A CA  1 
ATOM   409  C C   . ILE A 1 56  ? 1.232   22.655  -1.116  1.00 17.94 ? 56  ILE A C   1 
ATOM   410  O O   . ILE A 1 56  ? 1.825   22.969  -0.084  1.00 17.13 ? 56  ILE A O   1 
ATOM   411  C CB  . ILE A 1 56  ? -0.822  24.139  -1.236  1.00 19.65 ? 56  ILE A CB  1 
ATOM   412  C CG1 . ILE A 1 56  ? -2.334  24.222  -0.980  1.00 21.83 ? 56  ILE A CG1 1 
ATOM   413  C CG2 . ILE A 1 56  ? -0.495  24.794  -2.578  1.00 21.08 ? 56  ILE A CG2 1 
ATOM   414  C CD1 . ILE A 1 56  ? -3.120  23.383  -1.874  1.00 24.69 ? 56  ILE A CD1 1 
ATOM   415  N N   . ASN A 1 57  ? 1.864   22.271  -2.220  1.00 18.22 ? 57  ASN A N   1 
ATOM   416  C CA  . ASN A 1 57  ? 3.326   22.197  -2.347  1.00 18.87 ? 57  ASN A CA  1 
ATOM   417  C C   . ASN A 1 57  ? 3.982   21.055  -1.565  1.00 18.13 ? 57  ASN A C   1 
ATOM   418  O O   . ASN A 1 57  ? 5.187   21.000  -1.524  1.00 20.04 ? 57  ASN A O   1 
ATOM   419  C CB  . ASN A 1 57  ? 4.027   23.506  -1.918  1.00 18.90 ? 57  ASN A CB  1 
ATOM   420  C CG  . ASN A 1 57  ? 3.433   24.725  -2.525  1.00 21.70 ? 57  ASN A CG  1 
ATOM   421  O OD1 . ASN A 1 57  ? 3.314   24.831  -3.740  1.00 25.07 ? 57  ASN A OD1 1 
ATOM   422  N ND2 . ASN A 1 57  ? 3.094   25.701  -1.676  1.00 23.53 ? 57  ASN A ND2 1 
ATOM   423  N N   . ILE A 1 58  ? 3.197   20.169  -0.949  1.00 17.27 ? 58  ILE A N   1 
ATOM   424  C CA  . ILE A 1 58  ? 3.740   19.109  -0.098  1.00 16.69 ? 58  ILE A CA  1 
ATOM   425  C C   . ILE A 1 58  ? 4.234   17.941  -0.977  1.00 14.77 ? 58  ILE A C   1 
ATOM   426  O O   . ILE A 1 58  ? 3.656   17.694  -2.029  1.00 13.66 ? 58  ILE A O   1 
ATOM   427  C CB  . ILE A 1 58  ? 2.642   18.628  0.907   1.00 16.73 ? 58  ILE A CB  1 
ATOM   428  C CG1 . ILE A 1 58  ? 3.265   17.918  2.092   1.00 17.95 ? 58  ILE A CG1 1 
ATOM   429  C CG2 . ILE A 1 58  ? 1.616   17.764  0.197   1.00 18.08 ? 58  ILE A CG2 1 
ATOM   430  C CD1 . ILE A 1 58  ? 2.309   17.692  3.247   1.00 19.25 ? 58  ILE A CD1 1 
ATOM   431  N N   . GLU A 1 59  ? 5.285   17.245  -0.532  1.00 13.53 ? 59  GLU A N   1 
ATOM   432  C CA  . GLU A 1 59  ? 5.769   16.018  -1.182  1.00 13.70 ? 59  GLU A CA  1 
ATOM   433  C C   . GLU A 1 59  ? 4.935   14.813  -0.721  1.00 13.39 ? 59  GLU A C   1 
ATOM   434  O O   . GLU A 1 59  ? 4.269   14.846  0.324   1.00 13.59 ? 59  GLU A O   1 
ATOM   435  C CB  . GLU A 1 59  ? 7.245   15.766  -0.871  1.00 14.58 ? 59  GLU A CB  1 
ATOM   436  C CG  . GLU A 1 59  ? 8.158   16.909  -1.303  1.00 17.56 ? 59  GLU A CG  1 
ATOM   437  C CD  . GLU A 1 59  ? 9.581   16.697  -0.877  1.00 22.24 ? 59  GLU A CD  1 
ATOM   438  O OE1 . GLU A 1 59  ? 9.892   15.656  -0.238  1.00 24.24 ? 59  GLU A OE1 1 
ATOM   439  O OE2 . GLU A 1 59  ? 10.410  17.577  -1.187  1.00 25.63 ? 59  GLU A OE2 1 
ATOM   440  N N   . HIS A 1 60  ? 4.994   13.722  -1.496  1.00 12.90 ? 60  HIS A N   1 
ATOM   441  C CA  . HIS A 1 60  ? 4.201   12.558  -1.174  1.00 12.51 ? 60  HIS A CA  1 
ATOM   442  C C   . HIS A 1 60  ? 4.476   12.018  0.231   1.00 12.60 ? 60  HIS A C   1 
ATOM   443  O O   . HIS A 1 60  ? 3.579   11.852  1.060   1.00 12.48 ? 60  HIS A O   1 
ATOM   444  C CB  . HIS A 1 60  ? 4.447   11.433  -2.206  1.00 12.80 ? 60  HIS A CB  1 
ATOM   445  C CG  . HIS A 1 60  ? 3.480   10.306  -2.067  1.00 12.36 ? 60  HIS A CG  1 
ATOM   446  N ND1 . HIS A 1 60  ? 3.724   9.201   -1.277  1.00 16.80 ? 60  HIS A ND1 1 
ATOM   447  C CD2 . HIS A 1 60  ? 2.251   10.124  -2.603  1.00 9.55  ? 60  HIS A CD2 1 
ATOM   448  C CE1 . HIS A 1 60  ? 2.666   8.409   -1.309  1.00 12.10 ? 60  HIS A CE1 1 
ATOM   449  N NE2 . HIS A 1 60  ? 1.764   8.937   -2.110  1.00 14.52 ? 60  HIS A NE2 1 
ATOM   450  N N   . GLY A 1 61  ? 5.732   11.705  0.489   1.00 12.61 ? 61  GLY A N   1 
ATOM   451  C CA  . GLY A 1 61  ? 6.138   11.212  1.800   1.00 12.59 ? 61  GLY A CA  1 
ATOM   452  C C   . GLY A 1 61  ? 5.864   12.129  2.951   1.00 12.06 ? 61  GLY A C   1 
ATOM   453  O O   . GLY A 1 61  ? 5.543   11.666  4.051   1.00 12.72 ? 61  GLY A O   1 
ATOM   454  N N   . GLN A 1 62  ? 5.949   13.432  2.722   1.00 11.42 ? 62  GLN A N   1 
ATOM   455  C CA  . GLN A 1 62  ? 5.611   14.408  3.746   1.00 12.58 ? 62  GLN A CA  1 
ATOM   456  C C   . GLN A 1 62  ? 4.149   14.331  4.118   1.00 11.33 ? 62  GLN A C   1 
ATOM   457  O O   . GLN A 1 62  ? 3.798   14.382  5.307   1.00 13.21 ? 62  GLN A O   1 
ATOM   458  C CB  . GLN A 1 62  ? 5.935   15.800  3.228   1.00 12.67 ? 62  GLN A CB  1 
ATOM   459  C CG  . GLN A 1 62  ? 7.411   16.031  3.113   1.00 13.11 ? 62  GLN A CG  1 
ATOM   460  C CD  . GLN A 1 62  ? 7.744   17.389  2.543   1.00 14.04 ? 62  GLN A CD  1 
ATOM   461  O OE1 . GLN A 1 62  ? 6.934   18.007  1.827   1.00 14.84 ? 62  GLN A OE1 1 
ATOM   462  N NE2 . GLN A 1 62  ? 8.960   17.869  2.849   1.00 18.00 ? 62  GLN A NE2 1 
ATOM   463  N N   . ALA A 1 63  ? 3.294   14.185  3.097   1.00 11.68 ? 63  ALA A N   1 
ATOM   464  C CA  . ALA A 1 63  ? 1.846   14.058  3.322   1.00 11.48 ? 63  ALA A CA  1 
ATOM   465  C C   . ALA A 1 63  ? 1.527   12.802  4.130   1.00 11.98 ? 63  ALA A C   1 
ATOM   466  O O   . ALA A 1 63  ? 0.722   12.824  5.102   1.00 12.03 ? 63  ALA A O   1 
ATOM   467  C CB  . ALA A 1 63  ? 1.129   14.082  1.980   1.00 12.28 ? 63  ALA A CB  1 
ATOM   468  N N   . VAL A 1 64  ? 2.149   11.684  3.738   1.00 12.49 ? 64  VAL A N   1 
ATOM   469  C CA  . VAL A 1 64  ? 1.940   10.411  4.432   1.00 12.66 ? 64  VAL A CA  1 
ATOM   470  C C   . VAL A 1 64  ? 2.393   10.507  5.889   1.00 13.43 ? 64  VAL A C   1 
ATOM   471  O O   . VAL A 1 64  ? 1.650   10.115  6.833   1.00 13.60 ? 64  VAL A O   1 
ATOM   472  C CB  . VAL A 1 64  ? 2.663   9.253   3.691   1.00 12.76 ? 64  VAL A CB  1 
ATOM   473  C CG1 . VAL A 1 64  ? 2.698   7.994   4.571   1.00 13.73 ? 64  VAL A CG1 1 
ATOM   474  C CG2 . VAL A 1 64  ? 2.017   8.992   2.348   1.00 12.40 ? 64  VAL A CG2 1 
ATOM   475  N N   . SER A 1 65  ? 3.596   11.048  6.100   1.00 13.84 ? 65  SER A N   1 
ATOM   476  C CA  . SER A 1 65  ? 4.140   11.166  7.436   1.00 15.83 ? 65  SER A CA  1 
ATOM   477  C C   . SER A 1 65  ? 3.275   12.083  8.299   1.00 16.31 ? 65  SER A C   1 
ATOM   478  O O   . SER A 1 65  ? 3.089   11.795  9.488   1.00 18.22 ? 65  SER A O   1 
ATOM   479  C CB  . SER A 1 65  ? 5.596   11.649  7.429   1.00 16.48 ? 65  SER A CB  1 
ATOM   480  O OG  . SER A 1 65  ? 6.472   10.718  6.809   1.00 18.23 ? 65  SER A OG  1 
ATOM   481  N N   . LEU A 1 66  ? 2.759   13.175  7.740   1.00 16.09 ? 66  LEU A N   1 
ATOM   482  C CA  . LEU A 1 66  ? 1.861   14.038  8.513   1.00 17.22 ? 66  LEU A CA  1 
ATOM   483  C C   . LEU A 1 66  ? 0.583   13.323  8.913   1.00 16.96 ? 66  LEU A C   1 
ATOM   484  O O   . LEU A 1 66  ? 0.183   13.329  10.086  1.00 16.87 ? 66  LEU A O   1 
ATOM   485  C CB  . LEU A 1 66  ? 1.478   15.316  7.764   1.00 18.01 ? 66  LEU A CB  1 
ATOM   486  C CG  . LEU A 1 66  ? 2.304   16.528  8.156   1.00 22.40 ? 66  LEU A CG  1 
ATOM   487  C CD1 . LEU A 1 66  ? 2.059   17.654  7.157   1.00 24.46 ? 66  LEU A CD1 1 
ATOM   488  C CD2 . LEU A 1 66  ? 2.025   16.963  9.623   1.00 22.18 ? 66  LEU A CD2 1 
ATOM   489  N N   . LEU A 1 67  ? -0.068  12.715  7.929   1.00 15.71 ? 67  LEU A N   1 
ATOM   490  C CA  . LEU A 1 67  ? -1.349  12.063  8.173   1.00 16.67 ? 67  LEU A CA  1 
ATOM   491  C C   . LEU A 1 67  ? -1.218  10.939  9.206   1.00 17.99 ? 67  LEU A C   1 
ATOM   492  O O   . LEU A 1 67  ? -2.104  10.737  10.074  1.00 18.45 ? 67  LEU A O   1 
ATOM   493  C CB  . LEU A 1 67  ? -1.943  11.550  6.866   1.00 16.50 ? 67  LEU A CB  1 
ATOM   494  C CG  . LEU A 1 67  ? -2.542  12.598  5.945   1.00 17.12 ? 67  LEU A CG  1 
ATOM   495  C CD1 . LEU A 1 67  ? -2.774  12.011  4.580   1.00 18.53 ? 67  LEU A CD1 1 
ATOM   496  C CD2 . LEU A 1 67  ? -3.841  13.078  6.542   1.00 16.86 ? 67  LEU A CD2 1 
ATOM   497  N N   . LYS A 1 68  ? -0.102  10.231  9.150   1.00 19.11 ? 68  LYS A N   1 
ATOM   498  C CA  . LYS A 1 68  ? 0.137   9.163   10.093  1.00 21.33 ? 68  LYS A CA  1 
ATOM   499  C C   . LYS A 1 68  ? 0.361   9.633   11.539  1.00 21.67 ? 68  LYS A C   1 
ATOM   500  O O   . LYS A 1 68  ? 0.057   8.866   12.442  1.00 22.40 ? 68  LYS A O   1 
ATOM   501  C CB  . LYS A 1 68  ? 1.256   8.276   9.590   1.00 22.40 ? 68  LYS A CB  1 
ATOM   502  C CG  . LYS A 1 68  ? 0.846   7.502   8.353   1.00 25.94 ? 68  LYS A CG  1 
ATOM   503  C CD  . LYS A 1 68  ? 2.002   6.625   7.980   1.00 29.28 ? 68  LYS A CD  1 
ATOM   504  C CE  . LYS A 1 68  ? 1.601   5.255   7.655   1.00 31.90 ? 68  LYS A CE  1 
ATOM   505  N NZ  . LYS A 1 68  ? 2.865   4.487   7.420   1.00 31.43 ? 68  LYS A NZ  1 
ATOM   506  N N   . THR A 1 69  ? 0.825   10.875  11.770  1.00 22.31 ? 69  THR A N   1 
ATOM   507  C CA  A THR A 1 69  ? 1.084   11.330  13.126  0.50 23.55 ? 69  THR A CA  1 
ATOM   508  C CA  B THR A 1 69  ? 1.081   11.422  13.122  0.50 22.87 ? 69  THR A CA  1 
ATOM   509  C C   . THR A 1 69  ? -0.160  11.916  13.798  1.00 24.10 ? 69  THR A C   1 
ATOM   510  O O   . THR A 1 69  ? -0.179  12.095  15.026  1.00 24.00 ? 69  THR A O   1 
ATOM   511  C CB  A THR A 1 69  ? 2.232   12.362  13.165  0.50 24.02 ? 69  THR A CB  1 
ATOM   512  C CB  B THR A 1 69  ? 1.956   12.721  13.143  0.50 23.05 ? 69  THR A CB  1 
ATOM   513  O OG1 A THR A 1 69  ? 2.637   12.548  14.519  0.50 25.43 ? 69  THR A OG1 1 
ATOM   514  O OG1 B THR A 1 69  ? 1.226   13.828  12.572  0.50 22.99 ? 69  THR A OG1 1 
ATOM   515  C CG2 A THR A 1 69  ? 1.797   13.698  12.573  0.50 25.27 ? 69  THR A CG2 1 
ATOM   516  C CG2 B THR A 1 69  ? 3.251   12.531  12.432  0.50 21.71 ? 69  THR A CG2 1 
ATOM   517  N N   . PHE A 1 70  ? -1.185  12.220  13.000  1.00 24.56 ? 70  PHE A N   1 
ATOM   518  C CA  . PHE A 1 70  ? -2.396  12.822  13.558  1.00 26.43 ? 70  PHE A CA  1 
ATOM   519  C C   . PHE A 1 70  ? -3.084  11.847  14.480  1.00 28.41 ? 70  PHE A C   1 
ATOM   520  O O   . PHE A 1 70  ? -3.175  10.653  14.207  1.00 29.63 ? 70  PHE A O   1 
ATOM   521  C CB  . PHE A 1 70  ? -3.370  13.312  12.471  1.00 25.13 ? 70  PHE A CB  1 
ATOM   522  C CG  . PHE A 1 70  ? -2.839  14.438  11.617  1.00 24.21 ? 70  PHE A CG  1 
ATOM   523  C CD1 . PHE A 1 70  ? -2.023  15.441  12.154  1.00 24.32 ? 70  PHE A CD1 1 
ATOM   524  C CD2 . PHE A 1 70  ? -3.189  14.520  10.275  1.00 22.96 ? 70  PHE A CD2 1 
ATOM   525  C CE1 . PHE A 1 70  ? -1.535  16.466  11.368  1.00 23.24 ? 70  PHE A CE1 1 
ATOM   526  C CE2 . PHE A 1 70  ? -2.732  15.556  9.482   1.00 20.18 ? 70  PHE A CE2 1 
ATOM   527  C CZ  . PHE A 1 70  ? -1.892  16.540  10.024  1.00 23.16 ? 70  PHE A CZ  1 
ATOM   528  N N   . GLN A 1 71  ? -3.574  12.370  15.598  1.00 32.31 ? 71  GLN A N   1 
ATOM   529  C CA  . GLN A 1 71  ? -4.227  11.537  16.605  1.00 34.09 ? 71  GLN A CA  1 
ATOM   530  C C   . GLN A 1 71  ? -5.740  11.576  16.434  1.00 34.16 ? 71  GLN A C   1 
ATOM   531  O O   . GLN A 1 71  ? -6.300  12.639  16.189  1.00 35.28 ? 71  GLN A O   1 
ATOM   532  C CB  . GLN A 1 71  ? -3.848  12.027  18.009  1.00 35.53 ? 71  GLN A CB  1 
ATOM   533  C CG  . GLN A 1 71  ? -2.346  11.960  18.311  1.00 39.07 ? 71  GLN A CG  1 
ATOM   534  C CD  . GLN A 1 71  ? -1.946  12.700  19.587  1.00 43.79 ? 71  GLN A CD  1 
ATOM   535  O OE1 . GLN A 1 71  ? -0.768  13.025  19.782  1.00 47.39 ? 71  GLN A OE1 1 
ATOM   536  N NE2 . GLN A 1 71  ? -2.926  12.980  20.455  1.00 46.88 ? 71  GLN A NE2 1 
ATOM   537  N N   . ASN A 1 72  ? -6.371  10.410  16.545  1.00 33.39 ? 72  ASN A N   1 
ATOM   538  C CA  . ASN A 1 72  ? -7.818  10.256  16.654  1.00 33.70 ? 72  ASN A CA  1 
ATOM   539  C C   . ASN A 1 72  ? -8.606  10.772  15.438  1.00 32.77 ? 72  ASN A C   1 
ATOM   540  O O   . ASN A 1 72  ? -8.824  10.058  14.480  1.00 32.14 ? 72  ASN A O   1 
ATOM   541  C CB  . ASN A 1 72  ? -8.331  10.927  17.950  1.00 33.87 ? 72  ASN A CB  1 
ATOM   542  C CG  . ASN A 1 72  ? -7.566  10.474  19.202  1.00 36.48 ? 72  ASN A CG  1 
ATOM   543  O OD1 . ASN A 1 72  ? -7.012  11.297  19.931  1.00 39.55 ? 72  ASN A OD1 1 
ATOM   544  N ND2 . ASN A 1 72  ? -7.546  9.168   19.452  1.00 38.38 ? 72  ASN A ND2 1 
ATOM   545  N N   . THR A 1 73  ? -9.010  12.033  15.478  1.00 32.71 ? 73  THR A N   1 
ATOM   546  C CA  . THR A 1 73  ? -9.851  12.607  14.429  1.00 32.37 ? 73  THR A CA  1 
ATOM   547  C C   . THR A 1 73  ? -8.989  13.511  13.520  1.00 30.12 ? 73  THR A C   1 
ATOM   548  O O   . THR A 1 73  ? -8.070  14.219  13.974  1.00 31.49 ? 73  THR A O   1 
ATOM   549  C CB  . THR A 1 73  ? -11.077 13.320  15.034  1.00 33.37 ? 73  THR A CB  1 
ATOM   550  O OG1 . THR A 1 73  ? -12.041 12.333  15.467  1.00 36.09 ? 73  THR A OG1 1 
ATOM   551  C CG2 . THR A 1 73  ? -11.743 14.252  14.012  1.00 34.96 ? 73  THR A CG2 1 
ATOM   552  N N   . VAL A 1 74  ? -9.242  13.432  12.219  1.00 25.80 ? 74  VAL A N   1 
ATOM   553  C CA  . VAL A 1 74  ? -8.504  14.232  11.265  1.00 23.41 ? 74  VAL A CA  1 
ATOM   554  C C   . VAL A 1 74  ? -9.530  15.057  10.490  1.00 21.92 ? 74  VAL A C   1 
ATOM   555  O O   . VAL A 1 74  ? -10.466 14.489  9.926   1.00 21.23 ? 74  VAL A O   1 
ATOM   556  C CB  . VAL A 1 74  ? -7.728  13.356  10.297  1.00 22.88 ? 74  VAL A CB  1 
ATOM   557  C CG1 . VAL A 1 74  ? -6.957  14.209  9.294   1.00 22.06 ? 74  VAL A CG1 1 
ATOM   558  C CG2 . VAL A 1 74  ? -6.795  12.442  11.046  1.00 24.50 ? 74  VAL A CG2 1 
ATOM   559  N N   . GLU A 1 75  ? -9.385  16.373  10.535  1.00 20.75 ? 75  GLU A N   1 
ATOM   560  C CA  . GLU A 1 75  ? -10.167 17.276  9.717   1.00 19.58 ? 75  GLU A CA  1 
ATOM   561  C C   . GLU A 1 75  ? -9.449  17.489  8.394   1.00 18.68 ? 75  GLU A C   1 
ATOM   562  O O   . GLU A 1 75  ? -8.332  18.002  8.364   1.00 18.52 ? 75  GLU A O   1 
ATOM   563  C CB  . GLU A 1 75  ? -10.309 18.622  10.390  1.00 20.69 ? 75  GLU A CB  1 
ATOM   564  C CG  . GLU A 1 75  ? -11.084 19.645  9.584   1.00 24.58 ? 75  GLU A CG  1 
ATOM   565  C CD  . GLU A 1 75  ? -10.884 21.064  10.122  1.00 30.49 ? 75  GLU A CD  1 
ATOM   566  O OE1 . GLU A 1 75  ? -9.712  21.515  10.245  1.00 35.09 ? 75  GLU A OE1 1 
ATOM   567  O OE2 . GLU A 1 75  ? -11.900 21.715  10.438  1.00 32.84 ? 75  GLU A OE2 1 
ATOM   568  N N   . LEU A 1 76  ? -10.124 17.150  7.309   1.00 17.53 ? 76  LEU A N   1 
ATOM   569  C CA  . LEU A 1 76  ? -9.581  17.301  5.968   1.00 17.43 ? 76  LEU A CA  1 
ATOM   570  C C   . LEU A 1 76  ? -10.406 18.322  5.216   1.00 16.68 ? 76  LEU A C   1 
ATOM   571  O O   . LEU A 1 76  ? -11.641 18.371  5.369   1.00 16.09 ? 76  LEU A O   1 
ATOM   572  C CB  . LEU A 1 76  ? -9.672  15.973  5.223   1.00 17.36 ? 76  LEU A CB  1 
ATOM   573  C CG  . LEU A 1 76  ? -8.891  14.795  5.767   1.00 20.34 ? 76  LEU A CG  1 
ATOM   574  C CD1 . LEU A 1 76  ? -9.396  13.507  5.103   1.00 24.56 ? 76  LEU A CD1 1 
ATOM   575  C CD2 . LEU A 1 76  ? -7.408  14.969  5.506   1.00 23.21 ? 76  LEU A CD2 1 
ATOM   576  N N   . ILE A 1 77  ? -9.729  19.139  4.424   1.00 14.96 ? 77  ILE A N   1 
ATOM   577  C CA  . ILE A 1 77  ? -10.386 19.996  3.480   1.00 14.87 ? 77  ILE A CA  1 
ATOM   578  C C   . ILE A 1 77  ? -9.968  19.519  2.094   1.00 14.33 ? 77  ILE A C   1 
ATOM   579  O O   . ILE A 1 77  ? -8.775  19.431  1.783   1.00 14.72 ? 77  ILE A O   1 
ATOM   580  C CB  . ILE A 1 77  ? -10.003 21.463  3.644   1.00 15.39 ? 77  ILE A CB  1 
ATOM   581  C CG1 . ILE A 1 77  ? -10.344 21.922  5.053   1.00 18.29 ? 77  ILE A CG1 1 
ATOM   582  C CG2 . ILE A 1 77  ? -10.726 22.303  2.610   1.00 15.83 ? 77  ILE A CG2 1 
ATOM   583  C CD1 . ILE A 1 77  ? -10.066 23.381  5.288   1.00 21.96 ? 77  ILE A CD1 1 
ATOM   584  N N   . ILE A 1 78  ? -10.962 19.153  1.298   1.00 14.51 ? 78  ILE A N   1 
ATOM   585  C CA  . ILE A 1 78  ? -10.720 18.615  -0.035  1.00 14.78 ? 78  ILE A CA  1 
ATOM   586  C C   . ILE A 1 78  ? -11.425 19.477  -1.084  1.00 15.56 ? 78  ILE A C   1 
ATOM   587  O O   . ILE A 1 78  ? -12.336 20.232  -0.783  1.00 14.23 ? 78  ILE A O   1 
ATOM   588  C CB  . ILE A 1 78  ? -11.089 17.103  -0.141  1.00 14.53 ? 78  ILE A CB  1 
ATOM   589  C CG1 . ILE A 1 78  ? -12.605 16.864  -0.063  1.00 17.00 ? 78  ILE A CG1 1 
ATOM   590  C CG2 . ILE A 1 78  ? -10.353 16.283  0.939   1.00 13.57 ? 78  ILE A CG2 1 
ATOM   591  C CD1 . ILE A 1 78  ? -13.287 17.018  -1.392  1.00 19.31 ? 78  ILE A CD1 1 
ATOM   592  N N   . VAL A 1 79  ? -10.954 19.392  -2.318  1.00 15.53 ? 79  VAL A N   1 
ATOM   593  C CA  . VAL A 1 79  ? -11.589 20.032  -3.446  1.00 15.87 ? 79  VAL A CA  1 
ATOM   594  C C   . VAL A 1 79  ? -12.106 18.932  -4.383  1.00 16.92 ? 79  VAL A C   1 
ATOM   595  O O   . VAL A 1 79  ? -11.361 18.011  -4.790  1.00 15.22 ? 79  VAL A O   1 
ATOM   596  C CB  . VAL A 1 79  ? -10.619 20.988  -4.195  1.00 16.13 ? 79  VAL A CB  1 
ATOM   597  C CG1 . VAL A 1 79  ? -11.311 21.581  -5.444  1.00 18.53 ? 79  VAL A CG1 1 
ATOM   598  C CG2 . VAL A 1 79  ? -10.150 22.125  -3.277  1.00 19.14 ? 79  VAL A CG2 1 
ATOM   599  N N   . ARG A 1 80  ? -13.396 19.018  -4.720  1.00 16.68 ? 80  ARG A N   1 
ATOM   600  C CA  . ARG A 1 80  ? -14.064 18.015  -5.524  1.00 18.68 ? 80  ARG A CA  1 
ATOM   601  C C   . ARG A 1 80  ? -14.648 18.683  -6.769  1.00 20.55 ? 80  ARG A C   1 
ATOM   602  O O   . ARG A 1 80  ? -15.218 19.777  -6.677  1.00 19.02 ? 80  ARG A O   1 
ATOM   603  C CB  . ARG A 1 80  ? -15.189 17.355  -4.715  1.00 17.71 ? 80  ARG A CB  1 
ATOM   604  C CG  . ARG A 1 80  ? -15.963 16.307  -5.431  1.00 18.28 ? 80  ARG A CG  1 
ATOM   605  C CD  . ARG A 1 80  ? -16.996 15.619  -4.537  1.00 18.59 ? 80  ARG A CD  1 
ATOM   606  N NE  . ARG A 1 80  ? -16.352 14.898  -3.458  1.00 17.90 ? 80  ARG A NE  1 
ATOM   607  C CZ  . ARG A 1 80  ? -16.977 14.372  -2.411  1.00 23.49 ? 80  ARG A CZ  1 
ATOM   608  N NH1 . ARG A 1 80  ? -18.291 14.489  -2.292  1.00 23.49 ? 80  ARG A NH1 1 
ATOM   609  N NH2 . ARG A 1 80  ? -16.278 13.744  -1.474  1.00 23.07 ? 80  ARG A NH2 1 
ATOM   610  N N   . GLU A 1 81  ? -14.477 18.035  -7.920  1.00 23.09 ? 81  GLU A N   1 
ATOM   611  C CA  . GLU A 1 81  ? -15.081 18.511  -9.161  1.00 26.75 ? 81  GLU A CA  1 
ATOM   612  C C   . GLU A 1 81  ? -16.471 17.904  -9.310  1.00 28.14 ? 81  GLU A C   1 
ATOM   613  O O   . GLU A 1 81  ? -16.661 16.712  -9.144  1.00 27.98 ? 81  GLU A O   1 
ATOM   614  C CB  . GLU A 1 81  ? -14.199 18.168  -10.362 1.00 27.64 ? 81  GLU A CB  1 
ATOM   615  C CG  . GLU A 1 81  ? -14.794 18.618  -11.687 1.00 33.31 ? 81  GLU A CG  1 
ATOM   616  C CD  . GLU A 1 81  ? -13.808 18.570  -12.842 1.00 38.84 ? 81  GLU A CD  1 
ATOM   617  O OE1 . GLU A 1 81  ? -12.647 19.016  -12.664 1.00 42.52 ? 81  GLU A OE1 1 
ATOM   618  O OE2 . GLU A 1 81  ? -14.206 18.087  -13.932 1.00 44.38 ? 81  GLU A OE2 1 
ATOM   619  N N   . VAL A 1 82  ? -17.436 18.742  -9.647  1.00 31.37 ? 82  VAL A N   1 
ATOM   620  C CA  . VAL A 1 82  ? -18.841 18.331  -9.642  1.00 34.02 ? 82  VAL A CA  1 
ATOM   621  C C   . VAL A 1 82  ? -19.579 18.394  -10.980 1.00 36.58 ? 82  VAL A C   1 
ATOM   622  O O   . VAL A 1 82  ? -20.475 17.585  -11.222 1.00 37.72 ? 82  VAL A O   1 
ATOM   623  C CB  . VAL A 1 82  ? -19.654 19.210  -8.659  1.00 34.33 ? 82  VAL A CB  1 
ATOM   624  C CG1 . VAL A 1 82  ? -19.590 18.628  -7.263  1.00 35.74 ? 82  VAL A CG1 1 
ATOM   625  C CG2 . VAL A 1 82  ? -19.146 20.645  -8.675  1.00 34.96 ? 82  VAL A CG2 1 
ATOM   626  N N   . GLY A 1 83  ? -19.183 19.286  -11.880 1.00 39.27 ? 83  GLY A N   1 
ATOM   627  C CA  . GLY A 1 83  ? -17.786 19.557  -12.172 1.00 41.20 ? 83  GLY A CA  1 
ATOM   628  C C   . GLY A 1 83  ? -17.534 19.843  -13.640 1.00 42.99 ? 83  GLY A C   1 
ATOM   629  O O   . GLY A 1 83  ? -16.492 19.464  -14.193 1.00 44.74 ? 83  GLY A O   1 
ATOM   630  N N   . ASN A 1 84  ? -18.480 20.525  -14.274 1.00 44.00 ? 84  ASN A N   1 
ATOM   631  C CA  . ASN A 1 84  ? -18.276 21.070  -15.604 1.00 44.35 ? 84  ASN A CA  1 
ATOM   632  C C   . ASN A 1 84  ? -17.502 22.375  -15.489 1.00 43.77 ? 84  ASN A C   1 
ATOM   633  O O   . ASN A 1 84  ? -17.950 23.428  -15.947 1.00 44.64 ? 84  ASN A O   1 
ATOM   634  C CB  . ASN A 1 84  ? -19.625 21.319  -16.274 1.00 45.10 ? 84  ASN A CB  1 
ATOM   635  C CG  . ASN A 1 84  ? -19.516 21.383  -17.795 1.00 47.16 ? 84  ASN A CG  1 
ATOM   636  O OD1 . ASN A 1 84  ? -18.840 22.256  -18.354 1.00 49.86 ? 84  ASN A OD1 1 
ATOM   637  N ND2 . ASN A 1 84  ? -20.177 20.442  -18.476 1.00 50.11 ? 84  ASN A ND2 1 
ATOM   638  N N   . GLY A 1 85  ? -16.325 22.289  -14.884 1.00 42.53 ? 85  GLY A N   1 
ATOM   639  C CA  . GLY A 1 85  ? -15.690 23.452  -14.272 1.00 41.55 ? 85  GLY A CA  1 
ATOM   640  C C   . GLY A 1 85  ? -16.021 23.518  -12.787 1.00 39.78 ? 85  GLY A C   1 
ATOM   641  O O   . GLY A 1 85  ? -15.170 23.890  -11.978 1.00 41.19 ? 85  GLY A O   1 
ATOM   642  N N   . ALA A 1 86  ? -17.242 23.126  -12.429 1.00 37.21 ? 86  ALA A N   1 
ATOM   643  C CA  . ALA A 1 86  ? -17.782 23.404  -11.097 1.00 34.66 ? 86  ALA A CA  1 
ATOM   644  C C   . ALA A 1 86  ? -17.013 22.648  -10.001 1.00 32.68 ? 86  ALA A C   1 
ATOM   645  O O   . ALA A 1 86  ? -16.638 21.475  -10.157 1.00 30.61 ? 86  ALA A O   1 
ATOM   646  C CB  . ALA A 1 86  ? -19.266 23.083  -11.037 1.00 34.99 ? 86  ALA A CB  1 
ATOM   647  N N   . LYS A 1 87  ? -16.802 23.334  -8.887  1.00 30.49 ? 87  LYS A N   1 
ATOM   648  C CA  . LYS A 1 87  ? -15.942 22.825  -7.820  1.00 29.16 ? 87  LYS A CA  1 
ATOM   649  C C   . LYS A 1 87  ? -16.537 23.105  -6.458  1.00 26.85 ? 87  LYS A C   1 
ATOM   650  O O   . LYS A 1 87  ? -17.176 24.139  -6.241  1.00 25.74 ? 87  LYS A O   1 
ATOM   651  C CB  . LYS A 1 87  ? -14.556 23.453  -7.907  1.00 30.59 ? 87  LYS A CB  1 
ATOM   652  C CG  . LYS A 1 87  ? -13.613 22.675  -8.829  1.00 32.47 ? 87  LYS A CG  1 
ATOM   653  C CD  . LYS A 1 87  ? -12.358 23.461  -9.123  1.00 36.93 ? 87  LYS A CD  1 
ATOM   654  C CE  . LYS A 1 87  ? -11.959 23.341  -10.603 1.00 38.61 ? 87  LYS A CE  1 
ATOM   655  N NZ  . LYS A 1 87  ? -11.883 21.927  -11.067 1.00 41.11 ? 87  LYS A NZ  1 
ATOM   656  N N   . GLN A 1 88  ? -16.325 22.163  -5.552  1.00 23.63 ? 88  GLN A N   1 
ATOM   657  C CA  . GLN A 1 88  ? -16.780 22.291  -4.175  1.00 22.00 ? 88  GLN A CA  1 
ATOM   658  C C   . GLN A 1 88  ? -15.538 22.135  -3.295  1.00 20.44 ? 88  GLN A C   1 
ATOM   659  O O   . GLN A 1 88  ? -14.706 21.269  -3.573  1.00 18.27 ? 88  GLN A O   1 
ATOM   660  C CB  . GLN A 1 88  ? -17.771 21.182  -3.836  1.00 21.56 ? 88  GLN A CB  1 
ATOM   661  C CG  . GLN A 1 88  ? -19.152 21.306  -4.473  1.00 23.58 ? 88  GLN A CG  1 
ATOM   662  C CD  . GLN A 1 88  ? -20.003 20.077  -4.250  1.00 25.17 ? 88  GLN A CD  1 
ATOM   663  O OE1 . GLN A 1 88  ? -19.500 19.007  -3.890  1.00 25.48 ? 88  GLN A OE1 1 
ATOM   664  N NE2 . GLN A 1 88  ? -21.296 20.200  -4.537  1.00 24.87 ? 88  GLN A NE2 1 
ATOM   665  N N   . GLU A 1 89  ? -15.459 22.922  -2.227  1.00 18.91 ? 89  GLU A N   1 
ATOM   666  C CA  . GLU A 1 89  ? -14.464 22.717  -1.170  1.00 17.86 ? 89  GLU A CA  1 
ATOM   667  C C   . GLU A 1 89  ? -15.203 22.125  0.004   1.00 18.12 ? 89  GLU A C   1 
ATOM   668  O O   . GLU A 1 89  ? -16.127 22.754  0.526   1.00 18.54 ? 89  GLU A O   1 
ATOM   669  C CB  . GLU A 1 89  ? -13.800 24.006  -0.766  1.00 18.24 ? 89  GLU A CB  1 
ATOM   670  C CG  . GLU A 1 89  ? -12.818 23.889  0.367   1.00 21.55 ? 89  GLU A CG  1 
ATOM   671  C CD  . GLU A 1 89  ? -12.312 25.234  0.845   1.00 29.20 ? 89  GLU A CD  1 
ATOM   672  O OE1 . GLU A 1 89  ? -11.519 25.853  0.103   1.00 32.25 ? 89  GLU A OE1 1 
ATOM   673  O OE2 . GLU A 1 89  ? -12.732 25.690  1.947   1.00 35.40 ? 89  GLU A OE2 1 
ATOM   674  N N   . ILE A 1 90  ? -14.808 20.916  0.379   1.00 16.23 ? 90  ILE A N   1 
ATOM   675  C CA  . ILE A 1 90  ? -15.551 20.123  1.376   1.00 16.38 ? 90  ILE A CA  1 
ATOM   676  C C   . ILE A 1 90  ? -14.683 19.884  2.608   1.00 16.07 ? 90  ILE A C   1 
ATOM   677  O O   . ILE A 1 90  ? -13.550 19.425  2.486   1.00 16.11 ? 90  ILE A O   1 
ATOM   678  C CB  . ILE A 1 90  ? -15.989 18.794  0.788   1.00 15.36 ? 90  ILE A CB  1 
ATOM   679  C CG1 . ILE A 1 90  ? -16.744 19.040  -0.524  1.00 14.80 ? 90  ILE A CG1 1 
ATOM   680  C CG2 . ILE A 1 90  ? -16.804 17.998  1.826   1.00 17.43 ? 90  ILE A CG2 1 
ATOM   681  C CD1 . ILE A 1 90  ? -17.305 17.830  -1.155  1.00 16.07 ? 90  ILE A CD1 1 
ATOM   682  N N   . ARG A 1 91  ? -15.238 20.158  3.790   1.00 15.42 ? 91  ARG A N   1 
ATOM   683  C CA  . ARG A 1 91  ? -14.568 19.934  5.037   1.00 15.84 ? 91  ARG A CA  1 
ATOM   684  C C   . ARG A 1 91  ? -15.211 18.722  5.656   1.00 16.14 ? 91  ARG A C   1 
ATOM   685  O O   . ARG A 1 91  ? -16.426 18.691  5.855   1.00 16.65 ? 91  ARG A O   1 
ATOM   686  C CB  . ARG A 1 91  ? -14.747 21.139  5.964   1.00 16.64 ? 91  ARG A CB  1 
ATOM   687  C CG  . ARG A 1 91  ? -14.098 21.055  7.316   1.00 20.73 ? 91  ARG A CG  1 
ATOM   688  C CD  . ARG A 1 91  ? -14.358 22.375  8.121   1.00 27.37 ? 91  ARG A CD  1 
ATOM   689  N NE  . ARG A 1 91  ? -13.515 23.413  7.545   1.00 33.45 ? 91  ARG A NE  1 
ATOM   690  C CZ  . ARG A 1 91  ? -13.481 24.693  7.886   1.00 37.94 ? 91  ARG A CZ  1 
ATOM   691  N NH1 . ARG A 1 91  ? -14.300 25.173  8.826   1.00 41.09 ? 91  ARG A NH1 1 
ATOM   692  N NH2 . ARG A 1 91  ? -12.624 25.507  7.253   1.00 37.25 ? 91  ARG A NH2 1 
ATOM   693  N N   . VAL A 1 92  ? -14.402 17.716  5.942   1.00 16.04 ? 92  VAL A N   1 
ATOM   694  C CA  . VAL A 1 92  ? -14.883 16.496  6.582   1.00 17.53 ? 92  VAL A CA  1 
ATOM   695  C C   . VAL A 1 92  ? -14.014 16.159  7.785   1.00 18.04 ? 92  VAL A C   1 
ATOM   696  O O   . VAL A 1 92  ? -12.884 16.620  7.907   1.00 18.21 ? 92  VAL A O   1 
ATOM   697  C CB  . VAL A 1 92  ? -14.866 15.287  5.623   1.00 18.00 ? 92  VAL A CB  1 
ATOM   698  C CG1 . VAL A 1 92  ? -15.762 15.515  4.421   1.00 19.64 ? 92  VAL A CG1 1 
ATOM   699  C CG2 . VAL A 1 92  ? -13.481 15.001  5.177   1.00 18.34 ? 92  VAL A CG2 1 
ATOM   700  N N   . ARG A 1 93  ? -14.574 15.357  8.683   1.00 18.49 ? 93  ARG A N   1 
ATOM   701  C CA  . ARG A 1 93  ? -13.843 14.788  9.809   1.00 19.45 ? 93  ARG A CA  1 
ATOM   702  C C   . ARG A 1 93  ? -13.859 13.275  9.720   1.00 19.58 ? 93  ARG A C   1 
ATOM   703  O O   . ARG A 1 93  ? -14.931 12.652  9.668   1.00 19.47 ? 93  ARG A O   1 
ATOM   704  C CB  . ARG A 1 93  ? -14.487 15.187  11.128  1.00 20.38 ? 93  ARG A CB  1 
ATOM   705  C CG  . ARG A 1 93  ? -14.403 16.638  11.375  1.00 24.96 ? 93  ARG A CG  1 
ATOM   706  C CD  . ARG A 1 93  ? -15.280 17.031  12.569  1.00 30.55 ? 93  ARG A CD  1 
ATOM   707  N NE  . ARG A 1 93  ? -14.680 16.635  13.825  1.00 33.69 ? 93  ARG A NE  1 
ATOM   708  C CZ  . ARG A 1 93  ? -13.610 17.211  14.369  1.00 38.88 ? 93  ARG A CZ  1 
ATOM   709  N NH1 . ARG A 1 93  ? -12.964 18.200  13.746  1.00 40.91 ? 93  ARG A NH1 1 
ATOM   710  N NH2 . ARG A 1 93  ? -13.167 16.785  15.548  1.00 41.53 ? 93  ARG A NH2 1 
ATOM   711  N N   . VAL A 1 94  ? -12.668 12.689  9.688   1.00 18.65 ? 94  VAL A N   1 
ATOM   712  C CA  . VAL A 1 94  ? -12.504 11.256  9.591   1.00 19.07 ? 94  VAL A CA  1 
ATOM   713  C C   . VAL A 1 94  ? -11.914 10.758  10.911  1.00 19.86 ? 94  VAL A C   1 
ATOM   714  O O   . VAL A 1 94  ? -10.908 11.294  11.379  1.00 19.11 ? 94  VAL A O   1 
ATOM   715  C CB  . VAL A 1 94  ? -11.511 10.900  8.450   1.00 19.58 ? 94  VAL A CB  1 
ATOM   716  C CG1 . VAL A 1 94  ? -11.399 9.413   8.325   1.00 19.52 ? 94  VAL A CG1 1 
ATOM   717  C CG2 . VAL A 1 94  ? -11.989 11.503  7.129   1.00 20.74 ? 94  VAL A CG2 1 
ATOM   718  N N   . GLU A 1 95  ? -12.510 9.725   11.483  1.00 21.72 ? 95  GLU A N   1 
ATOM   719  C CA  . GLU A 1 95  ? -12.084 9.203   12.781  1.00 23.81 ? 95  GLU A CA  1 
ATOM   720  C C   . GLU A 1 95  ? -11.200 7.996   12.534  1.00 23.29 ? 95  GLU A C   1 
ATOM   721  O O   . GLU A 1 95  ? -11.663 7.021   11.966  1.00 22.60 ? 95  GLU A O   1 
ATOM   722  C CB  . GLU A 1 95  ? -13.281 8.773   13.612  1.00 25.02 ? 95  GLU A CB  1 
ATOM   723  C CG  . GLU A 1 95  ? -14.241 9.890   14.005  1.00 30.77 ? 95  GLU A CG  1 
ATOM   724  C CD  . GLU A 1 95  ? -15.299 9.431   15.025  1.00 37.76 ? 95  GLU A CD  1 
ATOM   725  O OE1 . GLU A 1 95  ? -15.075 8.388   15.697  1.00 42.00 ? 95  GLU A OE1 1 
ATOM   726  O OE2 . GLU A 1 95  ? -16.346 10.125  15.155  1.00 42.37 ? 95  GLU A OE2 1 
ATOM   727  N N   . LYS A 1 96  ? -9.935  8.062   12.953  1.00 24.61 ? 96  LYS A N   1 
ATOM   728  C CA  . LYS A 1 96  ? -9.021  6.955   12.717  1.00 25.22 ? 96  LYS A CA  1 
ATOM   729  C C   . LYS A 1 96  ? -9.550  5.707   13.357  1.00 27.59 ? 96  LYS A C   1 
ATOM   730  O O   . LYS A 1 96  ? -10.053 5.727   14.497  1.00 25.76 ? 96  LYS A O   1 
ATOM   731  C CB  . LYS A 1 96  ? -7.632  7.217   13.279  1.00 25.71 ? 96  LYS A CB  1 
ATOM   732  C CG  . LYS A 1 96  ? -6.844  8.196   12.440  1.00 24.28 ? 96  LYS A CG  1 
ATOM   733  C CD  . LYS A 1 96  ? -5.366  8.238   12.804  1.00 24.27 ? 96  LYS A CD  1 
ATOM   734  C CE  . LYS A 1 96  ? -4.605  9.038   11.734  1.00 25.33 ? 96  LYS A CE  1 
ATOM   735  N NZ  . LYS A 1 96  ? -3.130  9.105   12.030  1.00 23.46 ? 96  LYS A NZ  1 
ATOM   736  N N   . ASP A 1 97  ? -9.543  4.673   12.536  1.00 30.02 ? 97  ASP A N   1 
ATOM   737  C CA  . ASP A 1 97  ? -9.254  3.352   12.970  1.00 32.92 ? 97  ASP A CA  1 
ATOM   738  C C   . ASP A 1 97  ? -9.248  2.283   11.908  1.00 33.38 ? 97  ASP A C   1 
ATOM   739  O O   . ASP A 1 97  ? -8.249  1.574   11.832  1.00 34.36 ? 97  ASP A O   1 
ATOM   740  C CB  . ASP A 1 97  ? -10.106 2.884   14.107  1.00 33.73 ? 97  ASP A CB  1 
ATOM   741  C CG  . ASP A 1 97  ? -9.333  1.974   14.970  1.00 37.10 ? 97  ASP A CG  1 
ATOM   742  O OD1 . ASP A 1 97  ? -9.569  0.760   14.895  1.00 42.11 ? 97  ASP A OD1 1 
ATOM   743  O OD2 . ASP A 1 97  ? -8.384  2.477   15.618  1.00 43.64 ? 97  ASP A OD2 1 
ATOM   744  N N   . SER A 1 104 ? 0.445   -10.111 14.954  1.00 36.32 ? 104 SER A N   1 
ATOM   745  C CA  . SER A 1 104 ? -0.113  -10.752 13.755  1.00 35.38 ? 104 SER A CA  1 
ATOM   746  C C   . SER A 1 104 ? 0.861   -10.646 12.550  1.00 33.88 ? 104 SER A C   1 
ATOM   747  O O   . SER A 1 104 ? 2.082   -10.540 12.741  1.00 35.49 ? 104 SER A O   1 
ATOM   748  C CB  . SER A 1 104 ? -1.483  -10.139 13.465  1.00 35.61 ? 104 SER A CB  1 
ATOM   749  O OG  . SER A 1 104 ? -1.479  -8.746  13.781  1.00 37.49 ? 104 SER A OG  1 
ATOM   750  N N   . SER A 1 105 ? 0.343   -10.733 11.328  1.00 30.75 ? 105 SER A N   1 
ATOM   751  C CA  . SER A 1 105 ? 1.107   -10.364 10.133  1.00 28.33 ? 105 SER A CA  1 
ATOM   752  C C   . SER A 1 105 ? 0.156   -9.903  9.044   1.00 26.49 ? 105 SER A C   1 
ATOM   753  O O   . SER A 1 105 ? -1.041  -10.127 9.133   1.00 24.45 ? 105 SER A O   1 
ATOM   754  C CB  . SER A 1 105 ? 1.914   -11.553 9.613   1.00 28.31 ? 105 SER A CB  1 
ATOM   755  O OG  . SER A 1 105 ? 1.050   -12.631 9.277   1.00 27.72 ? 105 SER A OG  1 
ATOM   756  N N   . VAL A 1 106 ? 0.702   -9.257  8.018   1.00 24.51 ? 106 VAL A N   1 
ATOM   757  C CA  . VAL A 1 106 ? -0.020  -9.035  6.760   1.00 23.89 ? 106 VAL A CA  1 
ATOM   758  C C   . VAL A 1 106 ? 0.973   -9.433  5.685   1.00 22.75 ? 106 VAL A C   1 
ATOM   759  O O   . VAL A 1 106 ? 2.095   -8.957  5.718   1.00 22.95 ? 106 VAL A O   1 
ATOM   760  C CB  . VAL A 1 106 ? -0.387  -7.566  6.539   1.00 23.84 ? 106 VAL A CB  1 
ATOM   761  C CG1 . VAL A 1 106 ? -1.264  -7.368  5.296   1.00 22.58 ? 106 VAL A CG1 1 
ATOM   762  C CG2 . VAL A 1 106 ? -1.102  -7.015  7.760   1.00 26.31 ? 106 VAL A CG2 1 
ATOM   763  N N   . PRO A 1 107 ? 0.605   -10.366 4.804   1.00 21.74 ? 107 PRO A N   1 
ATOM   764  C CA  . PRO A 1 107 ? -0.631  -11.157 4.816   1.00 21.02 ? 107 PRO A CA  1 
ATOM   765  C C   . PRO A 1 107 ? -0.608  -12.282 5.847   1.00 20.86 ? 107 PRO A C   1 
ATOM   766  O O   . PRO A 1 107 ? 0.307   -12.369 6.690   1.00 19.81 ? 107 PRO A O   1 
ATOM   767  C CB  . PRO A 1 107 ? -0.688  -11.707 3.383   1.00 21.26 ? 107 PRO A CB  1 
ATOM   768  C CG  . PRO A 1 107 ? 0.740   -11.856 3.004   1.00 21.29 ? 107 PRO A CG  1 
ATOM   769  C CD  . PRO A 1 107 ? 1.491   -10.752 3.691   1.00 21.46 ? 107 PRO A CD  1 
ATOM   770  N N   . THR A 1 108 ? -1.633  -13.129 5.809   1.00 19.59 ? 108 THR A N   1 
ATOM   771  C CA  . THR A 1 108 ? -1.724  -14.269 6.699   1.00 20.33 ? 108 THR A CA  1 
ATOM   772  C C   . THR A 1 108 ? -1.821  -15.552 5.878   1.00 19.60 ? 108 THR A C   1 
ATOM   773  O O   . THR A 1 108 ? -2.135  -15.510 4.671   1.00 18.65 ? 108 THR A O   1 
ATOM   774  C CB  . THR A 1 108 ? -2.964  -14.135 7.605   1.00 20.19 ? 108 THR A CB  1 
ATOM   775  O OG1 . THR A 1 108 ? -4.102  -13.796 6.814   1.00 22.36 ? 108 THR A OG1 1 
ATOM   776  C CG2 . THR A 1 108 ? -2.763  -12.994 8.611   1.00 23.08 ? 108 THR A CG2 1 
ATOM   777  N N   . ASN A 1 109 ? -1.599  -16.672 6.556   1.00 18.37 ? 109 ASN A N   1 
ATOM   778  C CA  . ASN A 1 109 ? -1.788  -18.017 5.981   1.00 19.04 ? 109 ASN A CA  1 
ATOM   779  C C   . ASN A 1 109 ? -1.027  -18.215 4.675   1.00 18.16 ? 109 ASN A C   1 
ATOM   780  O O   . ASN A 1 109 ? -1.598  -18.580 3.647   1.00 19.05 ? 109 ASN A O   1 
ATOM   781  C CB  . ASN A 1 109 ? -3.263  -18.323 5.782   1.00 19.45 ? 109 ASN A CB  1 
ATOM   782  C CG  . ASN A 1 109 ? -3.990  -18.526 7.092   1.00 23.31 ? 109 ASN A CG  1 
ATOM   783  O OD1 . ASN A 1 109 ? -3.642  -19.421 7.846   1.00 27.70 ? 109 ASN A OD1 1 
ATOM   784  N ND2 . ASN A 1 109 ? -4.991  -17.692 7.367   1.00 26.19 ? 109 ASN A ND2 1 
ATOM   785  N N   . LEU A 1 110 ? 0.276   -18.009 4.765   1.00 17.93 ? 110 LEU A N   1 
ATOM   786  C CA  . LEU A 1 110 ? 1.200   -18.283 3.661   1.00 16.97 ? 110 LEU A CA  1 
ATOM   787  C C   . LEU A 1 110 ? 1.387   -19.786 3.522   1.00 17.95 ? 110 LEU A C   1 
ATOM   788  O O   . LEU A 1 110 ? 1.810   -20.477 4.478   1.00 17.29 ? 110 LEU A O   1 
ATOM   789  C CB  . LEU A 1 110 ? 2.553   -17.617 3.934   1.00 17.05 ? 110 LEU A CB  1 
ATOM   790  C CG  . LEU A 1 110 ? 3.655   -17.771 2.865   1.00 15.55 ? 110 LEU A CG  1 
ATOM   791  C CD1 . LEU A 1 110 ? 3.220   -17.318 1.485   1.00 17.43 ? 110 LEU A CD1 1 
ATOM   792  C CD2 . LEU A 1 110 ? 4.905   -17.021 3.290   1.00 16.02 ? 110 LEU A CD2 1 
ATOM   793  N N   . GLU A 1 111 ? 1.143   -20.295 2.325   1.00 18.21 ? 111 GLU A N   1 
ATOM   794  C CA  . GLU A 1 111 ? 1.149   -21.748 2.078   1.00 19.17 ? 111 GLU A CA  1 
ATOM   795  C C   . GLU A 1 111 ? 1.741   -22.026 0.714   1.00 19.06 ? 111 GLU A C   1 
ATOM   796  O O   . GLU A 1 111 ? 1.693   -21.166 -0.159  1.00 17.17 ? 111 GLU A O   1 
ATOM   797  C CB  . GLU A 1 111 ? -0.273  -22.276 2.081   1.00 21.08 ? 111 GLU A CB  1 
ATOM   798  C CG  . GLU A 1 111 ? -0.998  -22.190 3.410   1.00 24.60 ? 111 GLU A CG  1 
ATOM   799  C CD  . GLU A 1 111 ? -2.318  -22.944 3.354   1.00 30.73 ? 111 GLU A CD  1 
ATOM   800  O OE1 . GLU A 1 111 ? -3.228  -22.503 2.615   1.00 34.55 ? 111 GLU A OE1 1 
ATOM   801  O OE2 . GLU A 1 111 ? -2.418  -24.010 4.004   1.00 36.25 ? 111 GLU A OE2 1 
ATOM   802  N N   . VAL A 1 112 ? 2.255   -23.241 0.529   1.00 18.63 ? 112 VAL A N   1 
ATOM   803  C CA  . VAL A 1 112 ? 2.645   -23.724 -0.818  1.00 18.90 ? 112 VAL A CA  1 
ATOM   804  C C   . VAL A 1 112 ? 1.460   -24.489 -1.400  1.00 19.34 ? 112 VAL A C   1 
ATOM   805  O O   . VAL A 1 112 ? 0.976   -25.450 -0.777  1.00 19.98 ? 112 VAL A O   1 
ATOM   806  C CB  . VAL A 1 112 ? 3.908   -24.618 -0.784  1.00 19.27 ? 112 VAL A CB  1 
ATOM   807  C CG1 . VAL A 1 112 ? 4.193   -25.257 -2.173  1.00 18.76 ? 112 VAL A CG1 1 
ATOM   808  C CG2 . VAL A 1 112 ? 5.107   -23.819 -0.342  1.00 19.36 ? 112 VAL A CG2 1 
ATOM   809  N N   . VAL A 1 113 ? 0.981   -24.054 -2.561  1.00 18.06 ? 113 VAL A N   1 
ATOM   810  C CA  . VAL A 1 113 ? -0.158  -24.684 -3.243  1.00 19.08 ? 113 VAL A CA  1 
ATOM   811  C C   . VAL A 1 113 ? 0.298   -25.841 -4.131  1.00 19.57 ? 113 VAL A C   1 
ATOM   812  O O   . VAL A 1 113 ? -0.320  -26.930 -4.129  1.00 20.26 ? 113 VAL A O   1 
ATOM   813  C CB  . VAL A 1 113 ? -0.944  -23.666 -4.085  1.00 19.68 ? 113 VAL A CB  1 
ATOM   814  C CG1 . VAL A 1 113 ? -2.033  -24.353 -4.912  1.00 19.26 ? 113 VAL A CG1 1 
ATOM   815  C CG2 . VAL A 1 113 ? -1.561  -22.619 -3.193  1.00 21.85 ? 113 VAL A CG2 1 
ATOM   816  N N   . ALA A 1 114 ? 1.373   -25.596 -4.883  1.00 18.64 ? 114 ALA A N   1 
ATOM   817  C CA  . ALA A 1 114 ? 1.893   -26.541 -5.856  1.00 19.37 ? 114 ALA A CA  1 
ATOM   818  C C   . ALA A 1 114 ? 3.396   -26.374 -5.984  1.00 20.12 ? 114 ALA A C   1 
ATOM   819  O O   . ALA A 1 114 ? 3.925   -25.261 -5.893  1.00 20.32 ? 114 ALA A O   1 
ATOM   820  C CB  . ALA A 1 114 ? 1.238   -26.325 -7.175  1.00 18.66 ? 114 ALA A CB  1 
ATOM   821  N N   . ALA A 1 115 ? 4.088   -27.487 -6.208  1.00 21.43 ? 115 ALA A N   1 
ATOM   822  C CA  . ALA A 1 115 ? 5.533   -27.471 -6.283  1.00 22.34 ? 115 ALA A CA  1 
ATOM   823  C C   . ALA A 1 115 ? 6.005   -28.423 -7.358  1.00 24.09 ? 115 ALA A C   1 
ATOM   824  O O   . ALA A 1 115 ? 5.341   -29.425 -7.654  1.00 24.28 ? 115 ALA A O   1 
ATOM   825  C CB  . ALA A 1 115 ? 6.100   -27.857 -4.987  1.00 22.72 ? 115 ALA A CB  1 
ATOM   826  N N   . THR A 1 116 ? 7.114   -28.044 -7.974  1.00 24.77 ? 116 THR A N   1 
ATOM   827  C CA  . THR A 1 116 ? 7.877   -28.893 -8.876  1.00 25.28 ? 116 THR A CA  1 
ATOM   828  C C   . THR A 1 116 ? 9.277   -28.916 -8.288  1.00 25.63 ? 116 THR A C   1 
ATOM   829  O O   . THR A 1 116 ? 9.559   -28.188 -7.332  1.00 25.25 ? 116 THR A O   1 
ATOM   830  C CB  . THR A 1 116 ? 7.935   -28.348 -10.312 1.00 25.28 ? 116 THR A CB  1 
ATOM   831  O OG1 . THR A 1 116 ? 8.818   -27.209 -10.396 1.00 26.65 ? 116 THR A OG1 1 
ATOM   832  C CG2 . THR A 1 116 ? 6.546   -27.986 -10.840 1.00 26.57 ? 116 THR A CG2 1 
ATOM   833  N N   . PRO A 1 117 ? 10.178  -29.733 -8.862  1.00 25.80 ? 117 PRO A N   1 
ATOM   834  C CA  . PRO A 1 117 ? 11.542  -29.723 -8.339  1.00 25.79 ? 117 PRO A CA  1 
ATOM   835  C C   . PRO A 1 117 ? 12.257  -28.380 -8.359  1.00 24.66 ? 117 PRO A C   1 
ATOM   836  O O   . PRO A 1 117 ? 13.150  -28.183 -7.521  1.00 24.99 ? 117 PRO A O   1 
ATOM   837  C CB  . PRO A 1 117 ? 12.260  -30.760 -9.220  1.00 26.47 ? 117 PRO A CB  1 
ATOM   838  C CG  . PRO A 1 117 ? 11.147  -31.687 -9.629  1.00 26.69 ? 117 PRO A CG  1 
ATOM   839  C CD  . PRO A 1 117 ? 10.015  -30.747 -9.919  1.00 26.84 ? 117 PRO A CD  1 
ATOM   840  N N   . THR A 1 118 ? 11.870  -27.452 -9.242  1.00 23.28 ? 118 THR A N   1 
ATOM   841  C CA  . THR A 1 118 ? 12.536  -26.139 -9.306  1.00 22.49 ? 118 THR A CA  1 
ATOM   842  C C   . THR A 1 118 ? 11.623  -24.920 -9.076  1.00 21.28 ? 118 THR A C   1 
ATOM   843  O O   . THR A 1 118 ? 12.053  -23.794 -9.294  1.00 20.38 ? 118 THR A O   1 
ATOM   844  C CB  . THR A 1 118 ? 13.204  -25.886 -10.681 1.00 22.62 ? 118 THR A CB  1 
ATOM   845  O OG1 . THR A 1 118 ? 12.196  -25.727 -11.682 1.00 24.36 ? 118 THR A OG1 1 
ATOM   846  C CG2 . THR A 1 118 ? 14.139  -27.040 -11.063 1.00 25.00 ? 118 THR A CG2 1 
ATOM   847  N N   . SER A 1 119 ? 10.381  -25.126 -8.644  1.00 20.24 ? 119 SER A N   1 
ATOM   848  C CA  . SER A 1 119 ? 9.455   -23.988 -8.559  1.00 19.34 ? 119 SER A CA  1 
ATOM   849  C C   . SER A 1 119 ? 8.382   -24.247 -7.512  1.00 18.20 ? 119 SER A C   1 
ATOM   850  O O   . SER A 1 119 ? 8.092   -25.402 -7.175  1.00 18.14 ? 119 SER A O   1 
ATOM   851  C CB  . SER A 1 119 ? 8.773   -23.728 -9.885  1.00 19.68 ? 119 SER A CB  1 
ATOM   852  O OG  . SER A 1 119 ? 7.802   -24.745 -10.141 1.00 20.72 ? 119 SER A OG  1 
ATOM   853  N N   . LEU A 1 120 ? 7.809   -23.156 -7.005  1.00 16.67 ? 120 LEU A N   1 
ATOM   854  C CA  . LEU A 1 120 ? 6.765   -23.237 -5.971  1.00 16.76 ? 120 LEU A CA  1 
ATOM   855  C C   . LEU A 1 120 ? 5.685   -22.217 -6.327  1.00 15.97 ? 120 LEU A C   1 
ATOM   856  O O   . LEU A 1 120 ? 6.017   -21.086 -6.676  1.00 16.75 ? 120 LEU A O   1 
ATOM   857  C CB  . LEU A 1 120 ? 7.342   -22.844 -4.608  1.00 17.64 ? 120 LEU A CB  1 
ATOM   858  C CG  . LEU A 1 120 ? 8.432   -23.715 -4.017  1.00 20.56 ? 120 LEU A CG  1 
ATOM   859  C CD1 . LEU A 1 120 ? 9.025   -23.059 -2.829  1.00 21.26 ? 120 LEU A CD1 1 
ATOM   860  C CD2 . LEU A 1 120 ? 7.935   -25.119 -3.681  1.00 23.94 ? 120 LEU A CD2 1 
ATOM   861  N N   . LEU A 1 121 ? 4.428   -22.586 -6.163  1.00 14.53 ? 121 LEU A N   1 
ATOM   862  C CA  . LEU A 1 121 ? 3.307   -21.639 -6.210  1.00 13.83 ? 121 LEU A CA  1 
ATOM   863  C C   . LEU A 1 121 ? 2.877   -21.465 -4.764  1.00 13.93 ? 121 LEU A C   1 
ATOM   864  O O   . LEU A 1 121 ? 2.527   -22.450 -4.122  1.00 13.10 ? 121 LEU A O   1 
ATOM   865  C CB  . LEU A 1 121 ? 2.143   -22.190 -7.023  1.00 14.55 ? 121 LEU A CB  1 
ATOM   866  C CG  . LEU A 1 121 ? 0.819   -21.408 -7.018  1.00 15.96 ? 121 LEU A CG  1 
ATOM   867  C CD1 . LEU A 1 121 ? 1.014   -20.116 -7.745  1.00 17.83 ? 121 LEU A CD1 1 
ATOM   868  C CD2 . LEU A 1 121 ? -0.306  -22.169 -7.684  1.00 18.28 ? 121 LEU A CD2 1 
ATOM   869  N N   . ILE A 1 122 ? 3.007   -20.235 -4.253  1.00 14.18 ? 122 ILE A N   1 
ATOM   870  C CA  . ILE A 1 122 ? 2.603   -19.904 -2.897  1.00 14.85 ? 122 ILE A CA  1 
ATOM   871  C C   . ILE A 1 122 ? 1.315   -19.113 -2.932  1.00 14.11 ? 122 ILE A C   1 
ATOM   872  O O   . ILE A 1 122 ? 1.003   -18.459 -3.917  1.00 13.59 ? 122 ILE A O   1 
ATOM   873  C CB  . ILE A 1 122 ? 3.708   -19.120 -2.147  1.00 14.94 ? 122 ILE A CB  1 
ATOM   874  C CG1 . ILE A 1 122 ? 4.055   -17.800 -2.868  1.00 16.04 ? 122 ILE A CG1 1 
ATOM   875  C CG2 . ILE A 1 122 ? 4.901   -20.015 -1.976  1.00 16.46 ? 122 ILE A CG2 1 
ATOM   876  C CD1 . ILE A 1 122 ? 4.986   -16.849 -2.074  1.00 15.63 ? 122 ILE A CD1 1 
ATOM   877  N N   . SER A 1 123 ? 0.564   -19.183 -1.844  1.00 15.22 ? 123 SER A N   1 
ATOM   878  C CA  . SER A 1 123 ? -0.631  -18.402 -1.696  1.00 15.11 ? 123 SER A CA  1 
ATOM   879  C C   . SER A 1 123 ? -0.682  -17.800 -0.303  1.00 15.19 ? 123 SER A C   1 
ATOM   880  O O   . SER A 1 123 ? 0.006   -18.249 0.602   1.00 15.34 ? 123 SER A O   1 
ATOM   881  C CB  . SER A 1 123 ? -1.888  -19.267 -1.928  1.00 14.90 ? 123 SER A CB  1 
ATOM   882  O OG  . SER A 1 123 ? -2.015  -20.273 -0.921  1.00 18.59 ? 123 SER A OG  1 
ATOM   883  N N   . TRP A 1 124 ? -1.486  -16.760 -0.175  1.00 15.65 ? 124 TRP A N   1 
ATOM   884  C CA  . TRP A 1 124 ? -1.748  -16.090 1.099   1.00 16.87 ? 124 TRP A CA  1 
ATOM   885  C C   . TRP A 1 124 ? -3.148  -15.500 1.055   1.00 18.16 ? 124 TRP A C   1 
ATOM   886  O O   . TRP A 1 124 ? -3.797  -15.489 0.032   1.00 17.83 ? 124 TRP A O   1 
ATOM   887  C CB  . TRP A 1 124 ? -0.695  -15.021 1.388   1.00 16.05 ? 124 TRP A CB  1 
ATOM   888  C CG  . TRP A 1 124 ? -0.604  -13.919 0.381   1.00 15.05 ? 124 TRP A CG  1 
ATOM   889  C CD1 . TRP A 1 124 ? -1.325  -12.787 0.360   1.00 15.76 ? 124 TRP A CD1 1 
ATOM   890  C CD2 . TRP A 1 124 ? 0.300   -13.846 -0.721  1.00 12.56 ? 124 TRP A CD2 1 
ATOM   891  N NE1 . TRP A 1 124 ? -0.965  -12.012 -0.715  1.00 14.85 ? 124 TRP A NE1 1 
ATOM   892  C CE2 . TRP A 1 124 ? 0.064   -12.625 -1.375  1.00 13.07 ? 124 TRP A CE2 1 
ATOM   893  C CE3 . TRP A 1 124 ? 1.295   -14.696 -1.207  1.00 14.48 ? 124 TRP A CE3 1 
ATOM   894  C CZ2 . TRP A 1 124 ? 0.762   -12.233 -2.510  1.00 14.74 ? 124 TRP A CZ2 1 
ATOM   895  C CZ3 . TRP A 1 124 ? 1.993   -14.317 -2.347  1.00 15.76 ? 124 TRP A CZ3 1 
ATOM   896  C CH2 . TRP A 1 124 ? 1.727   -13.083 -2.983  1.00 15.50 ? 124 TRP A CH2 1 
ATOM   897  N N   . ASP A 1 125 ? -3.649  -15.057 2.195   1.00 20.97 ? 125 ASP A N   1 
ATOM   898  C CA  . ASP A 1 125 ? -5.012  -14.543 2.203   1.00 22.60 ? 125 ASP A CA  1 
ATOM   899  C C   . ASP A 1 125 ? -5.113  -13.195 1.467   1.00 24.17 ? 125 ASP A C   1 
ATOM   900  O O   . ASP A 1 125 ? -4.351  -12.289 1.728   1.00 23.99 ? 125 ASP A O   1 
ATOM   901  C CB  . ASP A 1 125 ? -5.486  -14.362 3.623   1.00 22.81 ? 125 ASP A CB  1 
ATOM   902  C CG  . ASP A 1 125 ? -5.714  -15.652 4.335   1.00 24.88 ? 125 ASP A CG  1 
ATOM   903  O OD1 . ASP A 1 125 ? -5.529  -15.640 5.573   1.00 30.31 ? 125 ASP A OD1 1 
ATOM   904  O OD2 . ASP A 1 125 ? -6.113  -16.669 3.712   1.00 25.59 ? 125 ASP A OD2 1 
ATOM   905  N N   . ALA A 1 126 ? -6.066  -13.088 0.551   1.00 26.16 ? 126 ALA A N   1 
ATOM   906  C CA  . ALA A 1 126 ? -6.309  -11.834 -0.163  1.00 27.53 ? 126 ALA A CA  1 
ATOM   907  C C   . ALA A 1 126 ? -6.934  -10.847 0.806   1.00 28.50 ? 126 ALA A C   1 
ATOM   908  O O   . ALA A 1 126 ? -7.956  -11.160 1.411   1.00 30.60 ? 126 ALA A O   1 
ATOM   909  C CB  . ALA A 1 126 ? -7.252  -12.063 -1.290  1.00 27.43 ? 126 ALA A CB  1 
ATOM   910  N N   . SER A 1 127 ? -6.291  -9.704  0.976   1.00 29.00 ? 127 SER A N   1 
ATOM   911  C CA  . SER A 1 127 ? -6.926  -8.480  1.494   1.00 28.51 ? 127 SER A CA  1 
ATOM   912  C C   . SER A 1 127 ? -6.687  -7.343  0.503   1.00 25.17 ? 127 SER A C   1 
ATOM   913  O O   . SER A 1 127 ? -5.541  -6.986  0.255   1.00 25.91 ? 127 SER A O   1 
ATOM   914  C CB  . SER A 1 127 ? -6.331  -8.135  2.857   1.00 29.33 ? 127 SER A CB  1 
ATOM   915  O OG  . SER A 1 127 ? -7.339  -8.094  3.861   1.00 35.33 ? 127 SER A OG  1 
ATOM   916  N N   . TYR A 1 128 ? -7.745  -6.755  -0.054  1.00 20.76 ? 128 TYR A N   1 
ATOM   917  C CA  . TYR A 1 128 ? -7.581  -5.803  -1.184  1.00 17.59 ? 128 TYR A CA  1 
ATOM   918  C C   . TYR A 1 128 ? -7.458  -4.324  -0.771  1.00 16.55 ? 128 TYR A C   1 
ATOM   919  O O   . TYR A 1 128 ? -7.489  -3.456  -1.611  1.00 16.97 ? 128 TYR A O   1 
ATOM   920  C CB  . TYR A 1 128 ? -8.716  -5.986  -2.190  1.00 17.59 ? 128 TYR A CB  1 
ATOM   921  C CG  . TYR A 1 128 ? -8.725  -7.369  -2.798  1.00 17.80 ? 128 TYR A CG  1 
ATOM   922  C CD1 . TYR A 1 128 ? -9.823  -8.208  -2.666  1.00 18.34 ? 128 TYR A CD1 1 
ATOM   923  C CD2 . TYR A 1 128 ? -7.613  -7.846  -3.495  1.00 18.76 ? 128 TYR A CD2 1 
ATOM   924  C CE1 . TYR A 1 128 ? -9.823  -9.498  -3.226  1.00 18.35 ? 128 TYR A CE1 1 
ATOM   925  C CE2 . TYR A 1 128 ? -7.599  -9.143  -4.037  1.00 21.01 ? 128 TYR A CE2 1 
ATOM   926  C CZ  . TYR A 1 128 ? -8.714  -9.955  -3.898  1.00 18.51 ? 128 TYR A CZ  1 
ATOM   927  O OH  . TYR A 1 128 ? -8.686  -11.224 -4.443  1.00 18.28 ? 128 TYR A OH  1 
ATOM   928  N N   . TYR A 1 129 ? -7.289  -4.054  0.520   1.00 15.89 ? 129 TYR A N   1 
ATOM   929  C CA  . TYR A 1 129 ? -7.144  -2.688  1.012   1.00 15.04 ? 129 TYR A CA  1 
ATOM   930  C C   . TYR A 1 129 ? -6.010  -2.649  1.998   1.00 14.81 ? 129 TYR A C   1 
ATOM   931  O O   . TYR A 1 129 ? -5.652  -3.658  2.602   1.00 16.46 ? 129 TYR A O   1 
ATOM   932  C CB  . TYR A 1 129 ? -8.453  -2.195  1.664   1.00 15.57 ? 129 TYR A CB  1 
ATOM   933  C CG  . TYR A 1 129 ? -9.631  -2.458  0.801   1.00 16.11 ? 129 TYR A CG  1 
ATOM   934  C CD1 . TYR A 1 129 ? -10.426 -3.576  1.020   1.00 19.27 ? 129 TYR A CD1 1 
ATOM   935  C CD2 . TYR A 1 129 ? -9.902  -1.668  -0.299  1.00 18.95 ? 129 TYR A CD2 1 
ATOM   936  C CE1 . TYR A 1 129 ? -11.498 -3.853  0.196   1.00 20.13 ? 129 TYR A CE1 1 
ATOM   937  C CE2 . TYR A 1 129 ? -10.991 -1.951  -1.143  1.00 21.21 ? 129 TYR A CE2 1 
ATOM   938  C CZ  . TYR A 1 129 ? -11.774 -3.046  -0.862  1.00 21.57 ? 129 TYR A CZ  1 
ATOM   939  O OH  . TYR A 1 129 ? -12.833 -3.367  -1.681  1.00 27.08 ? 129 TYR A OH  1 
ATOM   940  N N   . GLY A 1 130 ? -5.410  -1.471  2.123   1.00 14.17 ? 130 GLY A N   1 
ATOM   941  C CA  . GLY A 1 130 ? -4.342  -1.223  3.066   1.00 14.32 ? 130 GLY A CA  1 
ATOM   942  C C   . GLY A 1 130 ? -2.928  -1.526  2.593   1.00 13.21 ? 130 GLY A C   1 
ATOM   943  O O   . GLY A 1 130 ? -1.960  -1.284  3.342   1.00 13.47 ? 130 GLY A O   1 
ATOM   944  N N   . VAL A 1 131 ? -2.797  -2.086  1.382   1.00 12.90 ? 131 VAL A N   1 
ATOM   945  C CA  . VAL A 1 131 ? -1.521  -2.540  0.857   1.00 12.45 ? 131 VAL A CA  1 
ATOM   946  C C   . VAL A 1 131 ? -1.240  -1.868  -0.468  1.00 12.78 ? 131 VAL A C   1 
ATOM   947  O O   . VAL A 1 131 ? -2.094  -1.899  -1.352  1.00 11.18 ? 131 VAL A O   1 
ATOM   948  C CB  . VAL A 1 131 ? -1.511  -4.089  0.684   1.00 12.43 ? 131 VAL A CB  1 
ATOM   949  C CG1 . VAL A 1 131 ? -0.227  -4.569  0.004   1.00 13.58 ? 131 VAL A CG1 1 
ATOM   950  C CG2 . VAL A 1 131 ? -1.670  -4.737  2.037   1.00 13.87 ? 131 VAL A CG2 1 
ATOM   951  N N   . SER A 1 132 ? -0.053  -1.270  -0.585  1.00 12.49 ? 132 SER A N   1 
ATOM   952  C CA  . SER A 1 132 ? 0.389   -0.645  -1.843  1.00 11.51 ? 132 SER A CA  1 
ATOM   953  C C   . SER A 1 132 ? 0.923   -1.711  -2.840  1.00 11.53 ? 132 SER A C   1 
ATOM   954  O O   . SER A 1 132 ? 0.591   -1.710  -4.040  1.00 11.37 ? 132 SER A O   1 
ATOM   955  C CB  . SER A 1 132 ? 1.465   0.409   -1.579  1.00 12.72 ? 132 SER A CB  1 
ATOM   956  O OG  . SER A 1 132 ? 1.772   1.108   -2.782  1.00 13.69 ? 132 SER A OG  1 
ATOM   957  N N   . TYR A 1 133 ? 1.740   -2.617  -2.312  1.00 11.30 ? 133 TYR A N   1 
ATOM   958  C CA  . TYR A 1 133 ? 2.315   -3.715  -3.067  1.00 11.68 ? 133 TYR A CA  1 
ATOM   959  C C   . TYR A 1 133 ? 2.907   -4.735  -2.101  1.00 11.87 ? 133 TYR A C   1 
ATOM   960  O O   . TYR A 1 133 ? 3.103   -4.447  -0.920  1.00 12.39 ? 133 TYR A O   1 
ATOM   961  C CB  . TYR A 1 133 ? 3.397   -3.188  -4.047  1.00 11.61 ? 133 TYR A CB  1 
ATOM   962  C CG  . TYR A 1 133 ? 4.664   -2.719  -3.383  1.00 11.81 ? 133 TYR A CG  1 
ATOM   963  C CD1 . TYR A 1 133 ? 5.784   -3.563  -3.260  1.00 12.65 ? 133 TYR A CD1 1 
ATOM   964  C CD2 . TYR A 1 133 ? 4.757   -1.440  -2.842  1.00 12.69 ? 133 TYR A CD2 1 
ATOM   965  C CE1 . TYR A 1 133 ? 6.953   -3.113  -2.638  1.00 13.37 ? 133 TYR A CE1 1 
ATOM   966  C CE2 . TYR A 1 133 ? 5.910   -1.013  -2.221  1.00 12.87 ? 133 TYR A CE2 1 
ATOM   967  C CZ  . TYR A 1 133 ? 6.996   -1.834  -2.124  1.00 15.23 ? 133 TYR A CZ  1 
ATOM   968  O OH  . TYR A 1 133 ? 8.136   -1.355  -1.509  1.00 14.47 ? 133 TYR A OH  1 
ATOM   969  N N   . TYR A 1 134 ? 3.128   -5.955  -2.601  1.00 11.45 ? 134 TYR A N   1 
ATOM   970  C CA  . TYR A 1 134 ? 3.856   -6.988  -1.894  1.00 11.73 ? 134 TYR A CA  1 
ATOM   971  C C   . TYR A 1 134 ? 5.273   -7.200  -2.445  1.00 12.50 ? 134 TYR A C   1 
ATOM   972  O O   . TYR A 1 134 ? 5.525   -7.073  -3.651  1.00 13.00 ? 134 TYR A O   1 
ATOM   973  C CB  . TYR A 1 134 ? 3.136   -8.312  -1.981  1.00 12.84 ? 134 TYR A CB  1 
ATOM   974  C CG  . TYR A 1 134 ? 1.762   -8.356  -1.378  1.00 11.37 ? 134 TYR A CG  1 
ATOM   975  C CD1 . TYR A 1 134 ? 1.583   -8.606  -0.021  1.00 11.98 ? 134 TYR A CD1 1 
ATOM   976  C CD2 . TYR A 1 134 ? 0.644   -8.260  -2.173  1.00 9.72  ? 134 TYR A CD2 1 
ATOM   977  C CE1 . TYR A 1 134 ? 0.305   -8.701  0.511   1.00 13.01 ? 134 TYR A CE1 1 
ATOM   978  C CE2 . TYR A 1 134 ? -0.636  -8.312  -1.648  1.00 12.85 ? 134 TYR A CE2 1 
ATOM   979  C CZ  . TYR A 1 134 ? -0.815  -8.566  -0.315  1.00 13.81 ? 134 TYR A CZ  1 
ATOM   980  O OH  . TYR A 1 134 ? -2.113  -8.683  0.188   1.00 14.83 ? 134 TYR A OH  1 
ATOM   981  N N   . ARG A 1 135 ? 6.194   -7.475  -1.526  1.00 12.72 ? 135 ARG A N   1 
ATOM   982  C CA  . ARG A 1 135 ? 7.529   -7.960  -1.863  1.00 13.42 ? 135 ARG A CA  1 
ATOM   983  C C   . ARG A 1 135 ? 7.685   -9.404  -1.364  1.00 13.50 ? 135 ARG A C   1 
ATOM   984  O O   . ARG A 1 135 ? 7.344   -9.735  -0.214  1.00 12.64 ? 135 ARG A O   1 
ATOM   985  C CB  . ARG A 1 135 ? 8.593   -7.087  -1.228  1.00 13.87 ? 135 ARG A CB  1 
ATOM   986  C CG  . ARG A 1 135 ? 10.009  -7.547  -1.584  1.00 16.42 ? 135 ARG A CG  1 
ATOM   987  C CD  . ARG A 1 135 ? 11.033  -6.493  -1.334  1.00 23.96 ? 135 ARG A CD  1 
ATOM   988  N NE  . ARG A 1 135 ? 11.202  -6.351  0.074   1.00 24.41 ? 135 ARG A NE  1 
ATOM   989  C CZ  . ARG A 1 135 ? 12.282  -6.649  0.803   1.00 23.66 ? 135 ARG A CZ  1 
ATOM   990  N NH1 . ARG A 1 135 ? 13.427  -7.109  0.319   1.00 25.70 ? 135 ARG A NH1 1 
ATOM   991  N NH2 . ARG A 1 135 ? 12.204  -6.432  2.096   1.00 19.30 ? 135 ARG A NH2 1 
ATOM   992  N N   . ILE A 1 136 ? 8.173   -10.259 -2.259  1.00 12.88 ? 136 ILE A N   1 
ATOM   993  C CA  . ILE A 1 136 ? 8.422   -11.664 -1.972  1.00 13.48 ? 136 ILE A CA  1 
ATOM   994  C C   . ILE A 1 136 ? 9.933   -11.868 -1.996  1.00 13.28 ? 136 ILE A C   1 
ATOM   995  O O   . ILE A 1 136 ? 10.605  -11.474 -2.955  1.00 13.18 ? 136 ILE A O   1 
ATOM   996  C CB  . ILE A 1 136 ? 7.774   -12.579 -3.030  1.00 14.37 ? 136 ILE A CB  1 
ATOM   997  C CG1 . ILE A 1 136 ? 6.227   -12.541 -2.910  1.00 17.75 ? 136 ILE A CG1 1 
ATOM   998  C CG2 . ILE A 1 136 ? 8.262   -14.002 -2.845  1.00 15.51 ? 136 ILE A CG2 1 
ATOM   999  C CD1 . ILE A 1 136 ? 5.602   -11.487 -3.625  1.00 21.19 ? 136 ILE A CD1 1 
ATOM   1000 N N   . THR A 1 137 ? 10.466  -12.423 -0.925  1.00 13.91 ? 137 THR A N   1 
ATOM   1001 C CA  . THR A 1 137 ? 11.890  -12.764 -0.900  1.00 13.63 ? 137 THR A CA  1 
ATOM   1002 C C   . THR A 1 137 ? 12.084  -14.258 -0.696  1.00 13.81 ? 137 THR A C   1 
ATOM   1003 O O   . THR A 1 137 ? 11.277  -14.941 -0.041  1.00 13.30 ? 137 THR A O   1 
ATOM   1004 C CB  . THR A 1 137 ? 12.706  -11.988 0.191   1.00 14.76 ? 137 THR A CB  1 
ATOM   1005 O OG1 . THR A 1 137 ? 12.460  -12.533 1.504   1.00 12.79 ? 137 THR A OG1 1 
ATOM   1006 C CG2 . THR A 1 137 ? 12.431  -10.496 0.160   1.00 15.80 ? 137 THR A CG2 1 
ATOM   1007 N N   . TYR A 1 138 ? 13.179  -14.765 -1.247  1.00 14.26 ? 138 TYR A N   1 
ATOM   1008 C CA  . TYR A 1 138 ? 13.517  -16.169 -1.075  1.00 14.59 ? 138 TYR A CA  1 
ATOM   1009 C C   . TYR A 1 138 ? 15.026  -16.398 -1.121  1.00 15.13 ? 138 TYR A C   1 
ATOM   1010 O O   . TYR A 1 138 ? 15.754  -15.809 -1.906  1.00 15.43 ? 138 TYR A O   1 
ATOM   1011 C CB  . TYR A 1 138 ? 12.790  -17.053 -2.067  1.00 14.20 ? 138 TYR A CB  1 
ATOM   1012 C CG  . TYR A 1 138 ? 13.049  -16.724 -3.520  1.00 14.05 ? 138 TYR A CG  1 
ATOM   1013 C CD1 . TYR A 1 138 ? 12.413  -15.661 -4.135  1.00 14.31 ? 138 TYR A CD1 1 
ATOM   1014 C CD2 . TYR A 1 138 ? 13.943  -17.484 -4.286  1.00 14.69 ? 138 TYR A CD2 1 
ATOM   1015 C CE1 . TYR A 1 138 ? 12.655  -15.359 -5.480  1.00 15.83 ? 138 TYR A CE1 1 
ATOM   1016 C CE2 . TYR A 1 138 ? 14.167  -17.200 -5.635  1.00 15.95 ? 138 TYR A CE2 1 
ATOM   1017 C CZ  . TYR A 1 138 ? 13.532  -16.151 -6.216  1.00 17.76 ? 138 TYR A CZ  1 
ATOM   1018 O OH  . TYR A 1 138 ? 13.763  -15.858 -7.562  1.00 20.02 ? 138 TYR A OH  1 
ATOM   1019 N N   . GLY A 1 139 ? 15.479  -17.270 -0.243  1.00 16.79 ? 139 GLY A N   1 
ATOM   1020 C CA  . GLY A 1 139 ? 16.883  -17.633 -0.183  1.00 18.07 ? 139 GLY A CA  1 
ATOM   1021 C C   . GLY A 1 139 ? 17.066  -18.947 0.537   1.00 19.13 ? 139 GLY A C   1 
ATOM   1022 O O   . GLY A 1 139 ? 16.182  -19.425 1.233   1.00 18.16 ? 139 GLY A O   1 
ATOM   1023 N N   . GLU A 1 140 ? 18.240  -19.536 0.366   1.00 20.38 ? 140 GLU A N   1 
ATOM   1024 C CA  . GLU A 1 140 ? 18.531  -20.784 1.075   1.00 21.49 ? 140 GLU A CA  1 
ATOM   1025 C C   . GLU A 1 140 ? 18.521  -20.534 2.577   1.00 22.05 ? 140 GLU A C   1 
ATOM   1026 O O   . GLU A 1 140 ? 19.105  -19.554 3.064   1.00 23.02 ? 140 GLU A O   1 
ATOM   1027 C CB  . GLU A 1 140 ? 19.876  -21.347 0.599   1.00 22.12 ? 140 GLU A CB  1 
ATOM   1028 C CG  . GLU A 1 140 ? 19.896  -21.702 -0.867  1.00 24.15 ? 140 GLU A CG  1 
ATOM   1029 C CD  . GLU A 1 140 ? 21.200  -22.396 -1.314  1.00 29.22 ? 140 GLU A CD  1 
ATOM   1030 O OE1 . GLU A 1 140 ? 21.889  -23.026 -0.474  1.00 32.38 ? 140 GLU A OE1 1 
ATOM   1031 O OE2 . GLU A 1 140 ? 21.507  -22.317 -2.514  1.00 30.54 ? 140 GLU A OE2 1 
ATOM   1032 N N   . THR A 1 141 ? 17.837  -21.403 3.313   1.00 23.15 ? 141 THR A N   1 
ATOM   1033 C CA  . THR A 1 141 ? 17.698  -21.244 4.750   1.00 24.64 ? 141 THR A CA  1 
ATOM   1034 C C   . THR A 1 141 ? 19.078  -21.293 5.399   1.00 26.32 ? 141 THR A C   1 
ATOM   1035 O O   . THR A 1 141 ? 19.867  -22.189 5.110   1.00 27.27 ? 141 THR A O   1 
ATOM   1036 C CB  . THR A 1 141 ? 16.806  -22.342 5.330   1.00 24.27 ? 141 THR A CB  1 
ATOM   1037 O OG1 . THR A 1 141 ? 15.552  -22.335 4.643   1.00 22.79 ? 141 THR A OG1 1 
ATOM   1038 C CG2 . THR A 1 141 ? 16.554  -22.131 6.802   1.00 24.78 ? 141 THR A CG2 1 
ATOM   1039 N N   . GLY A 1 142 ? 19.362  -20.315 6.255   1.00 28.68 ? 142 GLY A N   1 
ATOM   1040 C CA  . GLY A 1 142 ? 20.679  -20.193 6.885   1.00 29.70 ? 142 GLY A CA  1 
ATOM   1041 C C   . GLY A 1 142 ? 21.791  -19.699 5.971   1.00 31.02 ? 142 GLY A C   1 
ATOM   1042 O O   . GLY A 1 142 ? 22.960  -19.636 6.376   1.00 31.92 ? 142 GLY A O   1 
ATOM   1043 N N   . GLY A 1 143 ? 21.453  -19.328 4.739   1.00 31.68 ? 143 GLY A N   1 
ATOM   1044 C CA  . GLY A 1 143 ? 22.470  -18.911 3.777   1.00 32.09 ? 143 GLY A CA  1 
ATOM   1045 C C   . GLY A 1 143 ? 22.896  -17.478 4.006   1.00 32.64 ? 143 GLY A C   1 
ATOM   1046 O O   . GLY A 1 143 ? 22.160  -16.683 4.597   1.00 33.33 ? 143 GLY A O   1 
ATOM   1047 N N   . ASN A 1 144 ? 24.087  -17.139 3.527   1.00 33.10 ? 144 ASN A N   1 
ATOM   1048 C CA  . ASN A 1 144 ? 24.614  -15.779 3.675   1.00 33.48 ? 144 ASN A CA  1 
ATOM   1049 C C   . ASN A 1 144 ? 24.547  -14.927 2.410   1.00 31.92 ? 144 ASN A C   1 
ATOM   1050 O O   . ASN A 1 144 ? 24.890  -13.743 2.456   1.00 32.83 ? 144 ASN A O   1 
ATOM   1051 C CB  . ASN A 1 144 ? 26.061  -15.825 4.163   1.00 34.35 ? 144 ASN A CB  1 
ATOM   1052 C CG  . ASN A 1 144 ? 26.166  -16.233 5.607   1.00 37.40 ? 144 ASN A CG  1 
ATOM   1053 O OD1 . ASN A 1 144 ? 26.872  -17.188 5.944   1.00 43.78 ? 144 ASN A OD1 1 
ATOM   1054 N ND2 . ASN A 1 144 ? 25.458  -15.515 6.478   1.00 40.80 ? 144 ASN A ND2 1 
ATOM   1055 N N   . SER A 1 145 ? 24.117  -15.515 1.295   1.00 29.42 ? 145 SER A N   1 
ATOM   1056 C CA  . SER A 1 145 ? 23.984  -14.762 0.050   1.00 28.35 ? 145 SER A CA  1 
ATOM   1057 C C   . SER A 1 145 ? 22.777  -13.837 0.136   1.00 26.19 ? 145 SER A C   1 
ATOM   1058 O O   . SER A 1 145 ? 21.820  -14.130 0.849   1.00 24.70 ? 145 SER A O   1 
ATOM   1059 C CB  . SER A 1 145 ? 23.816  -15.688 -1.156  1.00 28.48 ? 145 SER A CB  1 
ATOM   1060 O OG  . SER A 1 145 ? 24.939  -16.530 -1.333  1.00 31.87 ? 145 SER A OG  1 
ATOM   1061 N N   . PRO A 1 146 ? 22.817  -12.714 -0.594  1.00 23.76 ? 146 PRO A N   1 
ATOM   1062 C CA  . PRO A 1 146 ? 21.641  -11.871 -0.662  1.00 22.97 ? 146 PRO A CA  1 
ATOM   1063 C C   . PRO A 1 146 ? 20.444  -12.661 -1.173  1.00 20.58 ? 146 PRO A C   1 
ATOM   1064 O O   . PRO A 1 146 ? 20.587  -13.514 -2.036  1.00 19.95 ? 146 PRO A O   1 
ATOM   1065 C CB  . PRO A 1 146 ? 22.042  -10.786 -1.672  1.00 23.84 ? 146 PRO A CB  1 
ATOM   1066 C CG  . PRO A 1 146 ? 23.518  -10.711 -1.538  1.00 23.70 ? 146 PRO A CG  1 
ATOM   1067 C CD  . PRO A 1 146 ? 23.937  -12.146 -1.367  1.00 24.93 ? 146 PRO A CD  1 
ATOM   1068 N N   . VAL A 1 147 ? 19.280  -12.374 -0.622  1.00 19.13 ? 147 VAL A N   1 
ATOM   1069 C CA  . VAL A 1 147 ? 18.049  -12.979 -1.086  1.00 18.54 ? 147 VAL A CA  1 
ATOM   1070 C C   . VAL A 1 147 ? 17.755  -12.552 -2.502  1.00 17.14 ? 147 VAL A C   1 
ATOM   1071 O O   . VAL A 1 147 ? 18.243  -11.512 -2.957  1.00 16.13 ? 147 VAL A O   1 
ATOM   1072 C CB  . VAL A 1 147 ? 16.844  -12.631 -0.172  1.00 18.94 ? 147 VAL A CB  1 
ATOM   1073 C CG1 . VAL A 1 147 ? 17.101  -13.159 1.225   1.00 22.03 ? 147 VAL A CG1 1 
ATOM   1074 C CG2 . VAL A 1 147 ? 16.527  -11.142 -0.148  1.00 19.80 ? 147 VAL A CG2 1 
ATOM   1075 N N   . GLN A 1 148 ? 16.990  -13.394 -3.203  1.00 15.87 ? 148 GLN A N   1 
ATOM   1076 C CA  . GLN A 1 148 ? 16.359  -12.990 -4.437  1.00 15.00 ? 148 GLN A CA  1 
ATOM   1077 C C   . GLN A 1 148 ? 14.987  -12.454 -4.056  1.00 14.61 ? 148 GLN A C   1 
ATOM   1078 O O   . GLN A 1 148 ? 14.416  -12.812 -3.017  1.00 12.81 ? 148 GLN A O   1 
ATOM   1079 C CB  . GLN A 1 148 ? 16.259  -14.161 -5.414  1.00 15.09 ? 148 GLN A CB  1 
ATOM   1080 C CG  . GLN A 1 148 ? 17.621  -14.578 -5.961  1.00 16.57 ? 148 GLN A CG  1 
ATOM   1081 C CD  . GLN A 1 148 ? 17.538  -15.710 -6.909  1.00 18.73 ? 148 GLN A CD  1 
ATOM   1082 O OE1 . GLN A 1 148 ? 17.535  -16.862 -6.499  1.00 19.71 ? 148 GLN A OE1 1 
ATOM   1083 N NE2 . GLN A 1 148 ? 17.512  -15.397 -8.220  1.00 20.24 ? 148 GLN A NE2 1 
ATOM   1084 N N   . GLU A 1 149 ? 14.462  -11.585 -4.894  1.00 14.71 ? 149 GLU A N   1 
ATOM   1085 C CA  . GLU A 1 149 ? 13.193  -10.937 -4.567  1.00 14.92 ? 149 GLU A CA  1 
ATOM   1086 C C   . GLU A 1 149 ? 12.474  -10.414 -5.787  1.00 14.50 ? 149 GLU A C   1 
ATOM   1087 O O   . GLU A 1 149 ? 13.074  -10.195 -6.856  1.00 13.32 ? 149 GLU A O   1 
ATOM   1088 C CB  . GLU A 1 149 ? 13.427  -9.804  -3.578  1.00 15.88 ? 149 GLU A CB  1 
ATOM   1089 C CG  . GLU A 1 149 ? 14.396  -8.767  -4.015  1.00 17.37 ? 149 GLU A CG  1 
ATOM   1090 C CD  . GLU A 1 149 ? 14.571  -7.688  -2.984  1.00 21.52 ? 149 GLU A CD  1 
ATOM   1091 O OE1 . GLU A 1 149 ? 13.707  -6.789  -2.922  1.00 25.74 ? 149 GLU A OE1 1 
ATOM   1092 O OE2 . GLU A 1 149 ? 15.580  -7.738  -2.258  1.00 26.16 ? 149 GLU A OE2 1 
ATOM   1093 N N   . PHE A 1 150 ? 11.180  -10.202 -5.609  1.00 12.43 ? 150 PHE A N   1 
ATOM   1094 C CA  . PHE A 1 150 ? 10.349  -9.591  -6.627  1.00 13.56 ? 150 PHE A CA  1 
ATOM   1095 C C   . PHE A 1 150 ? 9.111   -9.031  -5.976  1.00 13.61 ? 150 PHE A C   1 
ATOM   1096 O O   . PHE A 1 150 ? 8.850   -9.367  -4.824  1.00 13.37 ? 150 PHE A O   1 
ATOM   1097 C CB  . PHE A 1 150 ? 10.003  -10.577 -7.746  1.00 13.98 ? 150 PHE A CB  1 
ATOM   1098 C CG  . PHE A 1 150 ? 9.261   -11.791 -7.311  1.00 13.79 ? 150 PHE A CG  1 
ATOM   1099 C CD1 . PHE A 1 150 ? 7.865   -11.788 -7.272  1.00 16.12 ? 150 PHE A CD1 1 
ATOM   1100 C CD2 . PHE A 1 150 ? 9.928   -12.938 -6.983  1.00 15.49 ? 150 PHE A CD2 1 
ATOM   1101 C CE1 . PHE A 1 150 ? 7.169   -12.903 -6.866  1.00 16.08 ? 150 PHE A CE1 1 
ATOM   1102 C CE2 . PHE A 1 150 ? 9.209   -14.094 -6.585  1.00 16.30 ? 150 PHE A CE2 1 
ATOM   1103 C CZ  . PHE A 1 150 ? 7.835   -14.064 -6.545  1.00 17.90 ? 150 PHE A CZ  1 
ATOM   1104 N N   . THR A 1 151 ? 8.394   -8.171  -6.701  1.00 13.43 ? 151 THR A N   1 
ATOM   1105 C CA  . THR A 1 151 ? 7.140   -7.582  -6.205  1.00 14.51 ? 151 THR A CA  1 
ATOM   1106 C C   . THR A 1 151 ? 5.936   -8.059  -7.012  1.00 14.08 ? 151 THR A C   1 
ATOM   1107 O O   . THR A 1 151 ? 6.056   -8.451  -8.191  1.00 14.20 ? 151 THR A O   1 
ATOM   1108 C CB  . THR A 1 151 ? 7.192   -6.052  -6.178  1.00 14.84 ? 151 THR A CB  1 
ATOM   1109 O OG1 . THR A 1 151 ? 7.374   -5.554  -7.507  1.00 18.60 ? 151 THR A OG1 1 
ATOM   1110 C CG2 . THR A 1 151 ? 8.371   -5.607  -5.332  1.00 16.59 ? 151 THR A CG2 1 
ATOM   1111 N N   . VAL A 1 152 ? 4.779   -8.064  -6.357  1.00 12.87 ? 152 VAL A N   1 
ATOM   1112 C CA  . VAL A 1 152 ? 3.505   -8.370  -7.008  1.00 13.17 ? 152 VAL A CA  1 
ATOM   1113 C C   . VAL A 1 152 ? 2.495   -7.320  -6.547  1.00 13.02 ? 152 VAL A C   1 
ATOM   1114 O O   . VAL A 1 152 ? 2.678   -6.718  -5.478  1.00 13.39 ? 152 VAL A O   1 
ATOM   1115 C CB  . VAL A 1 152 ? 2.979   -9.775  -6.745  1.00 14.27 ? 152 VAL A CB  1 
ATOM   1116 C CG1 . VAL A 1 152 ? 3.979   -10.817 -7.231  1.00 15.48 ? 152 VAL A CG1 1 
ATOM   1117 C CG2 . VAL A 1 152 ? 2.635   -9.984  -5.302  1.00 15.29 ? 152 VAL A CG2 1 
ATOM   1118 N N   . PRO A 1 153 ? 1.460   -7.053  -7.360  1.00 13.92 ? 153 PRO A N   1 
ATOM   1119 C CA  . PRO A 1 153 ? 0.521   -5.985  -7.025  1.00 13.22 ? 153 PRO A CA  1 
ATOM   1120 C C   . PRO A 1 153 ? -0.363  -6.334  -5.830  1.00 13.23 ? 153 PRO A C   1 
ATOM   1121 O O   . PRO A 1 153 ? -0.454  -7.484  -5.451  1.00 12.52 ? 153 PRO A O   1 
ATOM   1122 C CB  . PRO A 1 153 ? -0.319  -5.826  -8.300  1.00 15.21 ? 153 PRO A CB  1 
ATOM   1123 C CG  . PRO A 1 153 ? -0.101  -7.008  -9.077  1.00 15.69 ? 153 PRO A CG  1 
ATOM   1124 C CD  . PRO A 1 153 ? 1.153   -7.668  -8.662  1.00 13.77 ? 153 PRO A CD  1 
ATOM   1125 N N   . TYR A 1 154 ? -1.036  -5.331  -5.302  1.00 13.57 ? 154 TYR A N   1 
ATOM   1126 C CA  . TYR A 1 154 ? -1.902  -5.490  -4.136  1.00 14.93 ? 154 TYR A CA  1 
ATOM   1127 C C   . TYR A 1 154 ? -3.025  -6.487  -4.352  1.00 14.98 ? 154 TYR A C   1 
ATOM   1128 O O   . TYR A 1 154 ? -3.569  -7.002  -3.373  1.00 17.07 ? 154 TYR A O   1 
ATOM   1129 C CB  . TYR A 1 154 ? -2.483  -4.133  -3.724  1.00 15.45 ? 154 TYR A CB  1 
ATOM   1130 C CG  . TYR A 1 154 ? -3.657  -3.646  -4.556  1.00 14.91 ? 154 TYR A CG  1 
ATOM   1131 C CD1 . TYR A 1 154 ? -3.479  -2.820  -5.630  1.00 15.61 ? 154 TYR A CD1 1 
ATOM   1132 C CD2 . TYR A 1 154 ? -4.949  -4.052  -4.262  1.00 13.44 ? 154 TYR A CD2 1 
ATOM   1133 C CE1 . TYR A 1 154 ? -4.544  -2.394  -6.372  1.00 16.35 ? 154 TYR A CE1 1 
ATOM   1134 C CE2 . TYR A 1 154 ? -6.012  -3.636  -4.993  1.00 16.72 ? 154 TYR A CE2 1 
ATOM   1135 C CZ  . TYR A 1 154 ? -5.815  -2.809  -6.054  1.00 15.84 ? 154 TYR A CZ  1 
ATOM   1136 O OH  . TYR A 1 154 ? -6.904  -2.394  -6.793  1.00 18.64 ? 154 TYR A OH  1 
ATOM   1137 N N   . SER A 1 155 ? -3.382  -6.718  -5.615  1.00 15.19 ? 155 SER A N   1 
ATOM   1138 C CA  . SER A 1 155 ? -4.506  -7.584  -5.993  1.00 15.56 ? 155 SER A CA  1 
ATOM   1139 C C   . SER A 1 155 ? -4.123  -9.074  -6.033  1.00 16.21 ? 155 SER A C   1 
ATOM   1140 O O   . SER A 1 155 ? -4.975  -9.910  -6.219  1.00 16.63 ? 155 SER A O   1 
ATOM   1141 C CB  . SER A 1 155 ? -5.081  -7.127  -7.336  1.00 15.44 ? 155 SER A CB  1 
ATOM   1142 O OG  . SER A 1 155 ? -4.063  -7.050  -8.331  1.00 17.23 ? 155 SER A OG  1 
ATOM   1143 N N   . SER A 1 156 ? -2.849  -9.391  -5.837  1.00 16.26 ? 156 SER A N   1 
ATOM   1144 C CA  . SER A 1 156 ? -2.347  -10.767 -5.920  1.00 16.15 ? 156 SER A CA  1 
ATOM   1145 C C   . SER A 1 156 ? -2.493  -11.420 -4.564  1.00 15.72 ? 156 SER A C   1 
ATOM   1146 O O   . SER A 1 156 ? -2.381  -10.750 -3.544  1.00 15.36 ? 156 SER A O   1 
ATOM   1147 C CB  . SER A 1 156 ? -0.879  -10.790 -6.268  1.00 17.37 ? 156 SER A CB  1 
ATOM   1148 O OG  . SER A 1 156 ? -0.633  -10.371 -7.605  1.00 22.23 ? 156 SER A OG  1 
ATOM   1149 N N   . SER A 1 157 ? -2.792  -12.714 -4.572  1.00 13.97 ? 157 SER A N   1 
ATOM   1150 C CA  . SER A 1 157 ? -2.759  -13.519 -3.386  1.00 14.68 ? 157 SER A CA  1 
ATOM   1151 C C   . SER A 1 157 ? -2.010  -14.845 -3.662  1.00 14.32 ? 157 SER A C   1 
ATOM   1152 O O   . SER A 1 157 ? -2.063  -15.783 -2.871  1.00 14.03 ? 157 SER A O   1 
ATOM   1153 C CB  . SER A 1 157 ? -4.183  -13.722 -2.844  1.00 16.40 ? 157 SER A CB  1 
ATOM   1154 O OG  . SER A 1 157 ? -4.935  -14.471 -3.735  1.00 19.84 ? 157 SER A OG  1 
ATOM   1155 N N   . THR A 1 158 ? -1.230  -14.852 -4.755  1.00 14.34 ? 158 THR A N   1 
ATOM   1156 C CA  . THR A 1 158 ? -0.405  -15.976 -5.130  1.00 14.79 ? 158 THR A CA  1 
ATOM   1157 C C   . THR A 1 158 ? 0.809   -15.419 -5.837  1.00 15.12 ? 158 THR A C   1 
ATOM   1158 O O   . THR A 1 158 ? 0.797   -14.252 -6.326  1.00 14.05 ? 158 THR A O   1 
ATOM   1159 C CB  . THR A 1 158 ? -1.095  -16.950 -6.113  1.00 15.61 ? 158 THR A CB  1 
ATOM   1160 O OG1 . THR A 1 158 ? -1.529  -16.236 -7.286  1.00 16.28 ? 158 THR A OG1 1 
ATOM   1161 C CG2 . THR A 1 158 ? -2.263  -17.688 -5.453  1.00 17.35 ? 158 THR A CG2 1 
ATOM   1162 N N   . ALA A 1 159 ? 1.855   -16.228 -5.855  1.00 14.72 ? 159 ALA A N   1 
ATOM   1163 C CA  . ALA A 1 159 ? 3.049   -15.920 -6.633  1.00 15.11 ? 159 ALA A CA  1 
ATOM   1164 C C   . ALA A 1 159 ? 3.775   -17.199 -6.961  1.00 15.22 ? 159 ALA A C   1 
ATOM   1165 O O   . ALA A 1 159 ? 3.687   -18.174 -6.234  1.00 13.14 ? 159 ALA A O   1 
ATOM   1166 C CB  . ALA A 1 159 ? 3.945   -15.004 -5.872  1.00 15.37 ? 159 ALA A CB  1 
ATOM   1167 N N   . THR A 1 160 ? 4.506   -17.192 -8.081  1.00 15.11 ? 160 THR A N   1 
ATOM   1168 C CA  . THR A 1 160 ? 5.314   -18.340 -8.445  1.00 15.83 ? 160 THR A CA  1 
ATOM   1169 C C   . THR A 1 160 ? 6.776   -17.975 -8.327  1.00 15.33 ? 160 THR A C   1 
ATOM   1170 O O   . THR A 1 160 ? 7.213   -16.950 -8.882  1.00 15.11 ? 160 THR A O   1 
ATOM   1171 C CB  . THR A 1 160 ? 5.042   -18.783 -9.887  1.00 16.93 ? 160 THR A CB  1 
ATOM   1172 O OG1 . THR A 1 160 ? 3.667   -19.141 -10.010 1.00 21.53 ? 160 THR A OG1 1 
ATOM   1173 C CG2 . THR A 1 160 ? 5.892   -19.989 -10.252 1.00 18.49 ? 160 THR A CG2 1 
ATOM   1174 N N   . ILE A 1 161 ? 7.503   -18.820 -7.621  1.00 14.76 ? 161 ILE A N   1 
ATOM   1175 C CA  . ILE A 1 161 ? 8.923   -18.665 -7.404  1.00 15.09 ? 161 ILE A CA  1 
ATOM   1176 C C   . ILE A 1 161 ? 9.580   -19.741 -8.262  1.00 15.76 ? 161 ILE A C   1 
ATOM   1177 O O   . ILE A 1 161 ? 9.307   -20.929 -8.106  1.00 15.85 ? 161 ILE A O   1 
ATOM   1178 C CB  . ILE A 1 161 ? 9.278   -18.851 -5.957  1.00 14.81 ? 161 ILE A CB  1 
ATOM   1179 C CG1 . ILE A 1 161 ? 8.583   -17.781 -5.102  1.00 15.66 ? 161 ILE A CG1 1 
ATOM   1180 C CG2 . ILE A 1 161 ? 10.766  -18.751 -5.760  1.00 16.24 ? 161 ILE A CG2 1 
ATOM   1181 C CD1 . ILE A 1 161 ? 8.838   -17.908 -3.626  1.00 17.87 ? 161 ILE A CD1 1 
ATOM   1182 N N   . SER A 1 162 ? 10.473  -19.314 -9.140  1.00 17.11 ? 162 SER A N   1 
ATOM   1183 C CA  . SER A 1 162 ? 11.069  -20.207 -10.111 1.00 17.18 ? 162 SER A CA  1 
ATOM   1184 C C   . SER A 1 162 ? 12.596  -20.205 -9.941  1.00 17.44 ? 162 SER A C   1 
ATOM   1185 O O   . SER A 1 162 ? 13.165  -19.381 -9.202  1.00 17.21 ? 162 SER A O   1 
ATOM   1186 C CB  . SER A 1 162 ? 10.686  -19.738 -11.508 1.00 17.96 ? 162 SER A CB  1 
ATOM   1187 O OG  . SER A 1 162 ? 9.300   -19.947 -11.757 1.00 19.58 ? 162 SER A OG  1 
ATOM   1188 N N   . GLY A 1 163 ? 13.249  -21.152 -10.597 1.00 18.29 ? 163 GLY A N   1 
ATOM   1189 C CA  . GLY A 1 163 ? 14.715  -21.165 -10.638 1.00 18.80 ? 163 GLY A CA  1 
ATOM   1190 C C   . GLY A 1 163 ? 15.335  -21.697 -9.362  1.00 19.46 ? 163 GLY A C   1 
ATOM   1191 O O   . GLY A 1 163 ? 16.485  -21.375 -9.057  1.00 20.68 ? 163 GLY A O   1 
ATOM   1192 N N   . LEU A 1 164 ? 14.591  -22.516 -8.610  1.00 20.17 ? 164 LEU A N   1 
ATOM   1193 C CA  . LEU A 1 164 ? 15.106  -23.062 -7.373  1.00 21.32 ? 164 LEU A CA  1 
ATOM   1194 C C   . LEU A 1 164 ? 15.923  -24.320 -7.618  1.00 24.12 ? 164 LEU A C   1 
ATOM   1195 O O   . LEU A 1 164 ? 15.751  -24.978 -8.642  1.00 24.29 ? 164 LEU A O   1 
ATOM   1196 C CB  . LEU A 1 164 ? 13.959  -23.396 -6.415  1.00 21.15 ? 164 LEU A CB  1 
ATOM   1197 C CG  . LEU A 1 164 ? 12.978  -22.252 -6.141  1.00 19.83 ? 164 LEU A CG  1 
ATOM   1198 C CD1 . LEU A 1 164 ? 11.825  -22.693 -5.236  1.00 20.43 ? 164 LEU A CD1 1 
ATOM   1199 C CD2 . LEU A 1 164 ? 13.711  -21.078 -5.516  1.00 20.50 ? 164 LEU A CD2 1 
ATOM   1200 N N   . LYS A 1 165 ? 16.796  -24.628 -6.661  1.00 26.51 ? 165 LYS A N   1 
ATOM   1201 C CA  . LYS A 1 165 ? 17.562  -25.878 -6.635  1.00 28.64 ? 165 LYS A CA  1 
ATOM   1202 C C   . LYS A 1 165 ? 16.737  -26.991 -6.011  1.00 29.39 ? 165 LYS A C   1 
ATOM   1203 O O   . LYS A 1 165 ? 16.195  -26.813 -4.928  1.00 29.54 ? 165 LYS A O   1 
ATOM   1204 C CB  . LYS A 1 165 ? 18.826  -25.701 -5.787  1.00 29.12 ? 165 LYS A CB  1 
ATOM   1205 C CG  . LYS A 1 165 ? 19.809  -24.622 -6.269  1.00 31.40 ? 165 LYS A CG  1 
ATOM   1206 C CD  . LYS A 1 165 ? 21.025  -24.562 -5.349  1.00 33.95 ? 165 LYS A CD  1 
ATOM   1207 C CE  . LYS A 1 165 ? 22.024  -23.471 -5.729  1.00 35.90 ? 165 LYS A CE  1 
ATOM   1208 N NZ  . LYS A 1 165 ? 23.093  -23.323 -4.656  1.00 38.07 ? 165 LYS A NZ  1 
ATOM   1209 N N   . PRO A 1 166 ? 16.654  -28.160 -6.673  1.00 30.76 ? 166 PRO A N   1 
ATOM   1210 C CA  . PRO A 1 166 ? 15.937  -29.280 -6.049  1.00 31.04 ? 166 PRO A CA  1 
ATOM   1211 C C   . PRO A 1 166 ? 16.624  -29.818 -4.790  1.00 30.95 ? 166 PRO A C   1 
ATOM   1212 O O   . PRO A 1 166 ? 17.857  -29.858 -4.710  1.00 30.94 ? 166 PRO A O   1 
ATOM   1213 C CB  . PRO A 1 166 ? 15.885  -30.339 -7.160  1.00 31.59 ? 166 PRO A CB  1 
ATOM   1214 C CG  . PRO A 1 166 ? 16.974  -29.995 -8.073  1.00 31.73 ? 166 PRO A CG  1 
ATOM   1215 C CD  . PRO A 1 166 ? 17.171  -28.509 -8.003  1.00 31.08 ? 166 PRO A CD  1 
ATOM   1216 N N   . GLY A 1 167 ? 15.812  -30.185 -3.801  1.00 30.31 ? 167 GLY A N   1 
ATOM   1217 C CA  . GLY A 1 167 ? 16.299  -30.754 -2.548  1.00 29.92 ? 167 GLY A CA  1 
ATOM   1218 C C   . GLY A 1 167 ? 17.057  -29.813 -1.645  1.00 29.42 ? 167 GLY A C   1 
ATOM   1219 O O   . GLY A 1 167 ? 17.990  -30.230 -0.950  1.00 30.18 ? 167 GLY A O   1 
ATOM   1220 N N   . VAL A 1 168 ? 16.669  -28.537 -1.658  1.00 27.74 ? 168 VAL A N   1 
ATOM   1221 C CA  . VAL A 1 168 ? 17.317  -27.505 -0.865  1.00 26.97 ? 168 VAL A CA  1 
ATOM   1222 C C   . VAL A 1 168 ? 16.252  -26.801 -0.041  1.00 25.56 ? 168 VAL A C   1 
ATOM   1223 O O   . VAL A 1 168 ? 15.170  -26.557 -0.536  1.00 25.54 ? 168 VAL A O   1 
ATOM   1224 C CB  . VAL A 1 168 ? 18.028  -26.478 -1.767  1.00 27.11 ? 168 VAL A CB  1 
ATOM   1225 C CG1 . VAL A 1 168 ? 18.489  -25.269 -0.984  1.00 27.79 ? 168 VAL A CG1 1 
ATOM   1226 C CG2 . VAL A 1 168 ? 19.200  -27.129 -2.443  1.00 27.83 ? 168 VAL A CG2 1 
ATOM   1227 N N   . ASP A 1 169 ? 16.585  -26.475 1.204   1.00 24.85 ? 169 ASP A N   1 
ATOM   1228 C CA  . ASP A 1 169 ? 15.666  -25.783 2.113   1.00 24.26 ? 169 ASP A CA  1 
ATOM   1229 C C   . ASP A 1 169 ? 15.703  -24.301 1.768   1.00 22.21 ? 169 ASP A C   1 
ATOM   1230 O O   . ASP A 1 169 ? 16.770  -23.706 1.762   1.00 22.58 ? 169 ASP A O   1 
ATOM   1231 C CB  . ASP A 1 169 ? 16.123  -25.924 3.565   1.00 25.03 ? 169 ASP A CB  1 
ATOM   1232 C CG  . ASP A 1 169 ? 16.015  -27.339 4.085   1.00 29.89 ? 169 ASP A CG  1 
ATOM   1233 O OD1 . ASP A 1 169 ? 14.887  -27.886 4.080   1.00 34.04 ? 169 ASP A OD1 1 
ATOM   1234 O OD2 . ASP A 1 169 ? 17.059  -27.896 4.521   1.00 36.56 ? 169 ASP A OD2 1 
ATOM   1235 N N   . TYR A 1 170 ? 14.537  -23.720 1.511   1.00 20.94 ? 170 TYR A N   1 
ATOM   1236 C CA  . TYR A 1 170 ? 14.380  -22.278 1.239   1.00 19.98 ? 170 TYR A CA  1 
ATOM   1237 C C   . TYR A 1 170 ? 13.492  -21.643 2.281   1.00 19.09 ? 170 TYR A C   1 
ATOM   1238 O O   . TYR A 1 170 ? 12.548  -22.270 2.755   1.00 20.09 ? 170 TYR A O   1 
ATOM   1239 C CB  . TYR A 1 170 ? 13.736  -22.039 -0.123  1.00 20.35 ? 170 TYR A CB  1 
ATOM   1240 C CG  . TYR A 1 170 ? 14.696  -22.215 -1.262  1.00 20.23 ? 170 TYR A CG  1 
ATOM   1241 C CD1 . TYR A 1 170 ? 14.831  -23.442 -1.870  1.00 22.06 ? 170 TYR A CD1 1 
ATOM   1242 C CD2 . TYR A 1 170 ? 15.470  -21.159 -1.715  1.00 21.96 ? 170 TYR A CD2 1 
ATOM   1243 C CE1 . TYR A 1 170 ? 15.720  -23.628 -2.900  1.00 21.72 ? 170 TYR A CE1 1 
ATOM   1244 C CE2 . TYR A 1 170 ? 16.362  -21.333 -2.748  1.00 21.51 ? 170 TYR A CE2 1 
ATOM   1245 C CZ  . TYR A 1 170 ? 16.480  -22.585 -3.329  1.00 21.67 ? 170 TYR A CZ  1 
ATOM   1246 O OH  . TYR A 1 170 ? 17.374  -22.797 -4.374  1.00 24.86 ? 170 TYR A OH  1 
ATOM   1247 N N   . THR A 1 171 ? 13.783  -20.389 2.600   1.00 17.90 ? 171 THR A N   1 
ATOM   1248 C CA  . THR A 1 171 ? 12.939  -19.568 3.454   1.00 18.09 ? 171 THR A CA  1 
ATOM   1249 C C   . THR A 1 171 ? 12.293  -18.534 2.541   1.00 16.78 ? 171 THR A C   1 
ATOM   1250 O O   . THR A 1 171 ? 12.979  -17.835 1.832   1.00 16.82 ? 171 THR A O   1 
ATOM   1251 C CB  . THR A 1 171 ? 13.743  -18.892 4.559   1.00 18.75 ? 171 THR A CB  1 
ATOM   1252 O OG1 . THR A 1 171 ? 14.302  -19.916 5.415   1.00 20.50 ? 171 THR A OG1 1 
ATOM   1253 C CG2 . THR A 1 171 ? 12.889  -17.987 5.396   1.00 19.56 ? 171 THR A CG2 1 
ATOM   1254 N N   . ILE A 1 172 ? 10.971  -18.495 2.566   1.00 15.96 ? 172 ILE A N   1 
ATOM   1255 C CA  . ILE A 1 172 ? 10.193  -17.596 1.728   1.00 15.45 ? 172 ILE A CA  1 
ATOM   1256 C C   . ILE A 1 172 ? 9.483   -16.611 2.631   1.00 14.54 ? 172 ILE A C   1 
ATOM   1257 O O   . ILE A 1 172 ? 8.828   -17.020 3.606   1.00 15.71 ? 172 ILE A O   1 
ATOM   1258 C CB  . ILE A 1 172 ? 9.201   -18.385 0.876   1.00 14.84 ? 172 ILE A CB  1 
ATOM   1259 C CG1 . ILE A 1 172 ? 10.010  -19.317 -0.064  1.00 15.88 ? 172 ILE A CG1 1 
ATOM   1260 C CG2 . ILE A 1 172 ? 8.299   -17.468 0.112   1.00 16.17 ? 172 ILE A CG2 1 
ATOM   1261 C CD1 . ILE A 1 172 ? 9.167   -20.365 -0.620  1.00 20.75 ? 172 ILE A CD1 1 
ATOM   1262 N N   . THR A 1 173 ? 9.602   -15.322 2.318   1.00 14.00 ? 173 THR A N   1 
ATOM   1263 C CA  . THR A 1 173 ? 8.990   -14.278 3.145   1.00 13.45 ? 173 THR A CA  1 
ATOM   1264 C C   . THR A 1 173 ? 8.173   -13.330 2.281   1.00 13.14 ? 173 THR A C   1 
ATOM   1265 O O   . THR A 1 173 ? 8.611   -12.913 1.199   1.00 12.89 ? 173 THR A O   1 
ATOM   1266 C CB  . THR A 1 173 ? 10.094  -13.486 3.926   1.00 14.54 ? 173 THR A CB  1 
ATOM   1267 O OG1 . THR A 1 173 ? 10.944  -14.393 4.654   1.00 14.41 ? 173 THR A OG1 1 
ATOM   1268 C CG2 . THR A 1 173 ? 9.477   -12.442 4.924   1.00 16.17 ? 173 THR A CG2 1 
ATOM   1269 N N   . VAL A 1 174 ? 6.990   -12.972 2.769   1.00 12.38 ? 174 VAL A N   1 
ATOM   1270 C CA  . VAL A 1 174 ? 6.136   -12.021 2.068   1.00 13.02 ? 174 VAL A CA  1 
ATOM   1271 C C   . VAL A 1 174 ? 5.972   -10.813 2.925   1.00 13.14 ? 174 VAL A C   1 
ATOM   1272 O O   . VAL A 1 174 ? 5.608   -10.950 4.100   1.00 11.97 ? 174 VAL A O   1 
ATOM   1273 C CB  . VAL A 1 174 ? 4.750   -12.602 1.755   1.00 12.73 ? 174 VAL A CB  1 
ATOM   1274 C CG1 . VAL A 1 174 ? 3.862   -11.564 1.074   1.00 13.89 ? 174 VAL A CG1 1 
ATOM   1275 C CG2 . VAL A 1 174 ? 4.856   -13.860 0.899   1.00 14.17 ? 174 VAL A CG2 1 
ATOM   1276 N N   . TYR A 1 175 ? 6.253   -9.653  2.326   1.00 12.05 ? 175 TYR A N   1 
ATOM   1277 C CA  . TYR A 1 175 ? 6.118   -8.339  2.957   1.00 12.81 ? 175 TYR A CA  1 
ATOM   1278 C C   . TYR A 1 175 ? 5.005   -7.571  2.271   1.00 13.04 ? 175 TYR A C   1 
ATOM   1279 O O   . TYR A 1 175 ? 4.943   -7.517  1.041   1.00 13.63 ? 175 TYR A O   1 
ATOM   1280 C CB  . TYR A 1 175 ? 7.379   -7.479  2.789   1.00 12.33 ? 175 TYR A CB  1 
ATOM   1281 C CG  . TYR A 1 175 ? 8.638   -8.009  3.409   1.00 12.55 ? 175 TYR A CG  1 
ATOM   1282 C CD1 . TYR A 1 175 ? 9.374   -9.041  2.793   1.00 11.40 ? 175 TYR A CD1 1 
ATOM   1283 C CD2 . TYR A 1 175 ? 9.161   -7.434  4.563   1.00 14.36 ? 175 TYR A CD2 1 
ATOM   1284 C CE1 . TYR A 1 175 ? 10.538  -9.496  3.354   1.00 12.40 ? 175 TYR A CE1 1 
ATOM   1285 C CE2 . TYR A 1 175 ? 10.293  -7.898  5.131   1.00 14.86 ? 175 TYR A CE2 1 
ATOM   1286 C CZ  . TYR A 1 175 ? 11.002  -8.924  4.525   1.00 15.80 ? 175 TYR A CZ  1 
ATOM   1287 O OH  . TYR A 1 175 ? 12.156  -9.390  5.108   1.00 16.79 ? 175 TYR A OH  1 
ATOM   1288 N N   . ALA A 1 176 ? 4.154   -6.943  3.069   1.00 12.91 ? 176 ALA A N   1 
ATOM   1289 C CA  . ALA A 1 176 ? 3.068   -6.121  2.563   1.00 12.15 ? 176 ALA A CA  1 
ATOM   1290 C C   . ALA A 1 176 ? 3.351   -4.676  2.962   1.00 12.84 ? 176 ALA A C   1 
ATOM   1291 O O   . ALA A 1 176 ? 3.423   -4.354  4.140   1.00 12.32 ? 176 ALA A O   1 
ATOM   1292 C CB  . ALA A 1 176 ? 1.725   -6.622  3.156   1.00 13.55 ? 176 ALA A CB  1 
ATOM   1293 N N   . TYR A 1 177 ? 3.638   -3.834  1.970   1.00 12.39 ? 177 TYR A N   1 
ATOM   1294 C CA  . TYR A 1 177 ? 3.958   -2.436  2.194   1.00 12.36 ? 177 TYR A CA  1 
ATOM   1295 C C   . TYR A 1 177 ? 2.721   -1.603  2.030   1.00 13.09 ? 177 TYR A C   1 
ATOM   1296 O O   . TYR A 1 177 ? 1.939   -1.797  1.076   1.00 14.74 ? 177 TYR A O   1 
ATOM   1297 C CB  . TYR A 1 177 ? 5.006   -1.964  1.191   1.00 11.70 ? 177 TYR A CB  1 
ATOM   1298 C CG  . TYR A 1 177 ? 6.357   -2.545  1.441   1.00 11.53 ? 177 TYR A CG  1 
ATOM   1299 C CD1 . TYR A 1 177 ? 6.708   -3.798  0.929   1.00 13.86 ? 177 TYR A CD1 1 
ATOM   1300 C CD2 . TYR A 1 177 ? 7.299   -1.865  2.221   1.00 12.50 ? 177 TYR A CD2 1 
ATOM   1301 C CE1 . TYR A 1 177 ? 7.948   -4.334  1.153   1.00 14.10 ? 177 TYR A CE1 1 
ATOM   1302 C CE2 . TYR A 1 177 ? 8.575   -2.423  2.470   1.00 13.35 ? 177 TYR A CE2 1 
ATOM   1303 C CZ  . TYR A 1 177 ? 8.879   -3.655  1.910   1.00 15.60 ? 177 TYR A CZ  1 
ATOM   1304 O OH  . TYR A 1 177 ? 10.112  -4.232  2.147   1.00 16.00 ? 177 TYR A OH  1 
ATOM   1305 N N   . SER A 1 178 ? 2.533   -0.666  2.948   1.00 12.73 ? 178 SER A N   1 
ATOM   1306 C CA  . SER A 1 178 ? 1.376   0.213   2.878   1.00 12.54 ? 178 SER A CA  1 
ATOM   1307 C C   . SER A 1 178 ? 1.631   1.421   1.960   1.00 13.10 ? 178 SER A C   1 
ATOM   1308 O O   . SER A 1 178 ? 0.691   2.002   1.413   1.00 12.74 ? 178 SER A O   1 
ATOM   1309 C CB  . SER A 1 178 ? 0.989   0.653   4.290   1.00 13.20 ? 178 SER A CB  1 
ATOM   1310 O OG  . SER A 1 178 ? 1.990   1.493   4.856   1.00 14.77 ? 178 SER A OG  1 
ATOM   1311 N N   . ASP A 1 179 ? 2.892   1.791   1.770   1.00 12.71 ? 179 ASP A N   1 
ATOM   1312 C CA  . ASP A 1 179 ? 3.232   2.932   0.931   1.00 13.76 ? 179 ASP A CA  1 
ATOM   1313 C C   . ASP A 1 179 ? 4.039   2.513   -0.287  1.00 13.65 ? 179 ASP A C   1 
ATOM   1314 O O   . ASP A 1 179 ? 4.729   1.504   -0.234  1.00 15.11 ? 179 ASP A O   1 
ATOM   1315 C CB  . ASP A 1 179 ? 4.001   3.996   1.720   1.00 13.78 ? 179 ASP A CB  1 
ATOM   1316 C CG  . ASP A 1 179 ? 5.335   3.501   2.280   1.00 20.61 ? 179 ASP A CG  1 
ATOM   1317 O OD1 . ASP A 1 179 ? 5.374   3.048   3.433   1.00 28.61 ? 179 ASP A OD1 1 
ATOM   1318 O OD2 . ASP A 1 179 ? 6.347   3.581   1.574   1.00 24.96 ? 179 ASP A OD2 1 
ATOM   1319 N N   . TYR A 1 180 ? 3.986   3.307   -1.354  1.00 13.38 ? 180 TYR A N   1 
ATOM   1320 C CA  . TYR A 1 180 ? 4.648   2.897   -2.585  1.00 14.14 ? 180 TYR A CA  1 
ATOM   1321 C C   . TYR A 1 180 ? 6.147   2.974   -2.517  1.00 15.83 ? 180 TYR A C   1 
ATOM   1322 O O   . TYR A 1 180 ? 6.829   2.291   -3.315  1.00 16.71 ? 180 TYR A O   1 
ATOM   1323 C CB  . TYR A 1 180 ? 4.158   3.628   -3.803  1.00 13.77 ? 180 TYR A CB  1 
ATOM   1324 C CG  . TYR A 1 180 ? 4.618   5.066   -3.989  1.00 13.39 ? 180 TYR A CG  1 
ATOM   1325 C CD1 . TYR A 1 180 ? 3.706   6.101   -3.923  1.00 14.46 ? 180 TYR A CD1 1 
ATOM   1326 C CD2 . TYR A 1 180 ? 5.945   5.379   -4.326  1.00 15.20 ? 180 TYR A CD2 1 
ATOM   1327 C CE1 . TYR A 1 180 ? 4.083   7.405   -4.146  1.00 14.03 ? 180 TYR A CE1 1 
ATOM   1328 C CE2 . TYR A 1 180 ? 6.341   6.702   -4.517  1.00 16.21 ? 180 TYR A CE2 1 
ATOM   1329 C CZ  . TYR A 1 180 ? 5.409   7.706   -4.430  1.00 16.48 ? 180 TYR A CZ  1 
ATOM   1330 O OH  . TYR A 1 180 ? 5.739   9.039   -4.661  1.00 16.89 ? 180 TYR A OH  1 
ATOM   1331 N N   . TYR A 1 181 ? 6.664   3.749   -1.579  1.00 16.26 ? 181 TYR A N   1 
ATOM   1332 C CA  . TYR A 1 181 ? 8.118   4.011   -1.550  1.00 17.25 ? 181 TYR A CA  1 
ATOM   1333 C C   . TYR A 1 181 ? 8.813   3.069   -0.592  1.00 17.82 ? 181 TYR A C   1 
ATOM   1334 O O   . TYR A 1 181 ? 10.018  3.181   -0.303  1.00 18.36 ? 181 TYR A O   1 
ATOM   1335 C CB  . TYR A 1 181 ? 8.428   5.492   -1.280  1.00 17.58 ? 181 TYR A CB  1 
ATOM   1336 C CG  . TYR A 1 181 ? 7.694   6.112   -0.131  1.00 17.91 ? 181 TYR A CG  1 
ATOM   1337 C CD1 . TYR A 1 181 ? 6.362   6.497   -0.259  1.00 20.66 ? 181 TYR A CD1 1 
ATOM   1338 C CD2 . TYR A 1 181 ? 8.316   6.340   1.081   1.00 19.77 ? 181 TYR A CD2 1 
ATOM   1339 C CE1 . TYR A 1 181 ? 5.685   7.063   0.798   1.00 17.58 ? 181 TYR A CE1 1 
ATOM   1340 C CE2 . TYR A 1 181 ? 7.626   6.936   2.145   1.00 21.06 ? 181 TYR A CE2 1 
ATOM   1341 C CZ  . TYR A 1 181 ? 6.315   7.277   1.991   1.00 18.66 ? 181 TYR A CZ  1 
ATOM   1342 O OH  . TYR A 1 181 ? 5.674   7.852   3.045   1.00 22.71 ? 181 TYR A OH  1 
ATOM   1343 N N   . GLY A 1 182 ? 8.048   2.144   -0.046  1.00 17.95 ? 182 GLY A N   1 
ATOM   1344 C CA  . GLY A 1 182 ? 8.628   1.071   0.719   1.00 19.37 ? 182 GLY A CA  1 
ATOM   1345 C C   . GLY A 1 182 ? 9.142   1.369   2.094   1.00 20.02 ? 182 GLY A C   1 
ATOM   1346 O O   . GLY A 1 182 ? 9.942   0.597   2.591   1.00 22.30 ? 182 GLY A O   1 
ATOM   1347 N N   . SER A 1 183 ? 8.661   2.435   2.740   1.00 19.86 ? 183 SER A N   1 
ATOM   1348 C CA  . SER A 1 183 ? 9.126   2.778   4.105   1.00 20.48 ? 183 SER A CA  1 
ATOM   1349 C C   . SER A 1 183 ? 8.406   2.003   5.199   1.00 20.05 ? 183 SER A C   1 
ATOM   1350 O O   . SER A 1 183 ? 8.995   1.704   6.250   1.00 21.68 ? 183 SER A O   1 
ATOM   1351 C CB  . SER A 1 183 ? 8.982   4.276   4.373   1.00 21.06 ? 183 SER A CB  1 
ATOM   1352 O OG  . SER A 1 183 ? 7.640   4.568   4.737   1.00 26.00 ? 183 SER A OG  1 
ATOM   1353 N N   . HIS A 1 184 ? 7.132   1.676   4.984   1.00 17.12 ? 184 HIS A N   1 
ATOM   1354 C CA  . HIS A 1 184 ? 6.380   0.927   5.995   1.00 16.73 ? 184 HIS A CA  1 
ATOM   1355 C C   . HIS A 1 184 ? 5.819   -0.355  5.469   1.00 15.28 ? 184 HIS A C   1 
ATOM   1356 O O   . HIS A 1 184 ? 5.038   -0.356  4.512   1.00 14.74 ? 184 HIS A O   1 
ATOM   1357 C CB  . HIS A 1 184 ? 5.224   1.720   6.608   1.00 16.96 ? 184 HIS A CB  1 
ATOM   1358 C CG  . HIS A 1 184 ? 4.302   0.882   7.453   1.00 18.88 ? 184 HIS A CG  1 
ATOM   1359 N ND1 . HIS A 1 184 ? 4.543   0.602   8.779   1.00 23.31 ? 184 HIS A ND1 1 
ATOM   1360 C CD2 . HIS A 1 184 ? 3.133   0.268   7.152   1.00 19.72 ? 184 HIS A CD2 1 
ATOM   1361 C CE1 . HIS A 1 184 ? 3.576   -0.170  9.252   1.00 21.49 ? 184 HIS A CE1 1 
ATOM   1362 N NE2 . HIS A 1 184 ? 2.700   -0.379  8.284   1.00 25.58 ? 184 HIS A NE2 1 
ATOM   1363 N N   . HIS A 1 185 ? 6.209   -1.447  6.111   1.00 14.49 ? 185 HIS A N   1 
ATOM   1364 C CA  . HIS A 1 185 ? 5.518   -2.716  5.927   1.00 14.08 ? 185 HIS A CA  1 
ATOM   1365 C C   . HIS A 1 185 ? 4.939   -3.186  7.249   1.00 15.13 ? 185 HIS A C   1 
ATOM   1366 O O   . HIS A 1 185 ? 5.409   -2.821  8.347   1.00 14.84 ? 185 HIS A O   1 
ATOM   1367 C CB  . HIS A 1 185 ? 6.401   -3.780  5.290   1.00 13.72 ? 185 HIS A CB  1 
ATOM   1368 C CG  . HIS A 1 185 ? 7.627   -4.125  6.068   1.00 12.00 ? 185 HIS A CG  1 
ATOM   1369 N ND1 . HIS A 1 185 ? 7.599   -4.948  7.172   1.00 13.43 ? 185 HIS A ND1 1 
ATOM   1370 C CD2 . HIS A 1 185 ? 8.927   -3.860  5.830   1.00 13.13 ? 185 HIS A CD2 1 
ATOM   1371 C CE1 . HIS A 1 185 ? 8.832   -5.141  7.603   1.00 16.11 ? 185 HIS A CE1 1 
ATOM   1372 N NE2 . HIS A 1 185 ? 9.657   -4.495  6.800   1.00 13.32 ? 185 HIS A NE2 1 
ATOM   1373 N N   . TYR A 1 186 ? 3.896   -3.985  7.132   1.00 14.85 ? 186 TYR A N   1 
ATOM   1374 C CA  . TYR A 1 186 ? 3.293   -4.685  8.264   1.00 15.21 ? 186 TYR A CA  1 
ATOM   1375 C C   . TYR A 1 186 ? 4.215   -5.823  8.687   1.00 15.59 ? 186 TYR A C   1 
ATOM   1376 O O   . TYR A 1 186 ? 5.207   -6.124  8.013   1.00 14.19 ? 186 TYR A O   1 
ATOM   1377 C CB  . TYR A 1 186 ? 1.922   -5.225  7.839   1.00 15.50 ? 186 TYR A CB  1 
ATOM   1378 C CG  . TYR A 1 186 ? 0.943   -4.172  7.333   1.00 16.41 ? 186 TYR A CG  1 
ATOM   1379 C CD1 . TYR A 1 186 ? 0.798   -3.921  5.964   1.00 16.81 ? 186 TYR A CD1 1 
ATOM   1380 C CD2 . TYR A 1 186 ? 0.167   -3.420  8.218   1.00 21.72 ? 186 TYR A CD2 1 
ATOM   1381 C CE1 . TYR A 1 186 ? -0.087  -2.961  5.479   1.00 16.54 ? 186 TYR A CE1 1 
ATOM   1382 C CE2 . TYR A 1 186 ? -0.720  -2.439  7.744   1.00 21.74 ? 186 TYR A CE2 1 
ATOM   1383 C CZ  . TYR A 1 186 ? -0.849  -2.222  6.381   1.00 19.92 ? 186 TYR A CZ  1 
ATOM   1384 O OH  . TYR A 1 186 ? -1.743  -1.291  5.926   1.00 18.76 ? 186 TYR A OH  1 
ATOM   1385 N N   . SER A 1 187 ? 3.940   -6.458  9.824   1.00 16.45 ? 187 SER A N   1 
ATOM   1386 C CA  . SER A 1 187 ? 4.725   -7.626  10.208  1.00 16.57 ? 187 SER A CA  1 
ATOM   1387 C C   . SER A 1 187 ? 4.699   -8.650  9.069   1.00 16.89 ? 187 SER A C   1 
ATOM   1388 O O   . SER A 1 187 ? 3.635   -9.015  8.609   1.00 16.10 ? 187 SER A O   1 
ATOM   1389 C CB  . SER A 1 187 ? 4.202   -8.268  11.489  1.00 18.32 ? 187 SER A CB  1 
ATOM   1390 O OG  . SER A 1 187 ? 4.314   -7.354  12.552  1.00 22.69 ? 187 SER A OG  1 
ATOM   1391 N N   . PRO A 1 188 ? 5.866   -9.098  8.601   1.00 16.17 ? 188 PRO A N   1 
ATOM   1392 C CA  . PRO A 1 188 ? 5.860   -10.047 7.481   1.00 16.11 ? 188 PRO A CA  1 
ATOM   1393 C C   . PRO A 1 188 ? 5.577   -11.489 7.922   1.00 15.82 ? 188 PRO A C   1 
ATOM   1394 O O   . PRO A 1 188 ? 5.501   -11.786 9.110   1.00 15.66 ? 188 PRO A O   1 
ATOM   1395 C CB  . PRO A 1 188 ? 7.267   -9.906  6.891   1.00 17.04 ? 188 PRO A CB  1 
ATOM   1396 C CG  . PRO A 1 188 ? 8.084   -9.318  7.927   1.00 17.23 ? 188 PRO A CG  1 
ATOM   1397 C CD  . PRO A 1 188 ? 7.231   -8.743  9.013   1.00 16.36 ? 188 PRO A CD  1 
ATOM   1398 N N   . ILE A 1 189 ? 5.396   -12.372 6.953   1.00 15.41 ? 189 ILE A N   1 
ATOM   1399 C CA  . ILE A 1 189 ? 5.118   -13.793 7.220   1.00 14.91 ? 189 ILE A CA  1 
ATOM   1400 C C   . ILE A 1 189 ? 6.109   -14.612 6.404   1.00 15.63 ? 189 ILE A C   1 
ATOM   1401 O O   . ILE A 1 189 ? 6.414   -14.258 5.259   1.00 13.64 ? 189 ILE A O   1 
ATOM   1402 C CB  . ILE A 1 189 ? 3.647   -14.125 6.907   1.00 14.51 ? 189 ILE A CB  1 
ATOM   1403 C CG1 . ILE A 1 189 ? 3.315   -15.568 7.300   1.00 16.50 ? 189 ILE A CG1 1 
ATOM   1404 C CG2 . ILE A 1 189 ? 3.331   -13.890 5.437   1.00 14.65 ? 189 ILE A CG2 1 
ATOM   1405 C CD1 . ILE A 1 189 ? 1.872   -15.845 7.249   1.00 17.56 ? 189 ILE A CD1 1 
ATOM   1406 N N   . SER A 1 190 ? 6.650   -15.665 7.021   1.00 16.07 ? 190 SER A N   1 
ATOM   1407 C CA  A SER A 1 190 ? 7.613   -16.528 6.342   0.50 17.16 ? 190 SER A CA  1 
ATOM   1408 C CA  B SER A 1 190 ? 7.658   -16.523 6.389   0.50 16.63 ? 190 SER A CA  1 
ATOM   1409 C C   . SER A 1 190 ? 7.296   -17.998 6.520   1.00 17.55 ? 190 SER A C   1 
ATOM   1410 O O   . SER A 1 190 ? 6.635   -18.401 7.488   1.00 18.88 ? 190 SER A O   1 
ATOM   1411 C CB  A SER A 1 190 ? 9.049   -16.254 6.807   0.50 17.20 ? 190 SER A CB  1 
ATOM   1412 C CB  B SER A 1 190 ? 9.047   -16.305 7.017   0.50 16.56 ? 190 SER A CB  1 
ATOM   1413 O OG  A SER A 1 190 ? 9.226   -16.552 8.174   0.50 20.04 ? 190 SER A OG  1 
ATOM   1414 O OG  B SER A 1 190 ? 9.484   -14.951 6.943   0.50 16.33 ? 190 SER A OG  1 
ATOM   1415 N N   . ILE A 1 191 ? 7.776   -18.793 5.574   1.00 18.21 ? 191 ILE A N   1 
ATOM   1416 C CA  . ILE A 1 191 ? 7.719   -20.248 5.677   1.00 19.35 ? 191 ILE A CA  1 
ATOM   1417 C C   . ILE A 1 191 ? 9.059   -20.813 5.244   1.00 20.79 ? 191 ILE A C   1 
ATOM   1418 O O   . ILE A 1 191 ? 9.839   -20.145 4.552   1.00 19.34 ? 191 ILE A O   1 
ATOM   1419 C CB  . ILE A 1 191 ? 6.576   -20.876 4.839   1.00 19.40 ? 191 ILE A CB  1 
ATOM   1420 C CG1 . ILE A 1 191 ? 6.733   -20.578 3.345   1.00 19.98 ? 191 ILE A CG1 1 
ATOM   1421 C CG2 . ILE A 1 191 ? 5.193   -20.415 5.359   1.00 19.83 ? 191 ILE A CG2 1 
ATOM   1422 C CD1 . ILE A 1 191 ? 5.758   -21.342 2.500   1.00 21.62 ? 191 ILE A CD1 1 
ATOM   1423 N N   . ASN A 1 192 ? 9.335   -22.045 5.670   1.00 22.25 ? 192 ASN A N   1 
ATOM   1424 C CA  . ASN A 1 192 ? 10.438  -22.821 5.132   1.00 24.38 ? 192 ASN A CA  1 
ATOM   1425 C C   . ASN A 1 192 ? 9.889   -23.945 4.277   1.00 24.65 ? 192 ASN A C   1 
ATOM   1426 O O   . ASN A 1 192 ? 8.886   -24.555 4.624   1.00 25.39 ? 192 ASN A O   1 
ATOM   1427 C CB  . ASN A 1 192 ? 11.275  -23.397 6.261   1.00 25.80 ? 192 ASN A CB  1 
ATOM   1428 C CG  . ASN A 1 192 ? 11.823  -22.329 7.192   1.00 29.78 ? 192 ASN A CG  1 
ATOM   1429 O OD1 . ASN A 1 192 ? 11.850  -22.516 8.412   1.00 36.65 ? 192 ASN A OD1 1 
ATOM   1430 N ND2 . ASN A 1 192 ? 12.244  -21.198 6.631   1.00 32.24 ? 192 ASN A ND2 1 
ATOM   1431 N N   . TYR A 1 193 ? 10.517  -24.202 3.138   1.00 24.66 ? 193 TYR A N   1 
ATOM   1432 C CA  . TYR A 1 193 ? 10.065  -25.279 2.273   1.00 24.78 ? 193 TYR A CA  1 
ATOM   1433 C C   . TYR A 1 193 ? 11.238  -25.920 1.595   1.00 25.84 ? 193 TYR A C   1 
ATOM   1434 O O   . TYR A 1 193 ? 12.133  -25.240 1.139   1.00 23.80 ? 193 TYR A O   1 
ATOM   1435 C CB  . TYR A 1 193 ? 9.081   -24.767 1.213   1.00 24.84 ? 193 TYR A CB  1 
ATOM   1436 C CG  . TYR A 1 193 ? 8.303   -25.863 0.535   1.00 25.24 ? 193 TYR A CG  1 
ATOM   1437 C CD1 . TYR A 1 193 ? 7.128   -26.335 1.079   1.00 27.62 ? 193 TYR A CD1 1 
ATOM   1438 C CD2 . TYR A 1 193 ? 8.759   -26.443 -0.619  1.00 27.09 ? 193 TYR A CD2 1 
ATOM   1439 C CE1 . TYR A 1 193 ? 6.405   -27.344 0.455   1.00 29.44 ? 193 TYR A CE1 1 
ATOM   1440 C CE2 . TYR A 1 193 ? 8.062   -27.449 -1.242  1.00 27.44 ? 193 TYR A CE2 1 
ATOM   1441 C CZ  . TYR A 1 193 ? 6.885   -27.890 -0.710  1.00 28.87 ? 193 TYR A CZ  1 
ATOM   1442 O OH  . TYR A 1 193 ? 6.190   -28.904 -1.347  1.00 31.53 ? 193 TYR A OH  1 
ATOM   1443 N N   . ARG A 1 194 ? 11.206  -27.239 1.516   1.00 27.28 ? 194 ARG A N   1 
ATOM   1444 C CA  . ARG A 1 194 ? 12.226  -27.965 0.786   1.00 29.43 ? 194 ARG A CA  1 
ATOM   1445 C C   . ARG A 1 194 ? 11.707  -28.526 -0.510  1.00 30.33 ? 194 ARG A C   1 
ATOM   1446 O O   . ARG A 1 194 ? 10.725  -29.252 -0.549  1.00 29.64 ? 194 ARG A O   1 
ATOM   1447 C CB  . ARG A 1 194 ? 12.755  -29.094 1.611   1.00 29.89 ? 194 ARG A CB  1 
ATOM   1448 C CG  . ARG A 1 194 ? 13.936  -29.736 0.994   1.00 33.74 ? 194 ARG A CG  1 
ATOM   1449 C CD  . ARG A 1 194 ? 14.384  -30.720 1.971   1.00 37.33 ? 194 ARG A CD  1 
ATOM   1450 N NE  . ARG A 1 194 ? 15.475  -31.524 1.487   1.00 41.46 ? 194 ARG A NE  1 
ATOM   1451 C CZ  . ARG A 1 194 ? 16.723  -31.407 1.911   1.00 45.03 ? 194 ARG A CZ  1 
ATOM   1452 N NH1 . ARG A 1 194 ? 17.052  -30.479 2.811   1.00 46.25 ? 194 ARG A NH1 1 
ATOM   1453 N NH2 . ARG A 1 194 ? 17.649  -32.227 1.425   1.00 46.66 ? 194 ARG A NH2 1 
ATOM   1454 N N   . THR A 1 195 ? 12.429  -28.187 -1.565  1.00 31.67 ? 195 THR A N   1 
ATOM   1455 C CA  . THR A 1 195 ? 12.058  -28.514 -2.907  1.00 33.00 ? 195 THR A CA  1 
ATOM   1456 C C   . THR A 1 195 ? 12.119  -30.027 -3.155  1.00 33.56 ? 195 THR A C   1 
ATOM   1457 O O   . THR A 1 195 ? 11.350  -30.585 -3.944  1.00 34.89 ? 195 THR A O   1 
ATOM   1458 C CB  . THR A 1 195 ? 12.991  -27.752 -3.846  1.00 33.27 ? 195 THR A CB  1 
ATOM   1459 O OG1 . THR A 1 195 ? 14.313  -27.726 -3.290  1.00 33.07 ? 195 THR A OG1 1 
ATOM   1460 C CG2 . THR A 1 195 ? 12.539  -26.320 -3.929  1.00 34.47 ? 195 THR A CG2 1 
ATOM   1461 O OXT . THR A 1 195 ? 12.930  -30.742 -2.567  1.00 34.11 ? 195 THR A OXT 1 
ATOM   1462 N N   . PRO B 2 1   ? 1.587   -2.328  -13.575 1.00 31.40 ? 6   PRO B N   1 
ATOM   1463 C CA  . PRO B 2 1   ? 2.415   -1.175  -13.253 1.00 30.31 ? 6   PRO B CA  1 
ATOM   1464 C C   . PRO B 2 1   ? 2.656   -1.017  -11.751 1.00 29.25 ? 6   PRO B C   1 
ATOM   1465 O O   . PRO B 2 1   ? 1.875   -1.508  -10.919 1.00 29.53 ? 6   PRO B O   1 
ATOM   1466 C CB  . PRO B 2 1   ? 1.608   0.004   -13.802 1.00 30.58 ? 6   PRO B CB  1 
ATOM   1467 C CG  . PRO B 2 1   ? 0.225   -0.515  -14.037 1.00 31.65 ? 6   PRO B CG  1 
ATOM   1468 C CD  . PRO B 2 1   ? 0.387   -1.951  -14.342 1.00 32.06 ? 6   PRO B CD  1 
ATOM   1469 N N   . GLN B 2 2   ? 3.749   -0.341  -11.416 1.00 27.33 ? 7   GLN B N   1 
ATOM   1470 C CA  . GLN B 2 2   ? 4.059   -0.012  -10.051 1.00 25.28 ? 7   GLN B CA  1 
ATOM   1471 C C   . GLN B 2 2   ? 2.982   0.912   -9.488  1.00 22.80 ? 7   GLN B C   1 
ATOM   1472 O O   . GLN B 2 2   ? 2.343   1.705   -10.215 1.00 22.01 ? 7   GLN B O   1 
ATOM   1473 C CB  . GLN B 2 2   ? 5.439   0.618   -9.920  1.00 25.76 ? 7   GLN B CB  1 
ATOM   1474 C CG  . GLN B 2 2   ? 5.473   2.042   -10.354 1.00 26.20 ? 7   GLN B CG  1 
ATOM   1475 C CD  . GLN B 2 2   ? 6.841   2.710   -10.281 1.00 29.39 ? 7   GLN B CD  1 
ATOM   1476 O OE1 . GLN B 2 2   ? 7.871   2.092   -9.975  1.00 33.85 ? 7   GLN B OE1 1 
ATOM   1477 N NE2 . GLN B 2 2   ? 6.841   3.992   -10.552 1.00 25.26 ? 7   GLN B NE2 1 
ATOM   1478 N N   . PRO B 2 3   ? 2.749   0.785   -8.179  1.00 19.83 ? 8   PRO B N   1 
ATOM   1479 C CA  . PRO B 2 3   ? 1.717   1.595   -7.582  1.00 17.78 ? 8   PRO B CA  1 
ATOM   1480 C C   . PRO B 2 3   ? 2.124   3.065   -7.498  1.00 16.92 ? 8   PRO B C   1 
ATOM   1481 O O   . PRO B 2 3   ? 3.307   3.402   -7.457  1.00 16.48 ? 8   PRO B O   1 
ATOM   1482 C CB  . PRO B 2 3   ? 1.578   0.993   -6.185  1.00 17.81 ? 8   PRO B CB  1 
ATOM   1483 C CG  . PRO B 2 3   ? 2.880   0.440   -5.869  1.00 17.48 ? 8   PRO B CG  1 
ATOM   1484 C CD  . PRO B 2 3   ? 3.419   -0.079  -7.188  1.00 20.10 ? 8   PRO B CD  1 
ATOM   1485 N N   . VAL B 2 4   ? 1.130   3.933   -7.428  1.00 15.52 ? 9   VAL B N   1 
ATOM   1486 C CA  . VAL B 2 4   ? 1.390   5.371   -7.223  1.00 15.28 ? 9   VAL B CA  1 
ATOM   1487 C C   . VAL B 2 4   ? 0.747   5.896   -5.939  1.00 13.94 ? 9   VAL B C   1 
ATOM   1488 O O   . VAL B 2 4   ? 0.819   7.090   -5.656  1.00 13.59 ? 9   VAL B O   1 
ATOM   1489 C CB  . VAL B 2 4   ? 0.993   6.224   -8.441  1.00 15.43 ? 9   VAL B CB  1 
ATOM   1490 C CG1 . VAL B 2 4   ? 1.724   5.714   -9.689  1.00 17.78 ? 9   VAL B CG1 1 
ATOM   1491 C CG2 . VAL B 2 4   ? -0.493  6.226   -8.673  1.00 17.34 ? 9   VAL B CG2 1 
ATOM   1492 N N   . ASP B 2 5   ? 0.187   4.985   -5.139  1.00 14.26 ? 10  ASP B N   1 
ATOM   1493 C CA  . ASP B 2 5   ? -0.557  5.349   -3.931  1.00 13.07 ? 10  ASP B CA  1 
ATOM   1494 C C   . ASP B 2 5   ? -0.028  4.721   -2.656  1.00 11.89 ? 10  ASP B C   1 
ATOM   1495 O O   . ASP B 2 5   ? 0.659   3.684   -2.676  1.00 11.68 ? 10  ASP B O   1 
ATOM   1496 C CB  . ASP B 2 5   ? -2.067  5.044   -4.090  1.00 12.90 ? 10  ASP B CB  1 
ATOM   1497 C CG  . ASP B 2 5   ? -2.408  3.576   -4.220  1.00 17.93 ? 10  ASP B CG  1 
ATOM   1498 O OD1 . ASP B 2 5   ? -1.552  2.776   -4.664  1.00 19.06 ? 10  ASP B OD1 1 
ATOM   1499 O OD2 . ASP B 2 5   ? -3.619  3.229   -3.905  1.00 16.68 ? 10  ASP B OD2 1 
ATOM   1500 N N   . SER B 2 6   ? -0.372  5.358   -1.532  1.00 12.49 ? 11  SER B N   1 
ATOM   1501 C CA  . SER B 2 6   ? 0.052   4.930   -0.224  1.00 10.82 ? 11  SER B CA  1 
ATOM   1502 C C   . SER B 2 6   ? -1.140  5.009   0.720   1.00 12.56 ? 11  SER B C   1 
ATOM   1503 O O   . SER B 2 6   ? -1.840  6.026   0.715   1.00 12.60 ? 11  SER B O   1 
ATOM   1504 C CB  . SER B 2 6   ? 1.177   5.819   0.316   1.00 12.21 ? 11  SER B CB  1 
ATOM   1505 O OG  . SER B 2 6   ? 2.306   5.837   -0.547  1.00 10.57 ? 11  SER B OG  1 
ATOM   1506 N N   . TRP B 2 7   ? -1.308  3.988   1.547   1.00 12.14 ? 12  TRP B N   1 
ATOM   1507 C CA  . TRP B 2 7   ? -2.403  3.943   2.529   1.00 12.90 ? 12  TRP B CA  1 
ATOM   1508 C C   . TRP B 2 7   ? -2.080  4.687   3.794   1.00 14.67 ? 12  TRP B C   1 
ATOM   1509 O O   . TRP B 2 7   ? -0.949  4.618   4.317   1.00 15.19 ? 12  TRP B O   1 
ATOM   1510 C CB  . TRP B 2 7   ? -2.765  2.460   2.805   1.00 13.02 ? 12  TRP B CB  1 
ATOM   1511 C CG  . TRP B 2 7   ? -3.477  1.873   1.619   1.00 11.26 ? 12  TRP B CG  1 
ATOM   1512 C CD1 . TRP B 2 7   ? -2.923  1.333   0.475   1.00 11.64 ? 12  TRP B CD1 1 
ATOM   1513 C CD2 . TRP B 2 7   ? -4.890  1.824   1.424   1.00 12.62 ? 12  TRP B CD2 1 
ATOM   1514 N NE1 . TRP B 2 7   ? -3.891  0.958   -0.381  1.00 12.19 ? 12  TRP B NE1 1 
ATOM   1515 C CE2 . TRP B 2 7   ? -5.117  1.241   0.168   1.00 13.37 ? 12  TRP B CE2 1 
ATOM   1516 C CE3 . TRP B 2 7   ? -5.997  2.202   2.207   1.00 13.92 ? 12  TRP B CE3 1 
ATOM   1517 C CZ2 . TRP B 2 7   ? -6.395  1.054   -0.342  1.00 11.90 ? 12  TRP B CZ2 1 
ATOM   1518 C CZ3 . TRP B 2 7   ? -7.260  2.005   1.701   1.00 13.95 ? 12  TRP B CZ3 1 
ATOM   1519 C CH2 . TRP B 2 7   ? -7.456  1.435   0.452   1.00 13.24 ? 12  TRP B CH2 1 
ATOM   1520 N N   . VAL B 2 8   ? -3.115  5.360   4.319   1.00 15.89 ? 13  VAL B N   1 
ATOM   1521 C CA  . VAL B 2 8   ? -2.997  6.189   5.476   1.00 17.40 ? 13  VAL B CA  1 
ATOM   1522 C C   . VAL B 2 8   ? -4.161  5.828   6.401   1.00 18.74 ? 13  VAL B C   1 
ATOM   1523 O O   . VAL B 2 8   ? -4.104  6.241   7.559   1.00 21.08 ? 13  VAL B O   1 
ATOM   1524 C CB  . VAL B 2 8   ? -2.963  7.711   5.131   1.00 17.48 ? 13  VAL B CB  1 
ATOM   1525 C CG1 . VAL B 2 8   ? -1.678  8.021   4.343   1.00 18.49 ? 13  VAL B CG1 1 
ATOM   1526 C CG2 . VAL B 2 8   ? -4.196  8.188   4.350   1.00 17.86 ? 13  VAL B CG2 1 
ATOM   1527 O OXT . VAL B 2 8   ? -5.095  5.114   5.970   1.00 20.27 ? 13  VAL B OXT 1 
HETATM 1528 O O   . HOH C 3 .   ? -12.522 4.245   4.382   1.00 18.17 ? 196 HOH A O   1 
HETATM 1529 O O   . HOH C 3 .   ? 4.375   -7.461  5.741   1.00 14.27 ? 197 HOH A O   1 
HETATM 1530 O O   . HOH C 3 .   ? -2.698  18.891  -2.457  1.00 15.39 ? 198 HOH A O   1 
HETATM 1531 O O   . HOH C 3 .   ? 5.624   15.691  6.905   1.00 14.43 ? 199 HOH A O   1 
HETATM 1532 O O   . HOH C 3 .   ? -4.661  -2.810  -0.840  1.00 16.92 ? 200 HOH A O   1 
HETATM 1533 O O   . HOH C 3 .   ? -13.622 13.325  -6.398  1.00 18.06 ? 201 HOH A O   1 
HETATM 1534 O O   . HOH C 3 .   ? 6.674   13.540  -3.608  1.00 19.22 ? 202 HOH A O   1 
HETATM 1535 O O   . HOH C 3 .   ? -0.167  14.679  -8.214  1.00 18.53 ? 203 HOH A O   1 
HETATM 1536 O O   . HOH C 3 .   ? 1.460   18.730  -3.299  1.00 21.48 ? 204 HOH A O   1 
HETATM 1537 O O   . HOH C 3 .   ? 10.288  -3.027  -1.481  1.00 21.16 ? 205 HOH A O   1 
HETATM 1538 O O   . HOH C 3 .   ? -2.988  -19.575 1.543   1.00 21.48 ? 206 HOH A O   1 
HETATM 1539 O O   . HOH C 3 .   ? 11.888  -3.042  3.741   1.00 16.60 ? 207 HOH A O   1 
HETATM 1540 O O   . HOH C 3 .   ? 8.100   11.531  -1.103  1.00 18.29 ? 208 HOH A O   1 
HETATM 1541 O O   . HOH C 3 .   ? -3.251  -13.992 -7.235  1.00 22.13 ? 209 HOH A O   1 
HETATM 1542 O O   . HOH C 3 .   ? -14.925 8.485   10.274  1.00 19.99 ? 210 HOH A O   1 
HETATM 1543 O O   . HOH C 3 .   ? 8.774   13.289  0.899   1.00 23.24 ? 211 HOH A O   1 
HETATM 1544 O O   . HOH C 3 .   ? 13.452  -11.447 3.719   1.00 19.63 ? 212 HOH A O   1 
HETATM 1545 O O   . HOH C 3 .   ? 2.767   13.660  -8.174  1.00 22.66 ? 213 HOH A O   1 
HETATM 1546 O O   . HOH C 3 .   ? -6.214  -12.108 -5.184  1.00 16.50 ? 214 HOH A O   1 
HETATM 1547 O O   . HOH C 3 .   ? 0.199   -2.871  -6.491  1.00 13.96 ? 215 HOH A O   1 
HETATM 1548 O O   . HOH C 3 .   ? 13.415  -14.966 2.423   1.00 20.82 ? 216 HOH A O   1 
HETATM 1549 O O   . HOH C 3 .   ? 4.377   -14.690 -9.571  1.00 26.02 ? 217 HOH A O   1 
HETATM 1550 O O   . HOH C 3 .   ? 5.138   -24.660 -8.935  1.00 31.08 ? 218 HOH A O   1 
HETATM 1551 O O   . HOH C 3 .   ? -3.566  -22.551 -0.361  1.00 26.79 ? 219 HOH A O   1 
HETATM 1552 O O   . HOH C 3 .   ? 11.207  -16.426 -9.125  1.00 22.13 ? 220 HOH A O   1 
HETATM 1553 O O   . HOH C 3 .   ? 16.392  -10.903 -7.047  1.00 22.73 ? 221 HOH A O   1 
HETATM 1554 O O   . HOH C 3 .   ? -1.367  -28.681 -5.961  1.00 21.27 ? 222 HOH A O   1 
HETATM 1555 O O   . HOH C 3 .   ? 11.758  -0.452  4.350   1.00 20.45 ? 223 HOH A O   1 
HETATM 1556 O O   . HOH C 3 .   ? -13.116 15.509  -8.082  1.00 22.11 ? 224 HOH A O   1 
HETATM 1557 O O   . HOH C 3 .   ? 1.108   8.544   -12.368 1.00 25.70 ? 225 HOH A O   1 
HETATM 1558 O O   . HOH C 3 .   ? 13.660  -6.558  4.635   1.00 19.69 ? 226 HOH A O   1 
HETATM 1559 O O   . HOH C 3 .   ? -10.515 -13.004 -3.809  1.00 24.49 ? 227 HOH A O   1 
HETATM 1560 O O   . HOH C 3 .   ? -4.014  -4.349  5.354   1.00 33.77 ? 228 HOH A O   1 
HETATM 1561 O O   . HOH C 3 .   ? 6.322   -15.724 10.015  1.00 20.83 ? 229 HOH A O   1 
HETATM 1562 O O   . HOH C 3 .   ? -12.190 3.422   -4.087  1.00 24.54 ? 230 HOH A O   1 
HETATM 1563 O O   . HOH C 3 .   ? 16.970  -17.227 -10.547 1.00 22.34 ? 231 HOH A O   1 
HETATM 1564 O O   . HOH C 3 .   ? 19.638  -10.274 1.436   1.00 25.84 ? 232 HOH A O   1 
HETATM 1565 O O   . HOH C 3 .   ? 17.482  -17.209 -3.687  1.00 23.70 ? 233 HOH A O   1 
HETATM 1566 O O   . HOH C 3 .   ? 20.306  -18.205 -0.969  1.00 28.96 ? 234 HOH A O   1 
HETATM 1567 O O   . HOH C 3 .   ? -17.691 26.693  -6.128  1.00 30.35 ? 235 HOH A O   1 
HETATM 1568 O O   . HOH C 3 .   ? 10.466  -19.220 8.184   1.00 29.61 ? 236 HOH A O   1 
HETATM 1569 O O   . HOH C 3 .   ? 9.370   -28.743 3.265   1.00 31.81 ? 237 HOH A O   1 
HETATM 1570 O O   . HOH C 3 .   ? -4.637  24.799  1.980   1.00 30.06 ? 238 HOH A O   1 
HETATM 1571 O O   . HOH C 3 .   ? -7.792  21.222  8.386   1.00 23.15 ? 239 HOH A O   1 
HETATM 1572 O O   . HOH C 3 .   ? 8.373   -17.432 -11.725 1.00 29.80 ? 240 HOH A O   1 
HETATM 1573 O O   . HOH C 3 .   ? 6.407   0.900   -5.648  1.00 22.95 ? 241 HOH A O   1 
HETATM 1574 O O   . HOH C 3 .   ? 0.654   20.931  -4.394  1.00 22.41 ? 242 HOH A O   1 
HETATM 1575 O O   . HOH C 3 .   ? 4.138   -18.994 8.444   1.00 28.31 ? 243 HOH A O   1 
HETATM 1576 O O   . HOH C 3 .   ? 19.915  -16.163 -2.699  1.00 27.07 ? 244 HOH A O   1 
HETATM 1577 O O   . HOH C 3 .   ? -8.040  -5.752  3.109   1.00 27.39 ? 245 HOH A O   1 
HETATM 1578 O O   . HOH C 3 .   ? 5.879   16.544  -9.442  1.00 23.81 ? 246 HOH A O   1 
HETATM 1579 O O   . HOH C 3 .   ? 8.095   9.655   -5.602  1.00 28.60 ? 247 HOH A O   1 
HETATM 1580 O O   . HOH C 3 .   ? 4.494   -5.468  -8.823  1.00 37.77 ? 248 HOH A O   1 
HETATM 1581 O O   . HOH C 3 .   ? 7.360   -23.132 7.647   1.00 28.63 ? 249 HOH A O   1 
HETATM 1582 O O   . HOH C 3 .   ? 15.204  -17.767 -8.857  1.00 29.75 ? 250 HOH A O   1 
HETATM 1583 O O   . HOH C 3 .   ? 1.870   -19.319 7.118   1.00 24.47 ? 251 HOH A O   1 
HETATM 1584 O O   . HOH C 3 .   ? -17.347 7.545   6.817   1.00 29.97 ? 252 HOH A O   1 
HETATM 1585 O O   . HOH C 3 .   ? 7.106   9.018   4.730   1.00 27.47 ? 253 HOH A O   1 
HETATM 1586 O O   . HOH C 3 .   ? 5.375   23.662  -5.344  1.00 30.96 ? 254 HOH A O   1 
HETATM 1587 O O   . HOH C 3 .   ? -1.190  -16.762 9.342   1.00 26.04 ? 255 HOH A O   1 
HETATM 1588 O O   . HOH C 3 .   ? 7.620   21.626  -2.236  1.00 28.32 ? 256 HOH A O   1 
HETATM 1589 O O   . HOH C 3 .   ? 12.303  -23.177 -12.387 1.00 31.26 ? 257 HOH A O   1 
HETATM 1590 O O   . HOH C 3 .   ? 9.590   -7.540  -9.296  1.00 28.45 ? 258 HOH A O   1 
HETATM 1591 O O   . HOH C 3 .   ? -20.266 16.394  -3.707  1.00 25.62 ? 259 HOH A O   1 
HETATM 1592 O O   . HOH C 3 .   ? 0.289   15.585  14.662  1.00 23.63 ? 260 HOH A O   1 
HETATM 1593 O O   . HOH C 3 .   ? 7.735   -1.230  8.941   1.00 27.64 ? 261 HOH A O   1 
HETATM 1594 O O   . HOH C 3 .   ? -10.239 17.735  -7.289  1.00 35.54 ? 262 HOH A O   1 
HETATM 1595 O O   . HOH C 3 .   ? 17.693  -19.398 -7.228  1.00 29.59 ? 263 HOH A O   1 
HETATM 1596 O O   . HOH C 3 .   ? 18.703  -16.918 2.754   1.00 32.64 ? 264 HOH A O   1 
HETATM 1597 O O   . HOH C 3 .   ? -17.671 18.603  8.567   1.00 30.47 ? 265 HOH A O   1 
HETATM 1598 O O   . HOH C 3 .   ? 8.894   0.482   -6.368  1.00 35.68 ? 266 HOH A O   1 
HETATM 1599 O O   . HOH C 3 .   ? -2.293  21.074  -3.968  1.00 34.33 ? 267 HOH A O   1 
HETATM 1600 O O   . HOH C 3 .   ? 2.087   21.601  5.646   1.00 30.62 ? 268 HOH A O   1 
HETATM 1601 O O   . HOH C 3 .   ? -1.489  7.390   -12.191 1.00 33.41 ? 269 HOH A O   1 
HETATM 1602 O O   . HOH C 3 .   ? -6.427  -0.873  -8.806  1.00 22.77 ? 270 HOH A O   1 
HETATM 1603 O O   . HOH C 3 .   ? 3.803   14.762  -10.417 1.00 33.00 ? 271 HOH A O   1 
HETATM 1604 O O   . HOH C 3 .   ? -16.350 10.721  10.761  1.00 25.55 ? 272 HOH A O   1 
HETATM 1605 O O   . HOH C 3 .   ? -10.305 -7.481  0.706   1.00 37.05 ? 273 HOH A O   1 
HETATM 1606 O O   . HOH C 3 .   ? -15.147 23.636  3.327   0.50 26.32 ? 274 HOH A O   1 
HETATM 1607 O O   . HOH C 3 .   ? -4.313  -9.276  -9.492  1.00 34.85 ? 275 HOH A O   1 
HETATM 1608 O O   . HOH C 3 .   ? 2.176   -24.914 2.847   1.00 28.85 ? 276 HOH A O   1 
HETATM 1609 O O   . HOH C 3 .   ? 11.738  -6.350  -4.704  1.00 26.91 ? 277 HOH A O   1 
HETATM 1610 O O   . HOH C 3 .   ? 5.323   -3.192  -7.854  1.00 38.72 ? 278 HOH A O   1 
HETATM 1611 O O   . HOH C 3 .   ? 16.686  -5.501  -1.098  1.00 34.33 ? 279 HOH A O   1 
HETATM 1612 O O   . HOH C 3 .   ? 9.558   7.170   -7.508  1.00 40.23 ? 280 HOH A O   1 
HETATM 1613 O O   . HOH C 3 .   ? -18.496 1.491   1.988   1.00 35.52 ? 281 HOH A O   1 
HETATM 1614 O O   . HOH C 3 .   ? 3.992   10.355  -5.342  1.00 39.64 ? 282 HOH A O   1 
HETATM 1615 O O   . HOH C 3 .   ? 13.533  -13.098 -8.555  1.00 34.37 ? 283 HOH A O   1 
HETATM 1616 O O   . HOH C 3 .   ? -13.435 5.153   12.735  1.00 29.69 ? 284 HOH A O   1 
HETATM 1617 O O   . HOH C 3 .   ? 9.329   9.868   3.132   1.00 29.71 ? 285 HOH A O   1 
HETATM 1618 O O   . HOH C 3 .   ? 1.465   5.956   -13.366 0.50 25.54 ? 286 HOH A O   1 
HETATM 1619 O O   . HOH C 3 .   ? 19.248  -24.375 2.702   1.00 37.79 ? 287 HOH A O   1 
HETATM 1620 O O   . HOH C 3 .   ? 0.328   21.405  -9.745  1.00 31.17 ? 288 HOH A O   1 
HETATM 1621 O O   . HOH C 3 .   ? 7.926   1.342   9.707   1.00 32.07 ? 289 HOH A O   1 
HETATM 1622 O O   . HOH C 3 .   ? -9.283  1.209   8.199   1.00 46.55 ? 290 HOH A O   1 
HETATM 1623 O O   . HOH C 3 .   ? -14.785 4.736   -3.531  1.00 36.92 ? 291 HOH A O   1 
HETATM 1624 O O   . HOH C 3 .   ? 15.313  -15.263 4.056   1.00 32.68 ? 292 HOH A O   1 
HETATM 1625 O O   . HOH C 3 .   ? 2.655   -29.909 -4.858  1.00 42.81 ? 293 HOH A O   1 
HETATM 1626 O O   . HOH C 3 .   ? -0.228  13.216  -12.381 1.00 29.80 ? 294 HOH A O   1 
HETATM 1627 O O   . HOH C 3 .   ? -15.790 6.368   11.789  1.00 34.85 ? 295 HOH A O   1 
HETATM 1628 O O   . HOH C 3 .   ? 7.395   -10.957 11.818  1.00 41.44 ? 296 HOH A O   1 
HETATM 1629 O O   . HOH C 3 .   ? -2.022  -21.446 6.777   1.00 40.18 ? 297 HOH A O   1 
HETATM 1630 O O   . HOH C 3 .   ? 2.382   -2.179  11.187  1.00 34.02 ? 298 HOH A O   1 
HETATM 1631 O O   . HOH C 3 .   ? 2.015   -5.007  11.306  1.00 34.42 ? 299 HOH A O   1 
HETATM 1632 O O   . HOH C 3 .   ? 18.261  -8.816  -2.471  1.00 30.21 ? 300 HOH A O   1 
HETATM 1633 O O   . HOH C 3 .   ? 8.145   -21.721 -13.144 1.00 32.43 ? 301 HOH A O   1 
HETATM 1634 O O   . HOH C 3 .   ? 14.098  -24.368 5.491   1.00 41.32 ? 302 HOH A O   1 
HETATM 1635 O O   . HOH C 3 .   ? -5.864  7.471   -15.188 1.00 38.72 ? 303 HOH A O   1 
HETATM 1636 O O   . HOH C 3 .   ? -3.735  -4.715  -9.718  1.00 31.62 ? 304 HOH A O   1 
HETATM 1637 O O   . HOH C 3 .   ? 19.420  -20.925 -4.618  1.00 40.77 ? 305 HOH A O   1 
HETATM 1638 O O   . HOH C 3 .   ? -12.947 -6.497  -1.549  1.00 39.11 ? 306 HOH A O   1 
HETATM 1639 O O   . HOH C 3 .   ? 10.761  19.739  -5.185  1.00 37.33 ? 307 HOH A O   1 
HETATM 1640 O O   . HOH C 3 .   ? 3.012   22.597  -9.299  1.00 41.49 ? 308 HOH A O   1 
HETATM 1641 O O   . HOH C 3 .   ? 2.898   22.382  -6.612  1.00 41.56 ? 309 HOH A O   1 
HETATM 1642 O O   . HOH C 3 .   ? 14.079  -4.374  -2.032  1.00 46.67 ? 310 HOH A O   1 
HETATM 1643 O O   . HOH C 3 .   ? -9.122  26.820  1.784   1.00 42.45 ? 311 HOH A O   1 
HETATM 1644 O O   . HOH C 3 .   ? 10.790  -28.183 -12.111 1.00 52.78 ? 312 HOH A O   1 
HETATM 1645 O O   . HOH C 3 .   ? -10.096 4.701   -7.508  1.00 39.67 ? 313 HOH A O   1 
HETATM 1646 O O   . HOH C 3 .   ? -9.078  17.649  14.289  1.00 42.39 ? 314 HOH A O   1 
HETATM 1647 O O   . HOH C 3 .   ? -4.064  23.141  -4.939  1.00 39.89 ? 315 HOH A O   1 
HETATM 1648 O O   . HOH C 3 .   ? 9.290   0.752   -2.905  1.00 29.60 ? 316 HOH A O   1 
HETATM 1649 O O   . HOH C 3 .   ? 11.214  -3.617  -3.792  1.00 38.63 ? 317 HOH A O   1 
HETATM 1650 O O   . HOH C 3 .   ? -6.416  5.290   -14.471 1.00 41.57 ? 318 HOH A O   1 
HETATM 1651 O O   . HOH C 3 .   ? 13.544  0.662   2.601   1.00 37.63 ? 319 HOH A O   1 
HETATM 1652 O O   . HOH C 3 .   ? 1.280   -12.945 -8.459  1.00 35.55 ? 320 HOH A O   1 
HETATM 1653 O O   . HOH C 3 .   ? -2.793  -8.710  2.849   1.00 36.85 ? 321 HOH A O   1 
HETATM 1654 O O   . HOH C 3 .   ? 2.224   -23.018 5.419   1.00 32.97 ? 322 HOH A O   1 
HETATM 1655 O O   . HOH C 3 .   ? -3.113  17.614  14.817  1.00 33.31 ? 323 HOH A O   1 
HETATM 1656 O O   . HOH C 3 .   ? 4.277   4.859   5.172   1.00 39.48 ? 324 HOH A O   1 
HETATM 1657 O O   . HOH C 3 .   ? 11.228  16.313  4.311   1.00 44.03 ? 325 HOH A O   1 
HETATM 1658 O O   . HOH C 3 .   ? 10.932  17.365  -5.660  1.00 45.35 ? 326 HOH A O   1 
HETATM 1659 O O   . HOH C 3 .   ? 1.758   -17.077 -10.254 1.00 37.08 ? 327 HOH A O   1 
HETATM 1660 O O   . HOH C 3 .   ? -16.916 4.062   10.175  1.00 55.55 ? 328 HOH A O   1 
HETATM 1661 O O   . HOH C 3 .   ? 3.622   -17.614 10.707  1.00 41.58 ? 329 HOH A O   1 
HETATM 1662 O O   . HOH C 3 .   ? -7.517  19.772  14.059  1.00 49.99 ? 330 HOH A O   1 
HETATM 1663 O O   . HOH C 3 .   ? 22.777  -18.225 0.645   1.00 42.82 ? 331 HOH A O   1 
HETATM 1664 O O   . HOH C 3 .   ? 1.339   11.018  16.702  1.00 39.04 ? 332 HOH A O   1 
HETATM 1665 O O   . HOH C 3 .   ? 11.756  21.701  -1.920  1.00 41.40 ? 333 HOH A O   1 
HETATM 1666 O O   . HOH C 3 .   ? 15.193  -25.697 8.148   1.00 45.84 ? 334 HOH A O   1 
HETATM 1667 O O   . HOH C 3 .   ? 25.094  -13.450 -4.591  1.00 38.13 ? 335 HOH A O   1 
HETATM 1668 O O   . HOH C 3 .   ? 16.856  -12.635 -9.146  1.00 35.50 ? 336 HOH A O   1 
HETATM 1669 O O   . HOH C 3 .   ? 9.288   -29.433 -4.623  1.00 45.85 ? 337 HOH A O   1 
HETATM 1670 O O   . HOH C 3 .   ? -19.145 8.350   8.365   1.00 35.33 ? 338 HOH A O   1 
HETATM 1671 O O   . HOH C 3 .   ? 0.091   -19.231 8.968   1.00 40.16 ? 339 HOH A O   1 
HETATM 1672 O O   . HOH C 3 .   ? -5.268  -11.151 5.986   1.00 49.29 ? 340 HOH A O   1 
HETATM 1673 O O   . HOH C 3 .   ? -18.822 10.405  10.036  1.00 42.21 ? 341 HOH A O   1 
HETATM 1674 O O   . HOH C 3 .   ? -19.446 13.311  -6.672  1.00 58.04 ? 342 HOH A O   1 
HETATM 1675 O O   . HOH C 3 .   ? 2.633   -29.255 -2.449  1.00 56.71 ? 343 HOH A O   1 
HETATM 1676 O O   . HOH C 3 .   ? 18.271  -25.665 6.636   1.00 51.84 ? 344 HOH A O   1 
HETATM 1677 O O   . HOH C 3 .   ? -3.204  -9.962  7.002   1.00 50.95 ? 345 HOH A O   1 
HETATM 1678 O O   . HOH C 3 .   ? 6.899   20.634  1.627   1.00 39.66 ? 346 HOH A O   1 
HETATM 1679 O O   . HOH C 3 .   ? -17.635 18.552  -17.745 1.00 61.76 ? 347 HOH A O   1 
HETATM 1680 O O   . HOH C 3 .   ? 1.142   -30.349 -6.841  1.00 51.55 ? 348 HOH A O   1 
HETATM 1681 O O   . HOH C 3 .   ? -4.486  18.382  -14.757 1.00 37.83 ? 349 HOH A O   1 
HETATM 1682 O O   . HOH C 3 .   ? 9.308   9.918   0.329   1.00 45.11 ? 350 HOH A O   1 
HETATM 1683 O O   . HOH C 3 .   ? 21.454  -24.819 1.392   1.00 42.79 ? 351 HOH A O   1 
HETATM 1684 O O   . HOH C 3 .   ? -2.279  4.968   -11.384 1.00 44.60 ? 352 HOH A O   1 
HETATM 1685 O O   . HOH C 3 .   ? -0.935  -13.269 12.259  1.00 50.95 ? 353 HOH A O   1 
HETATM 1686 O O   . HOH C 3 .   ? -7.449  -15.686 -0.677  1.00 35.45 ? 354 HOH A O   1 
HETATM 1687 O O   . HOH C 3 .   ? -1.529  14.956  16.395  1.00 42.26 ? 355 HOH A O   1 
HETATM 1688 O O   . HOH C 3 .   ? 26.586  -14.760 -2.866  1.00 53.39 ? 356 HOH A O   1 
HETATM 1689 O O   . HOH C 3 .   ? -0.175  17.001  -19.874 1.00 44.04 ? 357 HOH A O   1 
HETATM 1690 O O   . HOH C 3 .   ? -10.266 -10.196 0.416   1.00 45.66 ? 358 HOH A O   1 
HETATM 1691 O O   . HOH C 3 .   ? -7.986  -4.090  5.225   1.00 40.81 ? 359 HOH A O   1 
HETATM 1692 O O   . HOH C 3 .   ? -13.857 -1.933  -3.471  1.00 30.88 ? 360 HOH A O   1 
HETATM 1693 O O   . HOH C 3 .   ? 9.695   19.885  -2.533  1.00 41.79 ? 361 HOH A O   1 
HETATM 1694 O O   . HOH C 3 .   ? -23.233 18.785  -5.399  1.00 42.97 ? 362 HOH A O   1 
HETATM 1695 O O   . HOH C 3 .   ? -11.656 9.588   17.128  1.00 46.72 ? 363 HOH A O   1 
HETATM 1696 O O   . HOH C 3 .   ? -9.196  -13.085 2.697   1.00 58.92 ? 364 HOH A O   1 
HETATM 1697 O O   . HOH C 3 .   ? 4.112   -6.264  -11.165 1.00 49.82 ? 365 HOH A O   1 
HETATM 1698 O O   . HOH C 3 .   ? -1.696  7.337   -15.160 1.00 47.12 ? 366 HOH A O   1 
HETATM 1699 O O   . HOH C 3 .   ? -14.928 9.417   -7.618  1.00 35.35 ? 367 HOH A O   1 
HETATM 1700 O O   . HOH C 3 .   ? 8.004   22.815  0.144   1.00 50.24 ? 368 HOH A O   1 
HETATM 1701 O O   . HOH C 3 .   ? 19.761  -16.107 0.528   1.00 44.18 ? 369 HOH A O   1 
HETATM 1702 O O   . HOH C 3 .   ? -19.729 6.698   10.476  1.00 43.78 ? 370 HOH A O   1 
HETATM 1703 O O   . HOH C 3 .   ? 12.169  -6.343  -7.242  1.00 40.74 ? 371 HOH A O   1 
HETATM 1704 O O   . HOH C 3 .   ? 6.905   -9.840  -10.127 1.00 47.04 ? 372 HOH A O   1 
HETATM 1705 O O   . HOH C 3 .   ? -10.039 15.340  -9.206  1.00 39.85 ? 373 HOH A O   1 
HETATM 1706 O O   . HOH C 3 .   ? -5.123  20.319  -13.182 1.00 44.71 ? 374 HOH A O   1 
HETATM 1707 O O   . HOH C 3 .   ? 8.015   -31.856 -6.536  1.00 50.27 ? 375 HOH A O   1 
HETATM 1708 O O   . HOH C 3 .   ? 2.764   25.884  0.999   1.00 46.77 ? 376 HOH A O   1 
HETATM 1709 O O   . HOH C 3 .   ? 2.387   -29.261 -8.798  1.00 48.40 ? 377 HOH A O   1 
HETATM 1710 O O   . HOH C 3 .   ? -16.137 5.251   -6.007  1.00 49.22 ? 378 HOH A O   1 
HETATM 1711 O O   . HOH C 3 .   ? -3.928  -9.332  -1.809  1.00 19.99 ? 379 HOH A O   1 
HETATM 1712 O O   . HOH C 3 .   ? -4.295  -5.586  -0.973  1.00 23.67 ? 380 HOH A O   1 
HETATM 1713 O O   . HOH C 3 .   ? -3.627  -11.491 3.913   1.00 39.73 ? 381 HOH A O   1 
HETATM 1714 O O   . HOH C 3 .   ? 12.078  -15.641 9.910   1.00 54.97 ? 382 HOH A O   1 
HETATM 1715 O O   . HOH C 3 .   ? 0.201   -14.815 10.609  1.00 42.61 ? 383 HOH A O   1 
HETATM 1716 O O   . HOH C 3 .   ? -15.968 6.497   -1.507  1.00 45.76 ? 384 HOH A O   1 
HETATM 1717 O O   . HOH C 3 .   ? 6.410   -17.310 -13.421 1.00 44.14 ? 385 HOH A O   1 
HETATM 1718 O O   . HOH C 3 .   ? 4.497   -32.059 -8.042  1.00 40.41 ? 386 HOH A O   1 
HETATM 1719 O O   . HOH C 3 .   ? 12.929  -8.820  -9.419  1.00 40.72 ? 387 HOH A O   1 
HETATM 1720 O O   . HOH C 3 .   ? -11.447 13.240  -10.960 1.00 46.11 ? 388 HOH A O   1 
HETATM 1721 O O   . HOH C 3 .   ? -1.553  9.942   -15.435 0.50 43.64 ? 389 HOH A O   1 
HETATM 1722 O O   . HOH C 3 .   ? 7.231   -18.202 10.894  1.00 48.82 ? 390 HOH A O   1 
HETATM 1723 O O   . HOH C 3 .   ? -5.615  4.144   -12.420 1.00 42.23 ? 391 HOH A O   1 
HETATM 1724 O O   . HOH C 3 .   ? -18.061 4.027   7.745   1.00 47.12 ? 392 HOH A O   1 
HETATM 1725 O O   . HOH C 3 .   ? -20.159 3.251   2.920   1.00 55.47 ? 393 HOH A O   1 
HETATM 1726 O O   . HOH C 3 .   ? 16.684  -8.407  -7.621  0.50 54.21 ? 394 HOH A O   1 
HETATM 1727 O O   . HOH D 3 .   ? 1.914   9.335   -6.472  1.00 14.65 ? 14  HOH B O   1 
HETATM 1728 O O   . HOH D 3 .   ? -1.542  0.056   -4.915  1.00 15.85 ? 15  HOH B O   1 
HETATM 1729 O O   . HOH D 3 .   ? -3.656  0.327   -3.284  1.00 15.21 ? 16  HOH B O   1 
HETATM 1730 O O   . HOH D 3 .   ? 4.726   5.087   -11.469 1.00 31.94 ? 17  HOH B O   1 
HETATM 1731 O O   . HOH D 3 .   ? 1.682   4.130   4.435   1.00 21.51 ? 18  HOH B O   1 
HETATM 1732 O O   . HOH D 3 .   ? -1.380  2.809   -7.972  1.00 23.52 ? 19  HOH B O   1 
HETATM 1733 O O   . HOH D 3 .   ? -0.125  -1.531  -8.908  1.00 40.65 ? 20  HOH B O   1 
HETATM 1734 O O   . HOH D 3 .   ? -2.930  6.824   10.139  1.00 34.39 ? 21  HOH B O   1 
HETATM 1735 O O   . HOH D 3 .   ? -5.729  2.585   5.542   1.00 35.80 ? 22  HOH B O   1 
HETATM 1736 O O   . HOH D 3 .   ? -1.351  -3.292  -10.366 1.00 39.99 ? 23  HOH B O   1 
HETATM 1737 O O   . HOH D 3 .   ? -2.082  0.204   -7.502  1.00 24.84 ? 24  HOH B O   1 
HETATM 1738 O O   . HOH D 3 .   ? -3.468  4.668   -8.704  1.00 34.41 ? 25  HOH B O   1 
HETATM 1739 O O   . HOH D 3 .   ? 3.900   -4.449  -14.740 1.00 56.53 ? 26  HOH B O   1 
HETATM 1740 O O   . HOH D 3 .   ? 0.761   -4.539  -11.835 1.00 38.15 ? 27  HOH B O   1 
HETATM 1741 O O   . HOH D 3 .   ? -0.304  2.076   -10.948 1.00 42.24 ? 28  HOH B O   1 
# 
